data_1IDB
# 
_entry.id   1IDB 
# 
_audit_conform.dict_name       mmcif_pdbx.dic 
_audit_conform.dict_version    5.386 
_audit_conform.dict_location   http://mmcif.pdb.org/dictionaries/ascii/mmcif_pdbx.dic 
# 
loop_
_database_2.database_id 
_database_2.database_code 
_database_2.pdbx_database_accession 
_database_2.pdbx_DOI 
PDB   1IDB         pdb_00001idb 10.2210/pdb1idb/pdb 
WWPDB D_1000174107 ?            ?                   
# 
loop_
_pdbx_audit_revision_history.ordinal 
_pdbx_audit_revision_history.data_content_type 
_pdbx_audit_revision_history.major_revision 
_pdbx_audit_revision_history.minor_revision 
_pdbx_audit_revision_history.revision_date 
1 'Structure model' 1 0 1995-01-26 
2 'Structure model' 1 1 2008-05-22 
3 'Structure model' 1 2 2011-07-13 
4 'Structure model' 1 3 2012-12-12 
5 'Structure model' 1 4 2019-07-17 
6 'Structure model' 1 5 2019-08-14 
7 'Structure model' 1 6 2020-06-24 
8 'Structure model' 1 7 2024-02-07 
# 
_pdbx_audit_revision_details.ordinal             1 
_pdbx_audit_revision_details.revision_ordinal    1 
_pdbx_audit_revision_details.data_content_type   'Structure model' 
_pdbx_audit_revision_details.provider            repository 
_pdbx_audit_revision_details.type                'Initial release' 
_pdbx_audit_revision_details.description         ? 
_pdbx_audit_revision_details.details             ? 
# 
loop_
_pdbx_audit_revision_group.ordinal 
_pdbx_audit_revision_group.revision_ordinal 
_pdbx_audit_revision_group.data_content_type 
_pdbx_audit_revision_group.group 
1  2 'Structure model' 'Version format compliance' 
2  3 'Structure model' 'Atomic model'              
3  3 'Structure model' 'Database references'       
4  3 'Structure model' 'Derived calculations'      
5  3 'Structure model' 'Non-polymer description'   
6  3 'Structure model' 'Structure summary'         
7  3 'Structure model' 'Version format compliance' 
8  4 'Structure model' Other                       
9  5 'Structure model' 'Data collection'           
10 5 'Structure model' Other                       
11 5 'Structure model' 'Refinement description'    
12 6 'Structure model' 'Data collection'           
13 6 'Structure model' 'Refinement description'    
14 7 'Structure model' 'Database references'       
15 7 'Structure model' 'Source and taxonomy'       
16 7 'Structure model' 'Structure summary'         
17 8 'Structure model' 'Data collection'           
18 8 'Structure model' 'Database references'       
19 8 'Structure model' 'Derived calculations'      
# 
loop_
_pdbx_audit_revision_category.ordinal 
_pdbx_audit_revision_category.revision_ordinal 
_pdbx_audit_revision_category.data_content_type 
_pdbx_audit_revision_category.category 
1  5 'Structure model' pdbx_database_status 
2  5 'Structure model' software             
3  6 'Structure model' software             
4  7 'Structure model' entity               
5  7 'Structure model' entity_src_gen       
6  7 'Structure model' struct_ref           
7  7 'Structure model' struct_ref_seq       
8  8 'Structure model' chem_comp_atom       
9  8 'Structure model' chem_comp_bond       
10 8 'Structure model' database_2           
11 8 'Structure model' struct_site          
# 
loop_
_pdbx_audit_revision_item.ordinal 
_pdbx_audit_revision_item.revision_ordinal 
_pdbx_audit_revision_item.data_content_type 
_pdbx_audit_revision_item.item 
1  5 'Structure model' '_pdbx_database_status.process_site'  
2  5 'Structure model' '_software.classification'            
3  6 'Structure model' '_software.classification'            
4  7 'Structure model' '_entity.pdbx_description'            
5  7 'Structure model' '_entity_src_gen.pdbx_beg_seq_num'    
6  7 'Structure model' '_entity_src_gen.pdbx_end_seq_num'    
7  7 'Structure model' '_entity_src_gen.pdbx_gene_src_gene'  
8  7 'Structure model' '_entity_src_gen.pdbx_seq_type'       
9  8 'Structure model' '_database_2.pdbx_DOI'                
10 8 'Structure model' '_database_2.pdbx_database_accession' 
11 8 'Structure model' '_struct_site.pdbx_auth_asym_id'      
12 8 'Structure model' '_struct_site.pdbx_auth_comp_id'      
13 8 'Structure model' '_struct_site.pdbx_auth_seq_id'       
# 
_pdbx_database_status.status_code                     REL 
_pdbx_database_status.entry_id                        1IDB 
_pdbx_database_status.recvd_initial_deposition_date   1994-10-19 
_pdbx_database_status.deposit_site                    ? 
_pdbx_database_status.process_site                    BNL 
_pdbx_database_status.SG_entry                        . 
_pdbx_database_status.status_code_sf                  ? 
_pdbx_database_status.status_code_mr                  ? 
_pdbx_database_status.status_code_cs                  ? 
_pdbx_database_status.pdb_format_compatible           Y 
_pdbx_database_status.methods_development_category    ? 
_pdbx_database_status.status_code_nmr_data            ? 
# 
_pdbx_database_related.db_name        PDB 
_pdbx_database_related.db_id          1IDA 
_pdbx_database_related.details        . 
_pdbx_database_related.content_type   unspecified 
# 
loop_
_audit_author.name 
_audit_author.pdbx_ordinal 
'Tong, L.'       1 
'Anderson, P.C.' 2 
# 
loop_
_citation.id 
_citation.title 
_citation.journal_abbrev 
_citation.journal_volume 
_citation.page_first 
_citation.page_last 
_citation.year 
_citation.journal_id_ASTM 
_citation.country 
_citation.journal_id_ISSN 
_citation.journal_id_CSD 
_citation.book_publisher 
_citation.pdbx_database_id_PubMed 
_citation.pdbx_database_id_DOI 
primary 'Crystal structures of HIV-2 protease in complex with inhibitors containing the hydroxyethylamine dipeptide isostere.' 
Structure              3  33   40 1995 STRUE6 UK 0969-2126 2005 ? 7743130 '10.1016/S0969-2126(01)00133-2' 
1       
;Crystal Structure of Human Immunodeficiency Virus (HIV) Type 2 Protease in Complex with a Reduced Amide Inhibitor and Comparison with HIV-1 Protease Structures
;
Proc.Natl.Acad.Sci.USA 90 8387 ?  1993 PNASA6 US 0027-8424 0040 ? ?       ?                               
# 
loop_
_citation_author.citation_id 
_citation_author.name 
_citation_author.ordinal 
_citation_author.identifier_ORCID 
primary 'Tong, L.'       1  ? 
primary 'Pav, S.'        2  ? 
primary 'Mui, S.'        3  ? 
primary 'Lamarre, D.'    4  ? 
primary 'Yoakim, C.'     5  ? 
primary 'Beaulieu, P.'   6  ? 
primary 'Anderson, P.C.' 7  ? 
1       'Tong, L.'       8  ? 
1       'Pav, S.'        9  ? 
1       'Pargellis, C.'  10 ? 
1       'Do, F.'         11 ? 
1       'Lamarre, D.'    12 ? 
1       'Anderson, P.C.' 13 ? 
# 
loop_
_entity.id 
_entity.type 
_entity.src_method 
_entity.pdbx_description 
_entity.formula_weight 
_entity.pdbx_number_of_molecules 
_entity.pdbx_ec 
_entity.pdbx_mutation 
_entity.pdbx_fragment 
_entity.details 
1 polymer     man Protease 10728.337 2  ? ? ? ? 
2 non-polymer syn 
;(2R,4S)-N-tert-butyl-1-[(2S,3S)-3-{[(2,6-dimethylphenoxy)acetyl]amino}-2-hydroxy-4-phenylbutyl]-4-(pyridin-4-ylsulfonyl)piperidine-2-carboxamide
;
650.828   1  ? ? ? ? 
3 water       nat water 18.015    42 ? ? ? ? 
# 
_entity_poly.entity_id                      1 
_entity_poly.type                           'polypeptide(L)' 
_entity_poly.nstd_linkage                   no 
_entity_poly.nstd_monomer                   no 
_entity_poly.pdbx_seq_one_letter_code       
;PQFSLWKRPVVTAYIEGQPVEVLLDTGADDSIVAGIELGNNYSPKIVGGIGGFINTKEYKNVEIEVLNKKVRATIMTGDT
PINIFGRNILTALGMSLNL
;
_entity_poly.pdbx_seq_one_letter_code_can   
;PQFSLWKRPVVTAYIEGQPVEVLLDTGADDSIVAGIELGNNYSPKIVGGIGGFINTKEYKNVEIEVLNKKVRATIMTGDT
PINIFGRNILTALGMSLNL
;
_entity_poly.pdbx_strand_id                 A,B 
_entity_poly.pdbx_target_identifier         ? 
# 
loop_
_pdbx_entity_nonpoly.entity_id 
_pdbx_entity_nonpoly.name 
_pdbx_entity_nonpoly.comp_id 
2 
;(2R,4S)-N-tert-butyl-1-[(2S,3S)-3-{[(2,6-dimethylphenoxy)acetyl]amino}-2-hydroxy-4-phenylbutyl]-4-(pyridin-4-ylsulfonyl)piperidine-2-carboxamide
;
0DO 
3 water HOH 
# 
loop_
_entity_poly_seq.entity_id 
_entity_poly_seq.num 
_entity_poly_seq.mon_id 
_entity_poly_seq.hetero 
1 1  PRO n 
1 2  GLN n 
1 3  PHE n 
1 4  SER n 
1 5  LEU n 
1 6  TRP n 
1 7  LYS n 
1 8  ARG n 
1 9  PRO n 
1 10 VAL n 
1 11 VAL n 
1 12 THR n 
1 13 ALA n 
1 14 TYR n 
1 15 ILE n 
1 16 GLU n 
1 17 GLY n 
1 18 GLN n 
1 19 PRO n 
1 20 VAL n 
1 21 GLU n 
1 22 VAL n 
1 23 LEU n 
1 24 LEU n 
1 25 ASP n 
1 26 THR n 
1 27 GLY n 
1 28 ALA n 
1 29 ASP n 
1 30 ASP n 
1 31 SER n 
1 32 ILE n 
1 33 VAL n 
1 34 ALA n 
1 35 GLY n 
1 36 ILE n 
1 37 GLU n 
1 38 LEU n 
1 39 GLY n 
1 40 ASN n 
1 41 ASN n 
1 42 TYR n 
1 43 SER n 
1 44 PRO n 
1 45 LYS n 
1 46 ILE n 
1 47 VAL n 
1 48 GLY n 
1 49 GLY n 
1 50 ILE n 
1 51 GLY n 
1 52 GLY n 
1 53 PHE n 
1 54 ILE n 
1 55 ASN n 
1 56 THR n 
1 57 LYS n 
1 58 GLU n 
1 59 TYR n 
1 60 LYS n 
1 61 ASN n 
1 62 VAL n 
1 63 GLU n 
1 64 ILE n 
1 65 GLU n 
1 66 VAL n 
1 67 LEU n 
1 68 ASN n 
1 69 LYS n 
1 70 LYS n 
1 71 VAL n 
1 72 ARG n 
1 73 ALA n 
1 74 THR n 
1 75 ILE n 
1 76 MET n 
1 77 THR n 
1 78 GLY n 
1 79 ASP n 
1 80 THR n 
1 81 PRO n 
1 82 ILE n 
1 83 ASN n 
1 84 ILE n 
1 85 PHE n 
1 86 GLY n 
1 87 ARG n 
1 88 ASN n 
1 89 ILE n 
1 90 LEU n 
1 91 THR n 
1 92 ALA n 
1 93 LEU n 
1 94 GLY n 
1 95 MET n 
1 96 SER n 
1 97 LEU n 
1 98 ASN n 
1 99 LEU n 
# 
_entity_src_gen.entity_id                          1 
_entity_src_gen.pdbx_src_id                        1 
_entity_src_gen.pdbx_alt_source_flag               sample 
_entity_src_gen.pdbx_seq_type                      'Biological sequence' 
_entity_src_gen.pdbx_beg_seq_num                   1 
_entity_src_gen.pdbx_end_seq_num                   99 
_entity_src_gen.gene_src_common_name               ? 
_entity_src_gen.gene_src_genus                     Lentivirus 
_entity_src_gen.pdbx_gene_src_gene                 pol 
_entity_src_gen.gene_src_species                   ? 
_entity_src_gen.gene_src_strain                    ? 
_entity_src_gen.gene_src_tissue                    ? 
_entity_src_gen.gene_src_tissue_fraction           ? 
_entity_src_gen.gene_src_details                   ? 
_entity_src_gen.pdbx_gene_src_fragment             ? 
_entity_src_gen.pdbx_gene_src_scientific_name      'Human immunodeficiency virus 2' 
_entity_src_gen.pdbx_gene_src_ncbi_taxonomy_id     11709 
_entity_src_gen.pdbx_gene_src_variant              ? 
_entity_src_gen.pdbx_gene_src_cell_line            ? 
_entity_src_gen.pdbx_gene_src_atcc                 ? 
_entity_src_gen.pdbx_gene_src_organ                ? 
_entity_src_gen.pdbx_gene_src_organelle            ? 
_entity_src_gen.pdbx_gene_src_cell                 ? 
_entity_src_gen.pdbx_gene_src_cellular_location    ? 
_entity_src_gen.host_org_common_name               ? 
_entity_src_gen.pdbx_host_org_scientific_name      'Escherichia coli' 
_entity_src_gen.pdbx_host_org_ncbi_taxonomy_id     562 
_entity_src_gen.host_org_genus                     Escherichia 
_entity_src_gen.pdbx_host_org_gene                 ? 
_entity_src_gen.pdbx_host_org_organ                ? 
_entity_src_gen.host_org_species                   ? 
_entity_src_gen.pdbx_host_org_tissue               ? 
_entity_src_gen.pdbx_host_org_tissue_fraction      ? 
_entity_src_gen.pdbx_host_org_strain               ? 
_entity_src_gen.pdbx_host_org_variant              ? 
_entity_src_gen.pdbx_host_org_cell_line            ? 
_entity_src_gen.pdbx_host_org_atcc                 ? 
_entity_src_gen.pdbx_host_org_culture_collection   ? 
_entity_src_gen.pdbx_host_org_cell                 ? 
_entity_src_gen.pdbx_host_org_organelle            ? 
_entity_src_gen.pdbx_host_org_cellular_location    ? 
_entity_src_gen.pdbx_host_org_vector_type          ? 
_entity_src_gen.pdbx_host_org_vector               ? 
_entity_src_gen.host_org_details                   ? 
_entity_src_gen.expression_system_id               ? 
_entity_src_gen.plasmid_name                       ? 
_entity_src_gen.plasmid_details                    ? 
_entity_src_gen.pdbx_description                   ? 
# 
loop_
_chem_comp.id 
_chem_comp.type 
_chem_comp.mon_nstd_flag 
_chem_comp.name 
_chem_comp.pdbx_synonyms 
_chem_comp.formula 
_chem_comp.formula_weight 
0DO peptide-like        . 
;(2R,4S)-N-tert-butyl-1-[(2S,3S)-3-{[(2,6-dimethylphenoxy)acetyl]amino}-2-hydroxy-4-phenylbutyl]-4-(pyridin-4-ylsulfonyl)piperidine-2-carboxamide
;
? 'C35 H46 N4 O6 S' 650.828 
ALA 'L-peptide linking' y ALANINE ? 'C3 H7 N O2'      89.093  
ARG 'L-peptide linking' y ARGININE ? 'C6 H15 N4 O2 1'  175.209 
ASN 'L-peptide linking' y ASPARAGINE ? 'C4 H8 N2 O3'     132.118 
ASP 'L-peptide linking' y 'ASPARTIC ACID' ? 'C4 H7 N O4'      133.103 
GLN 'L-peptide linking' y GLUTAMINE ? 'C5 H10 N2 O3'    146.144 
GLU 'L-peptide linking' y 'GLUTAMIC ACID' ? 'C5 H9 N O4'      147.129 
GLY 'peptide linking'   y GLYCINE ? 'C2 H5 N O2'      75.067  
HOH non-polymer         . WATER ? 'H2 O'            18.015  
ILE 'L-peptide linking' y ISOLEUCINE ? 'C6 H13 N O2'     131.173 
LEU 'L-peptide linking' y LEUCINE ? 'C6 H13 N O2'     131.173 
LYS 'L-peptide linking' y LYSINE ? 'C6 H15 N2 O2 1'  147.195 
MET 'L-peptide linking' y METHIONINE ? 'C5 H11 N O2 S'   149.211 
PHE 'L-peptide linking' y PHENYLALANINE ? 'C9 H11 N O2'     165.189 
PRO 'L-peptide linking' y PROLINE ? 'C5 H9 N O2'      115.130 
SER 'L-peptide linking' y SERINE ? 'C3 H7 N O3'      105.093 
THR 'L-peptide linking' y THREONINE ? 'C4 H9 N O3'      119.119 
TRP 'L-peptide linking' y TRYPTOPHAN ? 'C11 H12 N2 O2'   204.225 
TYR 'L-peptide linking' y TYROSINE ? 'C9 H11 N O3'     181.189 
VAL 'L-peptide linking' y VALINE ? 'C5 H11 N O2'     117.146 
# 
loop_
_pdbx_poly_seq_scheme.asym_id 
_pdbx_poly_seq_scheme.entity_id 
_pdbx_poly_seq_scheme.seq_id 
_pdbx_poly_seq_scheme.mon_id 
_pdbx_poly_seq_scheme.ndb_seq_num 
_pdbx_poly_seq_scheme.pdb_seq_num 
_pdbx_poly_seq_scheme.auth_seq_num 
_pdbx_poly_seq_scheme.pdb_mon_id 
_pdbx_poly_seq_scheme.auth_mon_id 
_pdbx_poly_seq_scheme.pdb_strand_id 
_pdbx_poly_seq_scheme.pdb_ins_code 
_pdbx_poly_seq_scheme.hetero 
A 1 1  PRO 1  1  1  PRO PRO A . n 
A 1 2  GLN 2  2  2  GLN GLN A . n 
A 1 3  PHE 3  3  3  PHE PHE A . n 
A 1 4  SER 4  4  4  SER SER A . n 
A 1 5  LEU 5  5  5  LEU LEU A . n 
A 1 6  TRP 6  6  6  TRP TRP A . n 
A 1 7  LYS 7  7  7  LYS LYS A . n 
A 1 8  ARG 8  8  8  ARG ARG A . n 
A 1 9  PRO 9  9  9  PRO PRO A . n 
A 1 10 VAL 10 10 10 VAL VAL A . n 
A 1 11 VAL 11 11 11 VAL VAL A . n 
A 1 12 THR 12 12 12 THR THR A . n 
A 1 13 ALA 13 13 13 ALA ALA A . n 
A 1 14 TYR 14 14 14 TYR TYR A . n 
A 1 15 ILE 15 15 15 ILE ILE A . n 
A 1 16 GLU 16 16 16 GLU GLU A . n 
A 1 17 GLY 17 17 17 GLY GLY A . n 
A 1 18 GLN 18 18 18 GLN GLN A . n 
A 1 19 PRO 19 19 19 PRO PRO A . n 
A 1 20 VAL 20 20 20 VAL VAL A . n 
A 1 21 GLU 21 21 21 GLU GLU A . n 
A 1 22 VAL 22 22 22 VAL VAL A . n 
A 1 23 LEU 23 23 23 LEU LEU A . n 
A 1 24 LEU 24 24 24 LEU LEU A . n 
A 1 25 ASP 25 25 25 ASP ASP A . n 
A 1 26 THR 26 26 26 THR THR A . n 
A 1 27 GLY 27 27 27 GLY GLY A . n 
A 1 28 ALA 28 28 28 ALA ALA A . n 
A 1 29 ASP 29 29 29 ASP ASP A . n 
A 1 30 ASP 30 30 30 ASP ASP A . n 
A 1 31 SER 31 31 31 SER SER A . n 
A 1 32 ILE 32 32 32 ILE ILE A . n 
A 1 33 VAL 33 33 33 VAL VAL A . n 
A 1 34 ALA 34 34 34 ALA ALA A . n 
A 1 35 GLY 35 35 35 GLY GLY A . n 
A 1 36 ILE 36 36 36 ILE ILE A . n 
A 1 37 GLU 37 37 37 GLU GLU A . n 
A 1 38 LEU 38 38 38 LEU LEU A . n 
A 1 39 GLY 39 39 39 GLY GLY A . n 
A 1 40 ASN 40 40 40 ASN ASN A . n 
A 1 41 ASN 41 41 41 ASN ASN A . n 
A 1 42 TYR 42 42 42 TYR TYR A . n 
A 1 43 SER 43 43 43 SER SER A . n 
A 1 44 PRO 44 44 44 PRO PRO A . n 
A 1 45 LYS 45 45 45 LYS LYS A . n 
A 1 46 ILE 46 46 46 ILE ILE A . n 
A 1 47 VAL 47 47 47 VAL VAL A . n 
A 1 48 GLY 48 48 48 GLY GLY A . n 
A 1 49 GLY 49 49 49 GLY GLY A . n 
A 1 50 ILE 50 50 50 ILE ILE A . n 
A 1 51 GLY 51 51 51 GLY GLY A . n 
A 1 52 GLY 52 52 52 GLY GLY A . n 
A 1 53 PHE 53 53 53 PHE PHE A . n 
A 1 54 ILE 54 54 54 ILE ILE A . n 
A 1 55 ASN 55 55 55 ASN ASN A . n 
A 1 56 THR 56 56 56 THR THR A . n 
A 1 57 LYS 57 57 57 LYS LYS A . n 
A 1 58 GLU 58 58 58 GLU GLU A . n 
A 1 59 TYR 59 59 59 TYR TYR A . n 
A 1 60 LYS 60 60 60 LYS LYS A . n 
A 1 61 ASN 61 61 61 ASN ASN A . n 
A 1 62 VAL 62 62 62 VAL VAL A . n 
A 1 63 GLU 63 63 63 GLU GLU A . n 
A 1 64 ILE 64 64 64 ILE ILE A . n 
A 1 65 GLU 65 65 65 GLU GLU A . n 
A 1 66 VAL 66 66 66 VAL VAL A . n 
A 1 67 LEU 67 67 67 LEU LEU A . n 
A 1 68 ASN 68 68 68 ASN ASN A . n 
A 1 69 LYS 69 69 69 LYS LYS A . n 
A 1 70 LYS 70 70 70 LYS LYS A . n 
A 1 71 VAL 71 71 71 VAL VAL A . n 
A 1 72 ARG 72 72 72 ARG ARG A . n 
A 1 73 ALA 73 73 73 ALA ALA A . n 
A 1 74 THR 74 74 74 THR THR A . n 
A 1 75 ILE 75 75 75 ILE ILE A . n 
A 1 76 MET 76 76 76 MET MET A . n 
A 1 77 THR 77 77 77 THR THR A . n 
A 1 78 GLY 78 78 78 GLY GLY A . n 
A 1 79 ASP 79 79 79 ASP ASP A . n 
A 1 80 THR 80 80 80 THR THR A . n 
A 1 81 PRO 81 81 81 PRO PRO A . n 
A 1 82 ILE 82 82 82 ILE ILE A . n 
A 1 83 ASN 83 83 83 ASN ASN A . n 
A 1 84 ILE 84 84 84 ILE ILE A . n 
A 1 85 PHE 85 85 85 PHE PHE A . n 
A 1 86 GLY 86 86 86 GLY GLY A . n 
A 1 87 ARG 87 87 87 ARG ARG A . n 
A 1 88 ASN 88 88 88 ASN ASN A . n 
A 1 89 ILE 89 89 89 ILE ILE A . n 
A 1 90 LEU 90 90 90 LEU LEU A . n 
A 1 91 THR 91 91 91 THR THR A . n 
A 1 92 ALA 92 92 92 ALA ALA A . n 
A 1 93 LEU 93 93 93 LEU LEU A . n 
A 1 94 GLY 94 94 94 GLY GLY A . n 
A 1 95 MET 95 95 95 MET MET A . n 
A 1 96 SER 96 96 96 SER SER A . n 
A 1 97 LEU 97 97 97 LEU LEU A . n 
A 1 98 ASN 98 98 98 ASN ASN A . n 
A 1 99 LEU 99 99 99 LEU LEU A . n 
B 1 1  PRO 1  1  1  PRO PRO B . n 
B 1 2  GLN 2  2  2  GLN GLN B . n 
B 1 3  PHE 3  3  3  PHE PHE B . n 
B 1 4  SER 4  4  4  SER SER B . n 
B 1 5  LEU 5  5  5  LEU LEU B . n 
B 1 6  TRP 6  6  6  TRP TRP B . n 
B 1 7  LYS 7  7  7  LYS LYS B . n 
B 1 8  ARG 8  8  8  ARG ARG B . n 
B 1 9  PRO 9  9  9  PRO PRO B . n 
B 1 10 VAL 10 10 10 VAL VAL B . n 
B 1 11 VAL 11 11 11 VAL VAL B . n 
B 1 12 THR 12 12 12 THR THR B . n 
B 1 13 ALA 13 13 13 ALA ALA B . n 
B 1 14 TYR 14 14 14 TYR TYR B . n 
B 1 15 ILE 15 15 15 ILE ILE B . n 
B 1 16 GLU 16 16 16 GLU GLU B . n 
B 1 17 GLY 17 17 17 GLY GLY B . n 
B 1 18 GLN 18 18 18 GLN GLN B . n 
B 1 19 PRO 19 19 19 PRO PRO B . n 
B 1 20 VAL 20 20 20 VAL VAL B . n 
B 1 21 GLU 21 21 21 GLU GLU B . n 
B 1 22 VAL 22 22 22 VAL VAL B . n 
B 1 23 LEU 23 23 23 LEU LEU B . n 
B 1 24 LEU 24 24 24 LEU LEU B . n 
B 1 25 ASP 25 25 25 ASP ASP B . n 
B 1 26 THR 26 26 26 THR THR B . n 
B 1 27 GLY 27 27 27 GLY GLY B . n 
B 1 28 ALA 28 28 28 ALA ALA B . n 
B 1 29 ASP 29 29 29 ASP ASP B . n 
B 1 30 ASP 30 30 30 ASP ASP B . n 
B 1 31 SER 31 31 31 SER SER B . n 
B 1 32 ILE 32 32 32 ILE ILE B . n 
B 1 33 VAL 33 33 33 VAL VAL B . n 
B 1 34 ALA 34 34 34 ALA ALA B . n 
B 1 35 GLY 35 35 35 GLY GLY B . n 
B 1 36 ILE 36 36 36 ILE ILE B . n 
B 1 37 GLU 37 37 37 GLU GLU B . n 
B 1 38 LEU 38 38 38 LEU LEU B . n 
B 1 39 GLY 39 39 39 GLY GLY B . n 
B 1 40 ASN 40 40 40 ASN ASN B . n 
B 1 41 ASN 41 41 41 ASN ASN B . n 
B 1 42 TYR 42 42 42 TYR TYR B . n 
B 1 43 SER 43 43 43 SER SER B . n 
B 1 44 PRO 44 44 44 PRO PRO B . n 
B 1 45 LYS 45 45 45 LYS LYS B . n 
B 1 46 ILE 46 46 46 ILE ILE B . n 
B 1 47 VAL 47 47 47 VAL VAL B . n 
B 1 48 GLY 48 48 48 GLY GLY B . n 
B 1 49 GLY 49 49 49 GLY GLY B . n 
B 1 50 ILE 50 50 50 ILE ILE B . n 
B 1 51 GLY 51 51 51 GLY GLY B . n 
B 1 52 GLY 52 52 52 GLY GLY B . n 
B 1 53 PHE 53 53 53 PHE PHE B . n 
B 1 54 ILE 54 54 54 ILE ILE B . n 
B 1 55 ASN 55 55 55 ASN ASN B . n 
B 1 56 THR 56 56 56 THR THR B . n 
B 1 57 LYS 57 57 57 LYS LYS B . n 
B 1 58 GLU 58 58 58 GLU GLU B . n 
B 1 59 TYR 59 59 59 TYR TYR B . n 
B 1 60 LYS 60 60 60 LYS LYS B . n 
B 1 61 ASN 61 61 61 ASN ASN B . n 
B 1 62 VAL 62 62 62 VAL VAL B . n 
B 1 63 GLU 63 63 63 GLU GLU B . n 
B 1 64 ILE 64 64 64 ILE ILE B . n 
B 1 65 GLU 65 65 65 GLU GLU B . n 
B 1 66 VAL 66 66 66 VAL VAL B . n 
B 1 67 LEU 67 67 67 LEU LEU B . n 
B 1 68 ASN 68 68 68 ASN ASN B . n 
B 1 69 LYS 69 69 69 LYS LYS B . n 
B 1 70 LYS 70 70 70 LYS LYS B . n 
B 1 71 VAL 71 71 71 VAL VAL B . n 
B 1 72 ARG 72 72 72 ARG ARG B . n 
B 1 73 ALA 73 73 73 ALA ALA B . n 
B 1 74 THR 74 74 74 THR THR B . n 
B 1 75 ILE 75 75 75 ILE ILE B . n 
B 1 76 MET 76 76 76 MET MET B . n 
B 1 77 THR 77 77 77 THR THR B . n 
B 1 78 GLY 78 78 78 GLY GLY B . n 
B 1 79 ASP 79 79 79 ASP ASP B . n 
B 1 80 THR 80 80 80 THR THR B . n 
B 1 81 PRO 81 81 81 PRO PRO B . n 
B 1 82 ILE 82 82 82 ILE ILE B . n 
B 1 83 ASN 83 83 83 ASN ASN B . n 
B 1 84 ILE 84 84 84 ILE ILE B . n 
B 1 85 PHE 85 85 85 PHE PHE B . n 
B 1 86 GLY 86 86 86 GLY GLY B . n 
B 1 87 ARG 87 87 87 ARG ARG B . n 
B 1 88 ASN 88 88 88 ASN ASN B . n 
B 1 89 ILE 89 89 89 ILE ILE B . n 
B 1 90 LEU 90 90 90 LEU LEU B . n 
B 1 91 THR 91 91 91 THR THR B . n 
B 1 92 ALA 92 92 92 ALA ALA B . n 
B 1 93 LEU 93 93 93 LEU LEU B . n 
B 1 94 GLY 94 94 94 GLY GLY B . n 
B 1 95 MET 95 95 95 MET MET B . n 
B 1 96 SER 96 96 96 SER SER B . n 
B 1 97 LEU 97 97 97 LEU LEU B . n 
B 1 98 ASN 98 98 98 ASN ASN B . n 
B 1 99 LEU 99 99 99 LEU LEU B . n 
# 
loop_
_pdbx_nonpoly_scheme.asym_id 
_pdbx_nonpoly_scheme.entity_id 
_pdbx_nonpoly_scheme.mon_id 
_pdbx_nonpoly_scheme.ndb_seq_num 
_pdbx_nonpoly_scheme.pdb_seq_num 
_pdbx_nonpoly_scheme.auth_seq_num 
_pdbx_nonpoly_scheme.pdb_mon_id 
_pdbx_nonpoly_scheme.auth_mon_id 
_pdbx_nonpoly_scheme.pdb_strand_id 
_pdbx_nonpoly_scheme.pdb_ins_code 
C 2 0DO 1  100 1   0DO DBA B . 
D 3 HOH 1  301 301 HOH HOH A . 
D 3 HOH 2  302 302 HOH HOH A . 
D 3 HOH 3  305 305 HOH HOH A . 
D 3 HOH 4  307 307 HOH HOH A . 
D 3 HOH 5  309 309 HOH HOH A . 
D 3 HOH 6  311 311 HOH HOH A . 
D 3 HOH 7  312 312 HOH HOH A . 
D 3 HOH 8  317 317 HOH HOH A . 
D 3 HOH 9  319 319 HOH HOH A . 
D 3 HOH 10 323 323 HOH HOH A . 
D 3 HOH 11 325 325 HOH HOH A . 
D 3 HOH 12 326 326 HOH HOH A . 
D 3 HOH 13 328 328 HOH HOH A . 
D 3 HOH 14 332 332 HOH HOH A . 
D 3 HOH 15 335 335 HOH HOH A . 
E 3 HOH 1  303 303 HOH HOH B . 
E 3 HOH 2  304 304 HOH HOH B . 
E 3 HOH 3  306 306 HOH HOH B . 
E 3 HOH 4  308 308 HOH HOH B . 
E 3 HOH 5  310 310 HOH HOH B . 
E 3 HOH 6  313 313 HOH HOH B . 
E 3 HOH 7  314 314 HOH HOH B . 
E 3 HOH 8  315 315 HOH HOH B . 
E 3 HOH 9  316 316 HOH HOH B . 
E 3 HOH 10 318 318 HOH HOH B . 
E 3 HOH 11 320 320 HOH HOH B . 
E 3 HOH 12 321 321 HOH HOH B . 
E 3 HOH 13 322 322 HOH HOH B . 
E 3 HOH 14 324 324 HOH HOH B . 
E 3 HOH 15 327 327 HOH HOH B . 
E 3 HOH 16 329 329 HOH HOH B . 
E 3 HOH 17 330 330 HOH HOH B . 
E 3 HOH 18 331 331 HOH HOH B . 
E 3 HOH 19 333 333 HOH HOH B . 
E 3 HOH 20 334 334 HOH HOH B . 
E 3 HOH 21 336 336 HOH HOH B . 
E 3 HOH 22 337 337 HOH HOH B . 
E 3 HOH 23 338 338 HOH HOH B . 
E 3 HOH 24 340 340 HOH HOH B . 
E 3 HOH 25 341 341 HOH HOH B . 
E 3 HOH 26 343 343 HOH HOH B . 
E 3 HOH 27 344 344 HOH HOH B . 
# 
loop_
_software.name 
_software.classification 
_software.version 
_software.citation_id 
_software.pdbx_ordinal 
X-PLOR 'model building' . ? 1 
TNT    refinement       . ? 2 
X-PLOR refinement       . ? 3 
X-PLOR phasing          . ? 4 
# 
_cell.entry_id           1IDB 
_cell.length_a           62.600 
_cell.length_b           62.600 
_cell.length_c           115.800 
_cell.angle_alpha        90.00 
_cell.angle_beta         90.00 
_cell.angle_gamma        90.00 
_cell.Z_PDB              16 
_cell.pdbx_unique_axis   ? 
_cell.length_a_esd       ? 
_cell.length_b_esd       ? 
_cell.length_c_esd       ? 
_cell.angle_alpha_esd    ? 
_cell.angle_beta_esd     ? 
_cell.angle_gamma_esd    ? 
# 
_symmetry.entry_id                         1IDB 
_symmetry.space_group_name_H-M             'P 43 21 2' 
_symmetry.pdbx_full_space_group_name_H-M   ? 
_symmetry.cell_setting                     ? 
_symmetry.Int_Tables_number                96 
_symmetry.space_group_name_Hall            ? 
# 
_exptl.entry_id          1IDB 
_exptl.method            'X-RAY DIFFRACTION' 
_exptl.crystals_number   ? 
# 
_exptl_crystal.id                    1 
_exptl_crystal.density_meas          ? 
_exptl_crystal.density_Matthews      2.64 
_exptl_crystal.density_percent_sol   53.45 
_exptl_crystal.description           ? 
_exptl_crystal.F_000                 ? 
_exptl_crystal.preparation           ? 
# 
_diffrn.id                     1 
_diffrn.ambient_temp           ? 
_diffrn.ambient_temp_details   ? 
_diffrn.crystal_id             1 
# 
_diffrn_radiation.diffrn_id                        1 
_diffrn_radiation.wavelength_id                    1 
_diffrn_radiation.pdbx_monochromatic_or_laue_m_l   ? 
_diffrn_radiation.monochromator                    ? 
_diffrn_radiation.pdbx_diffrn_protocol             ? 
_diffrn_radiation.pdbx_scattering_type             x-ray 
# 
_diffrn_radiation_wavelength.id           1 
_diffrn_radiation_wavelength.wavelength   . 
_diffrn_radiation_wavelength.wt           1.0 
# 
_refine.entry_id                                 1IDB 
_refine.ls_number_reflns_obs                     10200 
_refine.ls_number_reflns_all                     ? 
_refine.pdbx_ls_sigma_I                          ? 
_refine.pdbx_ls_sigma_F                          2.0 
_refine.pdbx_data_cutoff_high_absF               ? 
_refine.pdbx_data_cutoff_low_absF                ? 
_refine.pdbx_data_cutoff_high_rms_absF           ? 
_refine.ls_d_res_low                             6.0 
_refine.ls_d_res_high                            2.2 
_refine.ls_percent_reflns_obs                    ? 
_refine.ls_R_factor_obs                          0.18 
_refine.ls_R_factor_all                          ? 
_refine.ls_R_factor_R_work                       0.18 
_refine.ls_R_factor_R_free                       ? 
_refine.ls_R_factor_R_free_error                 ? 
_refine.ls_R_factor_R_free_error_details         ? 
_refine.ls_percent_reflns_R_free                 ? 
_refine.ls_number_reflns_R_free                  ? 
_refine.ls_number_parameters                     ? 
_refine.ls_number_restraints                     ? 
_refine.occupancy_min                            ? 
_refine.occupancy_max                            ? 
_refine.B_iso_mean                               ? 
_refine.aniso_B[1][1]                            ? 
_refine.aniso_B[2][2]                            ? 
_refine.aniso_B[3][3]                            ? 
_refine.aniso_B[1][2]                            ? 
_refine.aniso_B[1][3]                            ? 
_refine.aniso_B[2][3]                            ? 
_refine.solvent_model_details                    ? 
_refine.solvent_model_param_ksol                 ? 
_refine.solvent_model_param_bsol                 ? 
_refine.pdbx_ls_cross_valid_method               ? 
_refine.details                                  ? 
_refine.pdbx_starting_model                      ? 
_refine.pdbx_method_to_determine_struct          ? 
_refine.pdbx_isotropic_thermal_model             ? 
_refine.pdbx_stereochemistry_target_values       ? 
_refine.pdbx_stereochem_target_val_spec_case     ? 
_refine.pdbx_R_Free_selection_details            ? 
_refine.pdbx_overall_ESU_R_Free                  ? 
_refine.overall_SU_ML                            ? 
_refine.overall_SU_B                             ? 
_refine.pdbx_refine_id                           'X-RAY DIFFRACTION' 
_refine.ls_redundancy_reflns_obs                 ? 
_refine.pdbx_overall_phase_error                 ? 
_refine.B_iso_min                                ? 
_refine.B_iso_max                                ? 
_refine.correlation_coeff_Fo_to_Fc               ? 
_refine.correlation_coeff_Fo_to_Fc_free          ? 
_refine.pdbx_solvent_vdw_probe_radii             ? 
_refine.pdbx_solvent_ion_probe_radii             ? 
_refine.pdbx_solvent_shrinkage_radii             ? 
_refine.overall_SU_R_Cruickshank_DPI             ? 
_refine.overall_SU_R_free                        ? 
_refine.ls_wR_factor_R_free                      ? 
_refine.ls_wR_factor_R_work                      ? 
_refine.overall_FOM_free_R_set                   ? 
_refine.overall_FOM_work_R_set                   ? 
_refine.pdbx_overall_ESU_R                       ? 
_refine.pdbx_diffrn_id                           1 
_refine.pdbx_TLS_residual_ADP_flag               ? 
_refine.pdbx_overall_SU_R_free_Cruickshank_DPI   ? 
_refine.pdbx_overall_SU_R_Blow_DPI               ? 
_refine.pdbx_overall_SU_R_free_Blow_DPI          ? 
# 
_refine_hist.pdbx_refine_id                   'X-RAY DIFFRACTION' 
_refine_hist.cycle_id                         LAST 
_refine_hist.pdbx_number_atoms_protein        1510 
_refine_hist.pdbx_number_atoms_nucleic_acid   0 
_refine_hist.pdbx_number_atoms_ligand         46 
_refine_hist.number_atoms_solvent             42 
_refine_hist.number_atoms_total               1598 
_refine_hist.d_res_high                       2.2 
_refine_hist.d_res_low                        6.0 
# 
loop_
_refine_ls_restr.type 
_refine_ls_restr.dev_ideal 
_refine_ls_restr.dev_ideal_target 
_refine_ls_restr.weight 
_refine_ls_restr.number 
_refine_ls_restr.pdbx_refine_id 
_refine_ls_restr.pdbx_restraint_function 
x_bond_d                0.017 ? ? ? 'X-RAY DIFFRACTION' ? 
x_bond_d_na             ?     ? ? ? 'X-RAY DIFFRACTION' ? 
x_bond_d_prot           ?     ? ? ? 'X-RAY DIFFRACTION' ? 
x_angle_d               ?     ? ? ? 'X-RAY DIFFRACTION' ? 
x_angle_d_na            ?     ? ? ? 'X-RAY DIFFRACTION' ? 
x_angle_d_prot          ?     ? ? ? 'X-RAY DIFFRACTION' ? 
x_angle_deg             2.6   ? ? ? 'X-RAY DIFFRACTION' ? 
x_angle_deg_na          ?     ? ? ? 'X-RAY DIFFRACTION' ? 
x_angle_deg_prot        ?     ? ? ? 'X-RAY DIFFRACTION' ? 
x_dihedral_angle_d      ?     ? ? ? 'X-RAY DIFFRACTION' ? 
x_dihedral_angle_d_na   ?     ? ? ? 'X-RAY DIFFRACTION' ? 
x_dihedral_angle_d_prot ?     ? ? ? 'X-RAY DIFFRACTION' ? 
x_improper_angle_d      ?     ? ? ? 'X-RAY DIFFRACTION' ? 
x_improper_angle_d_na   ?     ? ? ? 'X-RAY DIFFRACTION' ? 
x_improper_angle_d_prot ?     ? ? ? 'X-RAY DIFFRACTION' ? 
x_mcbond_it             ?     ? ? ? 'X-RAY DIFFRACTION' ? 
x_mcangle_it            ?     ? ? ? 'X-RAY DIFFRACTION' ? 
x_scbond_it             ?     ? ? ? 'X-RAY DIFFRACTION' ? 
x_scangle_it            ?     ? ? ? 'X-RAY DIFFRACTION' ? 
# 
_struct.entry_id                  1IDB 
_struct.title                     
'Crystal structures of HIV-2 protease in complex with inhibitors containing the hydroxyethylamine dipeptide isostere' 
_struct.pdbx_model_details        ? 
_struct.pdbx_CASP_flag            ? 
_struct.pdbx_model_type_details   ? 
# 
_struct_keywords.entry_id        1IDB 
_struct_keywords.pdbx_keywords   'HYDROLASE/HYDROLASE INHIBITOR' 
_struct_keywords.text            'HYDROLASE-HYDROLASE INHIBITOR COMPLEX' 
# 
loop_
_struct_asym.id 
_struct_asym.pdbx_blank_PDB_chainid_flag 
_struct_asym.pdbx_modified 
_struct_asym.entity_id 
_struct_asym.details 
A N N 1 ? 
B N N 1 ? 
C N N 2 ? 
D N N 3 ? 
E N N 3 ? 
# 
_struct_ref.id                         1 
_struct_ref.db_name                    UNP 
_struct_ref.db_code                    Q9W9R3_9HIV2 
_struct_ref.pdbx_db_accession          Q9W9R3 
_struct_ref.pdbx_db_isoform            ? 
_struct_ref.entity_id                  1 
_struct_ref.pdbx_seq_one_letter_code   
;PQFSLWKRPVVTAYIEGQPVEVLLDTGADDSIVAGIELGNNYSPKIVGGIGGFINTKEYKNVEIEVLNKKVRATIMTGDT
PINIFGRNILTALGMSLNL
;
_struct_ref.pdbx_align_begin           1 
# 
loop_
_struct_ref_seq.align_id 
_struct_ref_seq.ref_id 
_struct_ref_seq.pdbx_PDB_id_code 
_struct_ref_seq.pdbx_strand_id 
_struct_ref_seq.seq_align_beg 
_struct_ref_seq.pdbx_seq_align_beg_ins_code 
_struct_ref_seq.seq_align_end 
_struct_ref_seq.pdbx_seq_align_end_ins_code 
_struct_ref_seq.pdbx_db_accession 
_struct_ref_seq.db_align_beg 
_struct_ref_seq.pdbx_db_align_beg_ins_code 
_struct_ref_seq.db_align_end 
_struct_ref_seq.pdbx_db_align_end_ins_code 
_struct_ref_seq.pdbx_auth_seq_align_beg 
_struct_ref_seq.pdbx_auth_seq_align_end 
1 1 1IDB A 1 ? 99 ? Q9W9R3 1 ? 99 ? 1 99 
2 1 1IDB B 1 ? 99 ? Q9W9R3 1 ? 99 ? 1 99 
# 
_pdbx_struct_assembly.id                   1 
_pdbx_struct_assembly.details              author_and_software_defined_assembly 
_pdbx_struct_assembly.method_details       PISA 
_pdbx_struct_assembly.oligomeric_details   dimeric 
_pdbx_struct_assembly.oligomeric_count     2 
# 
loop_
_pdbx_struct_assembly_prop.biol_id 
_pdbx_struct_assembly_prop.type 
_pdbx_struct_assembly_prop.value 
_pdbx_struct_assembly_prop.details 
1 'ABSA (A^2)' 5350 ? 
1 MORE         -5   ? 
1 'SSA (A^2)'  9200 ? 
# 
_pdbx_struct_assembly_gen.assembly_id       1 
_pdbx_struct_assembly_gen.oper_expression   1 
_pdbx_struct_assembly_gen.asym_id_list      A,B,C,D,E 
# 
_pdbx_struct_oper_list.id                   1 
_pdbx_struct_oper_list.type                 'identity operation' 
_pdbx_struct_oper_list.name                 1_555 
_pdbx_struct_oper_list.symmetry_operation   x,y,z 
_pdbx_struct_oper_list.matrix[1][1]         1.0000000000 
_pdbx_struct_oper_list.matrix[1][2]         0.0000000000 
_pdbx_struct_oper_list.matrix[1][3]         0.0000000000 
_pdbx_struct_oper_list.vector[1]            0.0000000000 
_pdbx_struct_oper_list.matrix[2][1]         0.0000000000 
_pdbx_struct_oper_list.matrix[2][2]         1.0000000000 
_pdbx_struct_oper_list.matrix[2][3]         0.0000000000 
_pdbx_struct_oper_list.vector[2]            0.0000000000 
_pdbx_struct_oper_list.matrix[3][1]         0.0000000000 
_pdbx_struct_oper_list.matrix[3][2]         0.0000000000 
_pdbx_struct_oper_list.matrix[3][3]         1.0000000000 
_pdbx_struct_oper_list.vector[3]            0.0000000000 
# 
_struct_biol.id        1 
_struct_biol.details   ? 
# 
loop_
_struct_conf.conf_type_id 
_struct_conf.id 
_struct_conf.pdbx_PDB_helix_id 
_struct_conf.beg_label_comp_id 
_struct_conf.beg_label_asym_id 
_struct_conf.beg_label_seq_id 
_struct_conf.pdbx_beg_PDB_ins_code 
_struct_conf.end_label_comp_id 
_struct_conf.end_label_asym_id 
_struct_conf.end_label_seq_id 
_struct_conf.pdbx_end_PDB_ins_code 
_struct_conf.beg_auth_comp_id 
_struct_conf.beg_auth_asym_id 
_struct_conf.beg_auth_seq_id 
_struct_conf.end_auth_comp_id 
_struct_conf.end_auth_asym_id 
_struct_conf.end_auth_seq_id 
_struct_conf.pdbx_PDB_helix_class 
_struct_conf.details 
_struct_conf.pdbx_PDB_helix_length 
HELX_P HELX_P1 1 GLY A 86 ? GLY A 94 ? GLY A 86 GLY A 94 1 ? 9 
HELX_P HELX_P2 2 GLY B 86 ? GLY B 94 ? GLY B 86 GLY B 94 1 ? 9 
# 
_struct_conf_type.id          HELX_P 
_struct_conf_type.criteria    ? 
_struct_conf_type.reference   ? 
# 
_struct_sheet.id               A 
_struct_sheet.type             ? 
_struct_sheet.number_strands   4 
_struct_sheet.details          ? 
# 
loop_
_struct_sheet_order.sheet_id 
_struct_sheet_order.range_id_1 
_struct_sheet_order.range_id_2 
_struct_sheet_order.offset 
_struct_sheet_order.sense 
A 1 2 ? anti-parallel 
A 2 3 ? anti-parallel 
A 3 4 ? anti-parallel 
# 
loop_
_struct_sheet_range.sheet_id 
_struct_sheet_range.id 
_struct_sheet_range.beg_label_comp_id 
_struct_sheet_range.beg_label_asym_id 
_struct_sheet_range.beg_label_seq_id 
_struct_sheet_range.pdbx_beg_PDB_ins_code 
_struct_sheet_range.end_label_comp_id 
_struct_sheet_range.end_label_asym_id 
_struct_sheet_range.end_label_seq_id 
_struct_sheet_range.pdbx_end_PDB_ins_code 
_struct_sheet_range.beg_auth_comp_id 
_struct_sheet_range.beg_auth_asym_id 
_struct_sheet_range.beg_auth_seq_id 
_struct_sheet_range.end_auth_comp_id 
_struct_sheet_range.end_auth_asym_id 
_struct_sheet_range.end_auth_seq_id 
A 1 GLN A 2  ? SER A 4  ? GLN A 2  SER A 4  
A 2 SER B 96 ? ASN B 98 ? SER B 96 ASN B 98 
A 3 SER A 96 ? ASN A 98 ? SER A 96 ASN A 98 
A 4 GLN B 2  ? PHE B 3  ? GLN B 2  PHE B 3  
# 
loop_
_pdbx_struct_sheet_hbond.sheet_id 
_pdbx_struct_sheet_hbond.range_id_1 
_pdbx_struct_sheet_hbond.range_id_2 
_pdbx_struct_sheet_hbond.range_1_label_atom_id 
_pdbx_struct_sheet_hbond.range_1_label_comp_id 
_pdbx_struct_sheet_hbond.range_1_label_asym_id 
_pdbx_struct_sheet_hbond.range_1_label_seq_id 
_pdbx_struct_sheet_hbond.range_1_PDB_ins_code 
_pdbx_struct_sheet_hbond.range_1_auth_atom_id 
_pdbx_struct_sheet_hbond.range_1_auth_comp_id 
_pdbx_struct_sheet_hbond.range_1_auth_asym_id 
_pdbx_struct_sheet_hbond.range_1_auth_seq_id 
_pdbx_struct_sheet_hbond.range_2_label_atom_id 
_pdbx_struct_sheet_hbond.range_2_label_comp_id 
_pdbx_struct_sheet_hbond.range_2_label_asym_id 
_pdbx_struct_sheet_hbond.range_2_label_seq_id 
_pdbx_struct_sheet_hbond.range_2_PDB_ins_code 
_pdbx_struct_sheet_hbond.range_2_auth_atom_id 
_pdbx_struct_sheet_hbond.range_2_auth_comp_id 
_pdbx_struct_sheet_hbond.range_2_auth_asym_id 
_pdbx_struct_sheet_hbond.range_2_auth_seq_id 
A 1 2 N PHE A 3  ? N PHE A 3  O LEU B 97 ? O LEU B 97 
A 2 3 N ASN B 98 ? N ASN B 98 O SER A 96 ? O SER A 96 
A 3 4 O LEU A 97 ? O LEU A 97 N PHE B 3  ? N PHE B 3  
# 
_struct_site.id                   AC1 
_struct_site.pdbx_evidence_code   Software 
_struct_site.pdbx_auth_asym_id    B 
_struct_site.pdbx_auth_comp_id    0DO 
_struct_site.pdbx_auth_seq_id     100 
_struct_site.pdbx_auth_ins_code   ? 
_struct_site.pdbx_num_residues    21 
_struct_site.details              'BINDING SITE FOR RESIDUE 0DO B 100' 
# 
loop_
_struct_site_gen.id 
_struct_site_gen.site_id 
_struct_site_gen.pdbx_num_res 
_struct_site_gen.label_comp_id 
_struct_site_gen.label_asym_id 
_struct_site_gen.label_seq_id 
_struct_site_gen.pdbx_auth_ins_code 
_struct_site_gen.auth_comp_id 
_struct_site_gen.auth_asym_id 
_struct_site_gen.auth_seq_id 
_struct_site_gen.label_atom_id 
_struct_site_gen.label_alt_id 
_struct_site_gen.symmetry 
_struct_site_gen.details 
1  AC1 21 ASP A 25 ? ASP A 25  . ? 1_555 ? 
2  AC1 21 GLY A 27 ? GLY A 27  . ? 1_555 ? 
3  AC1 21 GLY A 48 ? GLY A 48  . ? 1_555 ? 
4  AC1 21 GLY A 49 ? GLY A 49  . ? 1_555 ? 
5  AC1 21 ILE A 50 ? ILE A 50  . ? 1_555 ? 
6  AC1 21 PRO A 81 ? PRO A 81  . ? 1_555 ? 
7  AC1 21 ILE A 82 ? ILE A 82  . ? 1_555 ? 
8  AC1 21 ILE A 84 ? ILE A 84  . ? 1_555 ? 
9  AC1 21 HOH D .  ? HOH A 301 . ? 1_555 ? 
10 AC1 21 ASP B 25 ? ASP B 25  . ? 1_555 ? 
11 AC1 21 GLY B 27 ? GLY B 27  . ? 1_555 ? 
12 AC1 21 ALA B 28 ? ALA B 28  . ? 1_555 ? 
13 AC1 21 ASP B 29 ? ASP B 29  . ? 1_555 ? 
14 AC1 21 ASP B 30 ? ASP B 30  . ? 1_555 ? 
15 AC1 21 VAL B 47 ? VAL B 47  . ? 1_555 ? 
16 AC1 21 GLY B 48 ? GLY B 48  . ? 1_555 ? 
17 AC1 21 GLY B 49 ? GLY B 49  . ? 1_555 ? 
18 AC1 21 ILE B 50 ? ILE B 50  . ? 1_555 ? 
19 AC1 21 PRO B 81 ? PRO B 81  . ? 1_555 ? 
20 AC1 21 ILE B 82 ? ILE B 82  . ? 1_555 ? 
21 AC1 21 HOH E .  ? HOH B 321 . ? 1_555 ? 
# 
loop_
_pdbx_validate_rmsd_bond.id 
_pdbx_validate_rmsd_bond.PDB_model_num 
_pdbx_validate_rmsd_bond.auth_atom_id_1 
_pdbx_validate_rmsd_bond.auth_asym_id_1 
_pdbx_validate_rmsd_bond.auth_comp_id_1 
_pdbx_validate_rmsd_bond.auth_seq_id_1 
_pdbx_validate_rmsd_bond.PDB_ins_code_1 
_pdbx_validate_rmsd_bond.label_alt_id_1 
_pdbx_validate_rmsd_bond.auth_atom_id_2 
_pdbx_validate_rmsd_bond.auth_asym_id_2 
_pdbx_validate_rmsd_bond.auth_comp_id_2 
_pdbx_validate_rmsd_bond.auth_seq_id_2 
_pdbx_validate_rmsd_bond.PDB_ins_code_2 
_pdbx_validate_rmsd_bond.label_alt_id_2 
_pdbx_validate_rmsd_bond.bond_value 
_pdbx_validate_rmsd_bond.bond_target_value 
_pdbx_validate_rmsd_bond.bond_deviation 
_pdbx_validate_rmsd_bond.bond_standard_deviation 
_pdbx_validate_rmsd_bond.linker_flag 
1 1 CD A GLU 21 ? ? OE1 A GLU 21 ? ? 1.321 1.252 0.069  0.011 N 
2 1 CD A GLU 37 ? ? OE2 A GLU 37 ? ? 1.338 1.252 0.086  0.011 N 
3 1 CD A GLU 63 ? ? OE1 A GLU 63 ? ? 1.343 1.252 0.091  0.011 N 
4 1 CD A GLU 65 ? ? OE1 A GLU 65 ? ? 1.342 1.252 0.090  0.011 N 
5 1 CD B GLU 16 ? ? OE2 B GLU 16 ? ? 1.325 1.252 0.073  0.011 N 
6 1 CD B GLU 21 ? ? OE2 B GLU 21 ? ? 1.368 1.252 0.116  0.011 N 
7 1 CD B GLU 37 ? ? OE2 B GLU 37 ? ? 1.337 1.252 0.085  0.011 N 
8 1 CD B GLU 58 ? ? OE1 B GLU 58 ? ? 1.184 1.252 -0.068 0.011 N 
# 
loop_
_pdbx_validate_rmsd_angle.id 
_pdbx_validate_rmsd_angle.PDB_model_num 
_pdbx_validate_rmsd_angle.auth_atom_id_1 
_pdbx_validate_rmsd_angle.auth_asym_id_1 
_pdbx_validate_rmsd_angle.auth_comp_id_1 
_pdbx_validate_rmsd_angle.auth_seq_id_1 
_pdbx_validate_rmsd_angle.PDB_ins_code_1 
_pdbx_validate_rmsd_angle.label_alt_id_1 
_pdbx_validate_rmsd_angle.auth_atom_id_2 
_pdbx_validate_rmsd_angle.auth_asym_id_2 
_pdbx_validate_rmsd_angle.auth_comp_id_2 
_pdbx_validate_rmsd_angle.auth_seq_id_2 
_pdbx_validate_rmsd_angle.PDB_ins_code_2 
_pdbx_validate_rmsd_angle.label_alt_id_2 
_pdbx_validate_rmsd_angle.auth_atom_id_3 
_pdbx_validate_rmsd_angle.auth_asym_id_3 
_pdbx_validate_rmsd_angle.auth_comp_id_3 
_pdbx_validate_rmsd_angle.auth_seq_id_3 
_pdbx_validate_rmsd_angle.PDB_ins_code_3 
_pdbx_validate_rmsd_angle.label_alt_id_3 
_pdbx_validate_rmsd_angle.angle_value 
_pdbx_validate_rmsd_angle.angle_target_value 
_pdbx_validate_rmsd_angle.angle_deviation 
_pdbx_validate_rmsd_angle.angle_standard_deviation 
_pdbx_validate_rmsd_angle.linker_flag 
1 1 CB A ASP 30 ? ? CG A ASP 30 ? ? OD1 A ASP 30 ? ? 125.59 118.30 7.29  0.90 N 
2 1 CB A ASP 30 ? ? CG A ASP 30 ? ? OD2 A ASP 30 ? ? 111.62 118.30 -6.68 0.90 N 
3 1 NE A ARG 87 ? ? CZ A ARG 87 ? ? NH1 A ARG 87 ? ? 124.16 120.30 3.86  0.50 N 
4 1 CB B ASP 25 ? ? CG B ASP 25 ? ? OD1 B ASP 25 ? ? 125.27 118.30 6.97  0.90 N 
5 1 CB B ASP 79 ? ? CG B ASP 79 ? ? OD1 B ASP 79 ? ? 125.11 118.30 6.81  0.90 N 
6 1 CB B ASP 79 ? ? CG B ASP 79 ? ? OD2 B ASP 79 ? ? 112.23 118.30 -6.07 0.90 N 
# 
loop_
_pdbx_validate_torsion.id 
_pdbx_validate_torsion.PDB_model_num 
_pdbx_validate_torsion.auth_comp_id 
_pdbx_validate_torsion.auth_asym_id 
_pdbx_validate_torsion.auth_seq_id 
_pdbx_validate_torsion.PDB_ins_code 
_pdbx_validate_torsion.label_alt_id 
_pdbx_validate_torsion.phi 
_pdbx_validate_torsion.psi 
1 1 LEU A 5  ? ? -97.88 31.74 
2 1 ASP A 79 ? ? -66.95 78.91 
# 
_pdbx_molecule_features.prd_id    PRD_000244 
_pdbx_molecule_features.name      'dimethylphenoxyacetyl-L-phenylalaninol-pipecolinic acid dipeptide isostere' 
_pdbx_molecule_features.type      Peptide-like 
_pdbx_molecule_features.class     Inhibitor 
_pdbx_molecule_features.details   ? 
# 
_pdbx_molecule.instance_id   1 
_pdbx_molecule.prd_id        PRD_000244 
_pdbx_molecule.asym_id       C 
# 
loop_
_chem_comp_atom.comp_id 
_chem_comp_atom.atom_id 
_chem_comp_atom.type_symbol 
_chem_comp_atom.pdbx_aromatic_flag 
_chem_comp_atom.pdbx_stereo_config 
_chem_comp_atom.pdbx_ordinal 
0DO C1     C N N 1   
0DO C2     C N N 2   
0DO "C1'"  C Y N 3   
0DO "C2'"  C Y N 4   
0DO "C3'"  C Y N 5   
0DO "C4'"  C Y N 6   
0DO "C5'"  C Y N 7   
0DO "C6'"  C Y N 8   
0DO CM2    C N N 9   
0DO CM6    C N N 10  
0DO O1     O N N 11  
0DO "O1'"  O N N 12  
0DO N      N N N 13  
0DO CA     C N S 14  
0DO C      C N R 15  
0DO OXT    O N N 16  
0DO CB     C N N 17  
0DO CG     C Y N 18  
0DO CD1    C Y N 19  
0DO CD2    C Y N 20  
0DO CE1    C Y N 21  
0DO CE2    C Y N 22  
0DO CZ     C Y N 23  
0DO CM     C N N 24  
0DO N1     N N N 25  
0DO C21    C N S 26  
0DO C3     C N N 27  
0DO C4     C N R 28  
0DO C5     C N N 29  
0DO C6     C N N 30  
0DO C7     C N N 31  
0DO O      O N N 32  
0DO N11    N Y N 33  
0DO C22    C Y N 34  
0DO C31    C Y N 35  
0DO C41    C Y N 36  
0DO C51    C Y N 37  
0DO C61    C Y N 38  
0DO S      S N N 39  
0DO O1S    O N N 40  
0DO O2S    O N N 41  
0DO N2     N N N 42  
0DO "C1'1" C N N 43  
0DO "C2'1" C N N 44  
0DO "C3'1" C N N 45  
0DO "C4'1" C N N 46  
0DO H21    H N N 47  
0DO H22    H N N 48  
0DO "H3'"  H N N 49  
0DO "H4'"  H N N 50  
0DO "H5'"  H N N 51  
0DO HM21   H N N 52  
0DO HM22   H N N 53  
0DO HM23   H N N 54  
0DO HM61   H N N 55  
0DO HM62   H N N 56  
0DO HM63   H N N 57  
0DO H      H N N 58  
0DO HA     H N N 59  
0DO HC     H N N 60  
0DO HOR    H N N 61  
0DO HB2    H N N 62  
0DO HB3    H N N 63  
0DO HD1    H N N 64  
0DO HD2    H N N 65  
0DO HE1    H N N 66  
0DO HE2    H N N 67  
0DO HZ     H N N 68  
0DO HM2    H N N 69  
0DO HM3    H N N 70  
0DO H2     H N N 71  
0DO H31    H N N 72  
0DO H32    H N N 73  
0DO H42    H N N 74  
0DO H51    H N N 75  
0DO H52    H N N 76  
0DO H61    H N N 77  
0DO H62    H N N 78  
0DO H23    H N N 79  
0DO H3     H N N 80  
0DO H5     H N N 81  
0DO H6     H N N 82  
0DO HN     H N N 83  
0DO "H2'1" H N N 84  
0DO "H2'2" H N N 85  
0DO "H2'3" H N N 86  
0DO "H3'1" H N N 87  
0DO "H3'2" H N N 88  
0DO "H3'3" H N N 89  
0DO "H4'1" H N N 90  
0DO "H4'2" H N N 91  
0DO "H4'3" H N N 92  
ALA N      N N N 93  
ALA CA     C N S 94  
ALA C      C N N 95  
ALA O      O N N 96  
ALA CB     C N N 97  
ALA OXT    O N N 98  
ALA H      H N N 99  
ALA H2     H N N 100 
ALA HA     H N N 101 
ALA HB1    H N N 102 
ALA HB2    H N N 103 
ALA HB3    H N N 104 
ALA HXT    H N N 105 
ARG N      N N N 106 
ARG CA     C N S 107 
ARG C      C N N 108 
ARG O      O N N 109 
ARG CB     C N N 110 
ARG CG     C N N 111 
ARG CD     C N N 112 
ARG NE     N N N 113 
ARG CZ     C N N 114 
ARG NH1    N N N 115 
ARG NH2    N N N 116 
ARG OXT    O N N 117 
ARG H      H N N 118 
ARG H2     H N N 119 
ARG HA     H N N 120 
ARG HB2    H N N 121 
ARG HB3    H N N 122 
ARG HG2    H N N 123 
ARG HG3    H N N 124 
ARG HD2    H N N 125 
ARG HD3    H N N 126 
ARG HE     H N N 127 
ARG HH11   H N N 128 
ARG HH12   H N N 129 
ARG HH21   H N N 130 
ARG HH22   H N N 131 
ARG HXT    H N N 132 
ASN N      N N N 133 
ASN CA     C N S 134 
ASN C      C N N 135 
ASN O      O N N 136 
ASN CB     C N N 137 
ASN CG     C N N 138 
ASN OD1    O N N 139 
ASN ND2    N N N 140 
ASN OXT    O N N 141 
ASN H      H N N 142 
ASN H2     H N N 143 
ASN HA     H N N 144 
ASN HB2    H N N 145 
ASN HB3    H N N 146 
ASN HD21   H N N 147 
ASN HD22   H N N 148 
ASN HXT    H N N 149 
ASP N      N N N 150 
ASP CA     C N S 151 
ASP C      C N N 152 
ASP O      O N N 153 
ASP CB     C N N 154 
ASP CG     C N N 155 
ASP OD1    O N N 156 
ASP OD2    O N N 157 
ASP OXT    O N N 158 
ASP H      H N N 159 
ASP H2     H N N 160 
ASP HA     H N N 161 
ASP HB2    H N N 162 
ASP HB3    H N N 163 
ASP HD2    H N N 164 
ASP HXT    H N N 165 
GLN N      N N N 166 
GLN CA     C N S 167 
GLN C      C N N 168 
GLN O      O N N 169 
GLN CB     C N N 170 
GLN CG     C N N 171 
GLN CD     C N N 172 
GLN OE1    O N N 173 
GLN NE2    N N N 174 
GLN OXT    O N N 175 
GLN H      H N N 176 
GLN H2     H N N 177 
GLN HA     H N N 178 
GLN HB2    H N N 179 
GLN HB3    H N N 180 
GLN HG2    H N N 181 
GLN HG3    H N N 182 
GLN HE21   H N N 183 
GLN HE22   H N N 184 
GLN HXT    H N N 185 
GLU N      N N N 186 
GLU CA     C N S 187 
GLU C      C N N 188 
GLU O      O N N 189 
GLU CB     C N N 190 
GLU CG     C N N 191 
GLU CD     C N N 192 
GLU OE1    O N N 193 
GLU OE2    O N N 194 
GLU OXT    O N N 195 
GLU H      H N N 196 
GLU H2     H N N 197 
GLU HA     H N N 198 
GLU HB2    H N N 199 
GLU HB3    H N N 200 
GLU HG2    H N N 201 
GLU HG3    H N N 202 
GLU HE2    H N N 203 
GLU HXT    H N N 204 
GLY N      N N N 205 
GLY CA     C N N 206 
GLY C      C N N 207 
GLY O      O N N 208 
GLY OXT    O N N 209 
GLY H      H N N 210 
GLY H2     H N N 211 
GLY HA2    H N N 212 
GLY HA3    H N N 213 
GLY HXT    H N N 214 
HOH O      O N N 215 
HOH H1     H N N 216 
HOH H2     H N N 217 
ILE N      N N N 218 
ILE CA     C N S 219 
ILE C      C N N 220 
ILE O      O N N 221 
ILE CB     C N S 222 
ILE CG1    C N N 223 
ILE CG2    C N N 224 
ILE CD1    C N N 225 
ILE OXT    O N N 226 
ILE H      H N N 227 
ILE H2     H N N 228 
ILE HA     H N N 229 
ILE HB     H N N 230 
ILE HG12   H N N 231 
ILE HG13   H N N 232 
ILE HG21   H N N 233 
ILE HG22   H N N 234 
ILE HG23   H N N 235 
ILE HD11   H N N 236 
ILE HD12   H N N 237 
ILE HD13   H N N 238 
ILE HXT    H N N 239 
LEU N      N N N 240 
LEU CA     C N S 241 
LEU C      C N N 242 
LEU O      O N N 243 
LEU CB     C N N 244 
LEU CG     C N N 245 
LEU CD1    C N N 246 
LEU CD2    C N N 247 
LEU OXT    O N N 248 
LEU H      H N N 249 
LEU H2     H N N 250 
LEU HA     H N N 251 
LEU HB2    H N N 252 
LEU HB3    H N N 253 
LEU HG     H N N 254 
LEU HD11   H N N 255 
LEU HD12   H N N 256 
LEU HD13   H N N 257 
LEU HD21   H N N 258 
LEU HD22   H N N 259 
LEU HD23   H N N 260 
LEU HXT    H N N 261 
LYS N      N N N 262 
LYS CA     C N S 263 
LYS C      C N N 264 
LYS O      O N N 265 
LYS CB     C N N 266 
LYS CG     C N N 267 
LYS CD     C N N 268 
LYS CE     C N N 269 
LYS NZ     N N N 270 
LYS OXT    O N N 271 
LYS H      H N N 272 
LYS H2     H N N 273 
LYS HA     H N N 274 
LYS HB2    H N N 275 
LYS HB3    H N N 276 
LYS HG2    H N N 277 
LYS HG3    H N N 278 
LYS HD2    H N N 279 
LYS HD3    H N N 280 
LYS HE2    H N N 281 
LYS HE3    H N N 282 
LYS HZ1    H N N 283 
LYS HZ2    H N N 284 
LYS HZ3    H N N 285 
LYS HXT    H N N 286 
MET N      N N N 287 
MET CA     C N S 288 
MET C      C N N 289 
MET O      O N N 290 
MET CB     C N N 291 
MET CG     C N N 292 
MET SD     S N N 293 
MET CE     C N N 294 
MET OXT    O N N 295 
MET H      H N N 296 
MET H2     H N N 297 
MET HA     H N N 298 
MET HB2    H N N 299 
MET HB3    H N N 300 
MET HG2    H N N 301 
MET HG3    H N N 302 
MET HE1    H N N 303 
MET HE2    H N N 304 
MET HE3    H N N 305 
MET HXT    H N N 306 
PHE N      N N N 307 
PHE CA     C N S 308 
PHE C      C N N 309 
PHE O      O N N 310 
PHE CB     C N N 311 
PHE CG     C Y N 312 
PHE CD1    C Y N 313 
PHE CD2    C Y N 314 
PHE CE1    C Y N 315 
PHE CE2    C Y N 316 
PHE CZ     C Y N 317 
PHE OXT    O N N 318 
PHE H      H N N 319 
PHE H2     H N N 320 
PHE HA     H N N 321 
PHE HB2    H N N 322 
PHE HB3    H N N 323 
PHE HD1    H N N 324 
PHE HD2    H N N 325 
PHE HE1    H N N 326 
PHE HE2    H N N 327 
PHE HZ     H N N 328 
PHE HXT    H N N 329 
PRO N      N N N 330 
PRO CA     C N S 331 
PRO C      C N N 332 
PRO O      O N N 333 
PRO CB     C N N 334 
PRO CG     C N N 335 
PRO CD     C N N 336 
PRO OXT    O N N 337 
PRO H      H N N 338 
PRO HA     H N N 339 
PRO HB2    H N N 340 
PRO HB3    H N N 341 
PRO HG2    H N N 342 
PRO HG3    H N N 343 
PRO HD2    H N N 344 
PRO HD3    H N N 345 
PRO HXT    H N N 346 
SER N      N N N 347 
SER CA     C N S 348 
SER C      C N N 349 
SER O      O N N 350 
SER CB     C N N 351 
SER OG     O N N 352 
SER OXT    O N N 353 
SER H      H N N 354 
SER H2     H N N 355 
SER HA     H N N 356 
SER HB2    H N N 357 
SER HB3    H N N 358 
SER HG     H N N 359 
SER HXT    H N N 360 
THR N      N N N 361 
THR CA     C N S 362 
THR C      C N N 363 
THR O      O N N 364 
THR CB     C N R 365 
THR OG1    O N N 366 
THR CG2    C N N 367 
THR OXT    O N N 368 
THR H      H N N 369 
THR H2     H N N 370 
THR HA     H N N 371 
THR HB     H N N 372 
THR HG1    H N N 373 
THR HG21   H N N 374 
THR HG22   H N N 375 
THR HG23   H N N 376 
THR HXT    H N N 377 
TRP N      N N N 378 
TRP CA     C N S 379 
TRP C      C N N 380 
TRP O      O N N 381 
TRP CB     C N N 382 
TRP CG     C Y N 383 
TRP CD1    C Y N 384 
TRP CD2    C Y N 385 
TRP NE1    N Y N 386 
TRP CE2    C Y N 387 
TRP CE3    C Y N 388 
TRP CZ2    C Y N 389 
TRP CZ3    C Y N 390 
TRP CH2    C Y N 391 
TRP OXT    O N N 392 
TRP H      H N N 393 
TRP H2     H N N 394 
TRP HA     H N N 395 
TRP HB2    H N N 396 
TRP HB3    H N N 397 
TRP HD1    H N N 398 
TRP HE1    H N N 399 
TRP HE3    H N N 400 
TRP HZ2    H N N 401 
TRP HZ3    H N N 402 
TRP HH2    H N N 403 
TRP HXT    H N N 404 
TYR N      N N N 405 
TYR CA     C N S 406 
TYR C      C N N 407 
TYR O      O N N 408 
TYR CB     C N N 409 
TYR CG     C Y N 410 
TYR CD1    C Y N 411 
TYR CD2    C Y N 412 
TYR CE1    C Y N 413 
TYR CE2    C Y N 414 
TYR CZ     C Y N 415 
TYR OH     O N N 416 
TYR OXT    O N N 417 
TYR H      H N N 418 
TYR H2     H N N 419 
TYR HA     H N N 420 
TYR HB2    H N N 421 
TYR HB3    H N N 422 
TYR HD1    H N N 423 
TYR HD2    H N N 424 
TYR HE1    H N N 425 
TYR HE2    H N N 426 
TYR HH     H N N 427 
TYR HXT    H N N 428 
VAL N      N N N 429 
VAL CA     C N S 430 
VAL C      C N N 431 
VAL O      O N N 432 
VAL CB     C N N 433 
VAL CG1    C N N 434 
VAL CG2    C N N 435 
VAL OXT    O N N 436 
VAL H      H N N 437 
VAL H2     H N N 438 
VAL HA     H N N 439 
VAL HB     H N N 440 
VAL HG11   H N N 441 
VAL HG12   H N N 442 
VAL HG13   H N N 443 
VAL HG21   H N N 444 
VAL HG22   H N N 445 
VAL HG23   H N N 446 
VAL HXT    H N N 447 
# 
loop_
_chem_comp_bond.comp_id 
_chem_comp_bond.atom_id_1 
_chem_comp_bond.atom_id_2 
_chem_comp_bond.value_order 
_chem_comp_bond.pdbx_aromatic_flag 
_chem_comp_bond.pdbx_stereo_config 
_chem_comp_bond.pdbx_ordinal 
0DO C1     C2     sing N N 1   
0DO C1     O1     doub N N 2   
0DO C2     "O1'"  sing N N 3   
0DO C2     H21    sing N N 4   
0DO C2     H22    sing N N 5   
0DO "C1'"  "C2'"  doub Y N 6   
0DO "C1'"  "C6'"  sing Y N 7   
0DO "C1'"  "O1'"  sing N N 8   
0DO "C2'"  "C3'"  sing Y N 9   
0DO "C2'"  CM2    sing N N 10  
0DO "C3'"  "C4'"  doub Y N 11  
0DO "C3'"  "H3'"  sing N N 12  
0DO "C4'"  "C5'"  sing Y N 13  
0DO "C4'"  "H4'"  sing N N 14  
0DO "C5'"  "C6'"  doub Y N 15  
0DO "C5'"  "H5'"  sing N N 16  
0DO "C6'"  CM6    sing N N 17  
0DO CM2    HM21   sing N N 18  
0DO CM2    HM22   sing N N 19  
0DO CM2    HM23   sing N N 20  
0DO CM6    HM61   sing N N 21  
0DO CM6    HM62   sing N N 22  
0DO CM6    HM63   sing N N 23  
0DO N      CA     sing N N 24  
0DO N      H      sing N N 25  
0DO CA     C      sing N N 26  
0DO CA     CB     sing N N 27  
0DO CA     HA     sing N N 28  
0DO C      OXT    sing N N 29  
0DO C      CM     sing N N 30  
0DO C      HC     sing N N 31  
0DO OXT    HOR    sing N N 32  
0DO CB     CG     sing N N 33  
0DO CB     HB2    sing N N 34  
0DO CB     HB3    sing N N 35  
0DO CG     CD1    doub Y N 36  
0DO CG     CD2    sing Y N 37  
0DO CD1    CE1    sing Y N 38  
0DO CD1    HD1    sing N N 39  
0DO CD2    CE2    doub Y N 40  
0DO CD2    HD2    sing N N 41  
0DO CE1    CZ     doub Y N 42  
0DO CE1    HE1    sing N N 43  
0DO CE2    CZ     sing Y N 44  
0DO CE2    HE2    sing N N 45  
0DO CZ     HZ     sing N N 46  
0DO CM     HM2    sing N N 47  
0DO CM     HM3    sing N N 48  
0DO N1     C21    sing N N 49  
0DO N1     C6     sing N N 50  
0DO C21    C3     sing N N 51  
0DO C21    C7     sing N N 52  
0DO C21    H2     sing N N 53  
0DO C3     C4     sing N N 54  
0DO C3     H31    sing N N 55  
0DO C3     H32    sing N N 56  
0DO C4     C5     sing N N 57  
0DO C4     H42    sing N N 58  
0DO C5     C6     sing N N 59  
0DO C5     H51    sing N N 60  
0DO C5     H52    sing N N 61  
0DO C6     H61    sing N N 62  
0DO C6     H62    sing N N 63  
0DO C7     O      doub N N 64  
0DO C7     N2     sing N N 65  
0DO N2     "C1'1" sing N N 66  
0DO N2     HN     sing N N 67  
0DO "C1'1" "C2'1" sing N N 68  
0DO "C1'1" "C3'1" sing N N 69  
0DO "C1'1" "C4'1" sing N N 70  
0DO "C2'1" "H2'1" sing N N 71  
0DO "C2'1" "H2'2" sing N N 72  
0DO "C2'1" "H2'3" sing N N 73  
0DO "C3'1" "H3'1" sing N N 74  
0DO "C3'1" "H3'2" sing N N 75  
0DO "C3'1" "H3'3" sing N N 76  
0DO "C4'1" "H4'1" sing N N 77  
0DO "C4'1" "H4'2" sing N N 78  
0DO "C4'1" "H4'3" sing N N 79  
0DO N11    C22    doub Y N 80  
0DO N11    C61    sing Y N 81  
0DO C22    C31    sing Y N 82  
0DO C22    H23    sing N N 83  
0DO C31    C41    doub Y N 84  
0DO C31    H3     sing N N 85  
0DO C41    C51    sing Y N 86  
0DO C41    S      sing N N 87  
0DO C51    C61    doub Y N 88  
0DO C51    H5     sing N N 89  
0DO C61    H6     sing N N 90  
0DO S      O1S    doub N N 91  
0DO S      O2S    doub N N 92  
0DO C1     N      sing N N 93  
0DO CM     N1     sing N N 94  
0DO C4     S      sing N N 95  
ALA N      CA     sing N N 96  
ALA N      H      sing N N 97  
ALA N      H2     sing N N 98  
ALA CA     C      sing N N 99  
ALA CA     CB     sing N N 100 
ALA CA     HA     sing N N 101 
ALA C      O      doub N N 102 
ALA C      OXT    sing N N 103 
ALA CB     HB1    sing N N 104 
ALA CB     HB2    sing N N 105 
ALA CB     HB3    sing N N 106 
ALA OXT    HXT    sing N N 107 
ARG N      CA     sing N N 108 
ARG N      H      sing N N 109 
ARG N      H2     sing N N 110 
ARG CA     C      sing N N 111 
ARG CA     CB     sing N N 112 
ARG CA     HA     sing N N 113 
ARG C      O      doub N N 114 
ARG C      OXT    sing N N 115 
ARG CB     CG     sing N N 116 
ARG CB     HB2    sing N N 117 
ARG CB     HB3    sing N N 118 
ARG CG     CD     sing N N 119 
ARG CG     HG2    sing N N 120 
ARG CG     HG3    sing N N 121 
ARG CD     NE     sing N N 122 
ARG CD     HD2    sing N N 123 
ARG CD     HD3    sing N N 124 
ARG NE     CZ     sing N N 125 
ARG NE     HE     sing N N 126 
ARG CZ     NH1    sing N N 127 
ARG CZ     NH2    doub N N 128 
ARG NH1    HH11   sing N N 129 
ARG NH1    HH12   sing N N 130 
ARG NH2    HH21   sing N N 131 
ARG NH2    HH22   sing N N 132 
ARG OXT    HXT    sing N N 133 
ASN N      CA     sing N N 134 
ASN N      H      sing N N 135 
ASN N      H2     sing N N 136 
ASN CA     C      sing N N 137 
ASN CA     CB     sing N N 138 
ASN CA     HA     sing N N 139 
ASN C      O      doub N N 140 
ASN C      OXT    sing N N 141 
ASN CB     CG     sing N N 142 
ASN CB     HB2    sing N N 143 
ASN CB     HB3    sing N N 144 
ASN CG     OD1    doub N N 145 
ASN CG     ND2    sing N N 146 
ASN ND2    HD21   sing N N 147 
ASN ND2    HD22   sing N N 148 
ASN OXT    HXT    sing N N 149 
ASP N      CA     sing N N 150 
ASP N      H      sing N N 151 
ASP N      H2     sing N N 152 
ASP CA     C      sing N N 153 
ASP CA     CB     sing N N 154 
ASP CA     HA     sing N N 155 
ASP C      O      doub N N 156 
ASP C      OXT    sing N N 157 
ASP CB     CG     sing N N 158 
ASP CB     HB2    sing N N 159 
ASP CB     HB3    sing N N 160 
ASP CG     OD1    doub N N 161 
ASP CG     OD2    sing N N 162 
ASP OD2    HD2    sing N N 163 
ASP OXT    HXT    sing N N 164 
GLN N      CA     sing N N 165 
GLN N      H      sing N N 166 
GLN N      H2     sing N N 167 
GLN CA     C      sing N N 168 
GLN CA     CB     sing N N 169 
GLN CA     HA     sing N N 170 
GLN C      O      doub N N 171 
GLN C      OXT    sing N N 172 
GLN CB     CG     sing N N 173 
GLN CB     HB2    sing N N 174 
GLN CB     HB3    sing N N 175 
GLN CG     CD     sing N N 176 
GLN CG     HG2    sing N N 177 
GLN CG     HG3    sing N N 178 
GLN CD     OE1    doub N N 179 
GLN CD     NE2    sing N N 180 
GLN NE2    HE21   sing N N 181 
GLN NE2    HE22   sing N N 182 
GLN OXT    HXT    sing N N 183 
GLU N      CA     sing N N 184 
GLU N      H      sing N N 185 
GLU N      H2     sing N N 186 
GLU CA     C      sing N N 187 
GLU CA     CB     sing N N 188 
GLU CA     HA     sing N N 189 
GLU C      O      doub N N 190 
GLU C      OXT    sing N N 191 
GLU CB     CG     sing N N 192 
GLU CB     HB2    sing N N 193 
GLU CB     HB3    sing N N 194 
GLU CG     CD     sing N N 195 
GLU CG     HG2    sing N N 196 
GLU CG     HG3    sing N N 197 
GLU CD     OE1    doub N N 198 
GLU CD     OE2    sing N N 199 
GLU OE2    HE2    sing N N 200 
GLU OXT    HXT    sing N N 201 
GLY N      CA     sing N N 202 
GLY N      H      sing N N 203 
GLY N      H2     sing N N 204 
GLY CA     C      sing N N 205 
GLY CA     HA2    sing N N 206 
GLY CA     HA3    sing N N 207 
GLY C      O      doub N N 208 
GLY C      OXT    sing N N 209 
GLY OXT    HXT    sing N N 210 
HOH O      H1     sing N N 211 
HOH O      H2     sing N N 212 
ILE N      CA     sing N N 213 
ILE N      H      sing N N 214 
ILE N      H2     sing N N 215 
ILE CA     C      sing N N 216 
ILE CA     CB     sing N N 217 
ILE CA     HA     sing N N 218 
ILE C      O      doub N N 219 
ILE C      OXT    sing N N 220 
ILE CB     CG1    sing N N 221 
ILE CB     CG2    sing N N 222 
ILE CB     HB     sing N N 223 
ILE CG1    CD1    sing N N 224 
ILE CG1    HG12   sing N N 225 
ILE CG1    HG13   sing N N 226 
ILE CG2    HG21   sing N N 227 
ILE CG2    HG22   sing N N 228 
ILE CG2    HG23   sing N N 229 
ILE CD1    HD11   sing N N 230 
ILE CD1    HD12   sing N N 231 
ILE CD1    HD13   sing N N 232 
ILE OXT    HXT    sing N N 233 
LEU N      CA     sing N N 234 
LEU N      H      sing N N 235 
LEU N      H2     sing N N 236 
LEU CA     C      sing N N 237 
LEU CA     CB     sing N N 238 
LEU CA     HA     sing N N 239 
LEU C      O      doub N N 240 
LEU C      OXT    sing N N 241 
LEU CB     CG     sing N N 242 
LEU CB     HB2    sing N N 243 
LEU CB     HB3    sing N N 244 
LEU CG     CD1    sing N N 245 
LEU CG     CD2    sing N N 246 
LEU CG     HG     sing N N 247 
LEU CD1    HD11   sing N N 248 
LEU CD1    HD12   sing N N 249 
LEU CD1    HD13   sing N N 250 
LEU CD2    HD21   sing N N 251 
LEU CD2    HD22   sing N N 252 
LEU CD2    HD23   sing N N 253 
LEU OXT    HXT    sing N N 254 
LYS N      CA     sing N N 255 
LYS N      H      sing N N 256 
LYS N      H2     sing N N 257 
LYS CA     C      sing N N 258 
LYS CA     CB     sing N N 259 
LYS CA     HA     sing N N 260 
LYS C      O      doub N N 261 
LYS C      OXT    sing N N 262 
LYS CB     CG     sing N N 263 
LYS CB     HB2    sing N N 264 
LYS CB     HB3    sing N N 265 
LYS CG     CD     sing N N 266 
LYS CG     HG2    sing N N 267 
LYS CG     HG3    sing N N 268 
LYS CD     CE     sing N N 269 
LYS CD     HD2    sing N N 270 
LYS CD     HD3    sing N N 271 
LYS CE     NZ     sing N N 272 
LYS CE     HE2    sing N N 273 
LYS CE     HE3    sing N N 274 
LYS NZ     HZ1    sing N N 275 
LYS NZ     HZ2    sing N N 276 
LYS NZ     HZ3    sing N N 277 
LYS OXT    HXT    sing N N 278 
MET N      CA     sing N N 279 
MET N      H      sing N N 280 
MET N      H2     sing N N 281 
MET CA     C      sing N N 282 
MET CA     CB     sing N N 283 
MET CA     HA     sing N N 284 
MET C      O      doub N N 285 
MET C      OXT    sing N N 286 
MET CB     CG     sing N N 287 
MET CB     HB2    sing N N 288 
MET CB     HB3    sing N N 289 
MET CG     SD     sing N N 290 
MET CG     HG2    sing N N 291 
MET CG     HG3    sing N N 292 
MET SD     CE     sing N N 293 
MET CE     HE1    sing N N 294 
MET CE     HE2    sing N N 295 
MET CE     HE3    sing N N 296 
MET OXT    HXT    sing N N 297 
PHE N      CA     sing N N 298 
PHE N      H      sing N N 299 
PHE N      H2     sing N N 300 
PHE CA     C      sing N N 301 
PHE CA     CB     sing N N 302 
PHE CA     HA     sing N N 303 
PHE C      O      doub N N 304 
PHE C      OXT    sing N N 305 
PHE CB     CG     sing N N 306 
PHE CB     HB2    sing N N 307 
PHE CB     HB3    sing N N 308 
PHE CG     CD1    doub Y N 309 
PHE CG     CD2    sing Y N 310 
PHE CD1    CE1    sing Y N 311 
PHE CD1    HD1    sing N N 312 
PHE CD2    CE2    doub Y N 313 
PHE CD2    HD2    sing N N 314 
PHE CE1    CZ     doub Y N 315 
PHE CE1    HE1    sing N N 316 
PHE CE2    CZ     sing Y N 317 
PHE CE2    HE2    sing N N 318 
PHE CZ     HZ     sing N N 319 
PHE OXT    HXT    sing N N 320 
PRO N      CA     sing N N 321 
PRO N      CD     sing N N 322 
PRO N      H      sing N N 323 
PRO CA     C      sing N N 324 
PRO CA     CB     sing N N 325 
PRO CA     HA     sing N N 326 
PRO C      O      doub N N 327 
PRO C      OXT    sing N N 328 
PRO CB     CG     sing N N 329 
PRO CB     HB2    sing N N 330 
PRO CB     HB3    sing N N 331 
PRO CG     CD     sing N N 332 
PRO CG     HG2    sing N N 333 
PRO CG     HG3    sing N N 334 
PRO CD     HD2    sing N N 335 
PRO CD     HD3    sing N N 336 
PRO OXT    HXT    sing N N 337 
SER N      CA     sing N N 338 
SER N      H      sing N N 339 
SER N      H2     sing N N 340 
SER CA     C      sing N N 341 
SER CA     CB     sing N N 342 
SER CA     HA     sing N N 343 
SER C      O      doub N N 344 
SER C      OXT    sing N N 345 
SER CB     OG     sing N N 346 
SER CB     HB2    sing N N 347 
SER CB     HB3    sing N N 348 
SER OG     HG     sing N N 349 
SER OXT    HXT    sing N N 350 
THR N      CA     sing N N 351 
THR N      H      sing N N 352 
THR N      H2     sing N N 353 
THR CA     C      sing N N 354 
THR CA     CB     sing N N 355 
THR CA     HA     sing N N 356 
THR C      O      doub N N 357 
THR C      OXT    sing N N 358 
THR CB     OG1    sing N N 359 
THR CB     CG2    sing N N 360 
THR CB     HB     sing N N 361 
THR OG1    HG1    sing N N 362 
THR CG2    HG21   sing N N 363 
THR CG2    HG22   sing N N 364 
THR CG2    HG23   sing N N 365 
THR OXT    HXT    sing N N 366 
TRP N      CA     sing N N 367 
TRP N      H      sing N N 368 
TRP N      H2     sing N N 369 
TRP CA     C      sing N N 370 
TRP CA     CB     sing N N 371 
TRP CA     HA     sing N N 372 
TRP C      O      doub N N 373 
TRP C      OXT    sing N N 374 
TRP CB     CG     sing N N 375 
TRP CB     HB2    sing N N 376 
TRP CB     HB3    sing N N 377 
TRP CG     CD1    doub Y N 378 
TRP CG     CD2    sing Y N 379 
TRP CD1    NE1    sing Y N 380 
TRP CD1    HD1    sing N N 381 
TRP CD2    CE2    doub Y N 382 
TRP CD2    CE3    sing Y N 383 
TRP NE1    CE2    sing Y N 384 
TRP NE1    HE1    sing N N 385 
TRP CE2    CZ2    sing Y N 386 
TRP CE3    CZ3    doub Y N 387 
TRP CE3    HE3    sing N N 388 
TRP CZ2    CH2    doub Y N 389 
TRP CZ2    HZ2    sing N N 390 
TRP CZ3    CH2    sing Y N 391 
TRP CZ3    HZ3    sing N N 392 
TRP CH2    HH2    sing N N 393 
TRP OXT    HXT    sing N N 394 
TYR N      CA     sing N N 395 
TYR N      H      sing N N 396 
TYR N      H2     sing N N 397 
TYR CA     C      sing N N 398 
TYR CA     CB     sing N N 399 
TYR CA     HA     sing N N 400 
TYR C      O      doub N N 401 
TYR C      OXT    sing N N 402 
TYR CB     CG     sing N N 403 
TYR CB     HB2    sing N N 404 
TYR CB     HB3    sing N N 405 
TYR CG     CD1    doub Y N 406 
TYR CG     CD2    sing Y N 407 
TYR CD1    CE1    sing Y N 408 
TYR CD1    HD1    sing N N 409 
TYR CD2    CE2    doub Y N 410 
TYR CD2    HD2    sing N N 411 
TYR CE1    CZ     doub Y N 412 
TYR CE1    HE1    sing N N 413 
TYR CE2    CZ     sing Y N 414 
TYR CE2    HE2    sing N N 415 
TYR CZ     OH     sing N N 416 
TYR OH     HH     sing N N 417 
TYR OXT    HXT    sing N N 418 
VAL N      CA     sing N N 419 
VAL N      H      sing N N 420 
VAL N      H2     sing N N 421 
VAL CA     C      sing N N 422 
VAL CA     CB     sing N N 423 
VAL CA     HA     sing N N 424 
VAL C      O      doub N N 425 
VAL C      OXT    sing N N 426 
VAL CB     CG1    sing N N 427 
VAL CB     CG2    sing N N 428 
VAL CB     HB     sing N N 429 
VAL CG1    HG11   sing N N 430 
VAL CG1    HG12   sing N N 431 
VAL CG1    HG13   sing N N 432 
VAL CG2    HG21   sing N N 433 
VAL CG2    HG22   sing N N 434 
VAL CG2    HG23   sing N N 435 
VAL OXT    HXT    sing N N 436 
# 
_atom_sites.entry_id                    1IDB 
_atom_sites.fract_transf_matrix[1][1]   -0.01568049 
_atom_sites.fract_transf_matrix[1][2]   0.00190252 
_atom_sites.fract_transf_matrix[1][3]   0.00238147 
_atom_sites.fract_transf_matrix[2][1]   -0.00054964 
_atom_sites.fract_transf_matrix[2][2]   0.01051095 
_atom_sites.fract_transf_matrix[2][3]   -0.01201609 
_atom_sites.fract_transf_matrix[3][1]   -0.00162088 
_atom_sites.fract_transf_matrix[3][2]   -0.00642118 
_atom_sites.fract_transf_matrix[3][3]   -0.00554272 
_atom_sites.fract_transf_vector[1]      0.890053 
_atom_sites.fract_transf_vector[2]      0.415835 
_atom_sites.fract_transf_vector[3]      0.030675 
# 
loop_
_atom_type.symbol 
C 
N 
O 
S 
# 
loop_
_atom_site.group_PDB 
_atom_site.id 
_atom_site.type_symbol 
_atom_site.label_atom_id 
_atom_site.label_alt_id 
_atom_site.label_comp_id 
_atom_site.label_asym_id 
_atom_site.label_entity_id 
_atom_site.label_seq_id 
_atom_site.pdbx_PDB_ins_code 
_atom_site.Cartn_x 
_atom_site.Cartn_y 
_atom_site.Cartn_z 
_atom_site.occupancy 
_atom_site.B_iso_or_equiv 
_atom_site.pdbx_formal_charge 
_atom_site.auth_seq_id 
_atom_site.auth_comp_id 
_atom_site.auth_asym_id 
_atom_site.auth_atom_id 
_atom_site.pdbx_PDB_model_num 
ATOM   1    N N      . PRO A 1 1  ? -8.719  13.741  -10.998 1.00 23.82 ? 1   PRO A N      1 
ATOM   2    C CA     . PRO A 1 1  ? -8.054  12.541  -11.427 1.00 22.39 ? 1   PRO A CA     1 
ATOM   3    C C      . PRO A 1 1  ? -8.579  11.309  -10.738 1.00 22.65 ? 1   PRO A C      1 
ATOM   4    O O      . PRO A 1 1  ? -8.990  11.366  -9.597  1.00 22.51 ? 1   PRO A O      1 
ATOM   5    C CB     . PRO A 1 1  ? -6.550  12.708  -11.247 1.00 22.54 ? 1   PRO A CB     1 
ATOM   6    C CG     . PRO A 1 1  ? -6.341  14.195  -11.134 1.00 23.59 ? 1   PRO A CG     1 
ATOM   7    C CD     . PRO A 1 1  ? -7.717  14.817  -10.856 1.00 24.08 ? 1   PRO A CD     1 
ATOM   8    N N      . GLN A 1 2  ? -8.652  10.232  -11.532 1.00 23.06 ? 2   GLN A N      1 
ATOM   9    C CA     . GLN A 1 2  ? -9.153  8.953   -11.091 1.00 20.94 ? 2   GLN A CA     1 
ATOM   10   C C      . GLN A 1 2  ? -8.219  7.882   -11.559 1.00 18.99 ? 2   GLN A C      1 
ATOM   11   O O      . GLN A 1 2  ? -7.863  7.868   -12.716 1.00 21.48 ? 2   GLN A O      1 
ATOM   12   C CB     . GLN A 1 2  ? -10.579 8.718   -11.619 1.00 18.89 ? 2   GLN A CB     1 
ATOM   13   C CG     . GLN A 1 2  ? -11.163 7.394   -11.090 1.00 21.48 ? 2   GLN A CG     1 
ATOM   14   C CD     . GLN A 1 2  ? -12.682 7.378   -11.186 1.00 27.58 ? 2   GLN A CD     1 
ATOM   15   O OE1    . GLN A 1 2  ? -13.311 6.301   -11.219 1.00 30.78 ? 2   GLN A OE1    1 
ATOM   16   N NE2    . GLN A 1 2  ? -13.272 8.568   -11.322 1.00 26.63 ? 2   GLN A NE2    1 
ATOM   17   N N      . PHE A 1 3  ? -7.793  6.999   -10.670 1.00 18.87 ? 3   PHE A N      1 
ATOM   18   C CA     . PHE A 1 3  ? -6.900  5.934   -11.073 1.00 19.11 ? 3   PHE A CA     1 
ATOM   19   C C      . PHE A 1 3  ? -7.599  4.624   -10.956 1.00 18.63 ? 3   PHE A C      1 
ATOM   20   O O      . PHE A 1 3  ? -7.979  4.287   -9.824  1.00 13.98 ? 3   PHE A O      1 
ATOM   21   C CB     . PHE A 1 3  ? -5.624  5.824   -10.194 1.00 16.68 ? 3   PHE A CB     1 
ATOM   22   C CG     . PHE A 1 3  ? -4.733  7.021   -10.301 1.00 19.69 ? 3   PHE A CG     1 
ATOM   23   C CD1    . PHE A 1 3  ? -5.113  8.248   -9.750  1.00 19.64 ? 3   PHE A CD1    1 
ATOM   24   C CD2    . PHE A 1 3  ? -3.463  6.921   -10.866 1.00 19.57 ? 3   PHE A CD2    1 
ATOM   25   C CE1    . PHE A 1 3  ? -4.301  9.381   -9.810  1.00 15.97 ? 3   PHE A CE1    1 
ATOM   26   C CE2    . PHE A 1 3  ? -2.621  8.032   -10.910 1.00 20.21 ? 3   PHE A CE2    1 
ATOM   27   C CZ     . PHE A 1 3  ? -3.037  9.255   -10.373 1.00 16.36 ? 3   PHE A CZ     1 
ATOM   28   N N      . SER A 1 4  ? -7.746  3.865   -12.083 1.00 20.26 ? 4   SER A N      1 
ATOM   29   C CA     . SER A 1 4  ? -8.336  2.562   -11.873 1.00 19.09 ? 4   SER A CA     1 
ATOM   30   C C      . SER A 1 4  ? -7.235  1.668   -11.329 1.00 16.69 ? 4   SER A C      1 
ATOM   31   O O      . SER A 1 4  ? -6.059  1.969   -11.492 1.00 19.47 ? 4   SER A O      1 
ATOM   32   C CB     . SER A 1 4  ? -9.039  2.006   -13.069 1.00 22.08 ? 4   SER A CB     1 
ATOM   33   O OG     . SER A 1 4  ? -8.098  1.685   -14.039 1.00 26.68 ? 4   SER A OG     1 
ATOM   34   N N      . LEU A 1 5  ? -7.500  0.594   -10.660 1.00 12.76 ? 5   LEU A N      1 
ATOM   35   C CA     . LEU A 1 5  ? -6.286  -0.041  -10.161 1.00 12.21 ? 5   LEU A CA     1 
ATOM   36   C C      . LEU A 1 5  ? -5.741  -1.211  -11.002 1.00 15.62 ? 5   LEU A C      1 
ATOM   37   O O      . LEU A 1 5  ? -5.151  -2.160  -10.502 1.00 16.77 ? 5   LEU A O      1 
ATOM   38   C CB     . LEU A 1 5  ? -6.469  -0.358  -8.685  1.00 9.67  ? 5   LEU A CB     1 
ATOM   39   C CG     . LEU A 1 5  ? -6.838  0.903   -7.943  1.00 10.56 ? 5   LEU A CG     1 
ATOM   40   C CD1    . LEU A 1 5  ? -7.496  0.506   -6.649  1.00 12.51 ? 5   LEU A CD1    1 
ATOM   41   C CD2    . LEU A 1 5  ? -5.556  1.731   -7.717  1.00 7.62  ? 5   LEU A CD2    1 
ATOM   42   N N      . TRP A 1 6  ? -5.944  -1.146  -12.296 1.00 15.00 ? 6   TRP A N      1 
ATOM   43   C CA     . TRP A 1 6  ? -5.478  -2.180  -13.210 1.00 16.58 ? 6   TRP A CA     1 
ATOM   44   C C      . TRP A 1 6  ? -3.960  -2.131  -13.303 1.00 16.75 ? 6   TRP A C      1 
ATOM   45   O O      . TRP A 1 6  ? -3.306  -3.143  -13.248 1.00 19.82 ? 6   TRP A O      1 
ATOM   46   C CB     . TRP A 1 6  ? -6.234  -2.137  -14.563 1.00 15.45 ? 6   TRP A CB     1 
ATOM   47   C CG     . TRP A 1 6  ? -5.761  -3.155  -15.565 1.00 15.83 ? 6   TRP A CG     1 
ATOM   48   C CD1    . TRP A 1 6  ? -4.993  -2.908  -16.677 1.00 13.74 ? 6   TRP A CD1    1 
ATOM   49   C CD2    . TRP A 1 6  ? -6.053  -4.569  -15.566 1.00 13.03 ? 6   TRP A CD2    1 
ATOM   50   N NE1    . TRP A 1 6  ? -4.754  -4.074  -17.336 1.00 12.52 ? 6   TRP A NE1    1 
ATOM   51   C CE2    . TRP A 1 6  ? -5.384  -5.107  -16.679 1.00 12.31 ? 6   TRP A CE2    1 
ATOM   52   C CE3    . TRP A 1 6  ? -6.688  -5.413  -14.666 1.00 11.98 ? 6   TRP A CE3    1 
ATOM   53   C CZ2    . TRP A 1 6  ? -5.451  -6.449  -16.976 1.00 12.48 ? 6   TRP A CZ2    1 
ATOM   54   C CZ3    . TRP A 1 6  ? -6.759  -6.750  -14.968 1.00 14.21 ? 6   TRP A CZ3    1 
ATOM   55   C CH2    . TRP A 1 6  ? -6.101  -7.264  -16.089 1.00 12.28 ? 6   TRP A CH2    1 
ATOM   56   N N      . LYS A 1 7  ? -3.419  -0.918  -13.394 1.00 16.00 ? 7   LYS A N      1 
ATOM   57   C CA     . LYS A 1 7  ? -1.993  -0.659  -13.307 1.00 15.87 ? 7   LYS A CA     1 
ATOM   58   C C      . LYS A 1 7  ? -1.724  -0.095  -11.916 1.00 13.84 ? 7   LYS A C      1 
ATOM   59   O O      . LYS A 1 7  ? -2.636  0.403   -11.269 1.00 14.33 ? 7   LYS A O      1 
ATOM   60   C CB     . LYS A 1 7  ? -1.562  0.425   -14.284 1.00 16.67 ? 7   LYS A CB     1 
ATOM   61   C CG     . LYS A 1 7  ? -1.837  0.061   -15.719 1.00 21.29 ? 7   LYS A CG     1 
ATOM   62   C CD     . LYS A 1 7  ? -1.327  -1.340  -15.923 1.00 26.02 ? 7   LYS A CD     1 
ATOM   63   C CE     . LYS A 1 7  ? -1.030  -1.756  -17.366 1.00 30.17 ? 7   LYS A CE     1 
ATOM   64   N NZ     . LYS A 1 7  ? -0.298  -3.057  -17.365 1.00 32.61 ? 7   LYS A NZ     1 
ATOM   65   N N      . ARG A 1 8  ? -0.464  -0.131  -11.471 1.00 12.70 ? 8   ARG A N      1 
ATOM   66   C CA     . ARG A 1 8  ? -0.034  0.476   -10.220 1.00 10.36 ? 8   ARG A CA     1 
ATOM   67   C C      . ARG A 1 8  ? -0.242  1.956   -10.352 1.00 11.55 ? 8   ARG A C      1 
ATOM   68   O O      . ARG A 1 8  ? 0.063   2.505   -11.401 1.00 12.20 ? 8   ARG A O      1 
ATOM   69   C CB     . ARG A 1 8  ? 1.447   0.320   -10.170 1.00 9.58  ? 8   ARG A CB     1 
ATOM   70   C CG     . ARG A 1 8  ? 1.838   -1.058  -9.774  1.00 10.60 ? 8   ARG A CG     1 
ATOM   71   C CD     . ARG A 1 8  ? 3.238   -1.030  -9.235  1.00 12.72 ? 8   ARG A CD     1 
ATOM   72   N NE     . ARG A 1 8  ? 3.650   -2.288  -8.604  1.00 22.14 ? 8   ARG A NE     1 
ATOM   73   C CZ     . ARG A 1 8  ? 4.885   -2.756  -8.799  1.00 23.25 ? 8   ARG A CZ     1 
ATOM   74   N NH1    . ARG A 1 8  ? 5.732   -2.057  -9.578  1.00 25.98 ? 8   ARG A NH1    1 
ATOM   75   N NH2    . ARG A 1 8  ? 5.270   -3.917  -8.227  1.00 23.25 ? 8   ARG A NH2    1 
ATOM   76   N N      . PRO A 1 9  ? -0.720  2.647   -9.329  1.00 12.96 ? 9   PRO A N      1 
ATOM   77   C CA     . PRO A 1 9  ? -0.944  4.069   -9.497  1.00 13.56 ? 9   PRO A CA     1 
ATOM   78   C C      . PRO A 1 9  ? 0.315   4.868   -9.247  1.00 13.75 ? 9   PRO A C      1 
ATOM   79   O O      . PRO A 1 9  ? 0.481   5.404   -8.174  1.00 15.75 ? 9   PRO A O      1 
ATOM   80   C CB     . PRO A 1 9  ? -1.952  4.406   -8.425  1.00 13.18 ? 9   PRO A CB     1 
ATOM   81   C CG     . PRO A 1 9  ? -1.876  3.289   -7.370  1.00 11.29 ? 9   PRO A CG     1 
ATOM   82   C CD     . PRO A 1 9  ? -1.129  2.143   -7.992  1.00 12.85 ? 9   PRO A CD     1 
ATOM   83   N N      . VAL A 1 10 ? 1.211   4.909   -10.233 1.00 18.05 ? 10  VAL A N      1 
ATOM   84   C CA     . VAL A 1 10 ? 2.526   5.570   -10.179 1.00 16.53 ? 10  VAL A CA     1 
ATOM   85   C C      . VAL A 1 10 ? 2.487   6.897   -10.924 1.00 17.77 ? 10  VAL A C      1 
ATOM   86   O O      . VAL A 1 10 ? 1.890   6.931   -11.981 1.00 17.78 ? 10  VAL A O      1 
ATOM   87   C CB     . VAL A 1 10 ? 3.540   4.621   -10.798 1.00 15.12 ? 10  VAL A CB     1 
ATOM   88   C CG1    . VAL A 1 10 ? 4.920   5.255   -10.978 1.00 16.79 ? 10  VAL A CG1    1 
ATOM   89   C CG2    . VAL A 1 10 ? 3.688   3.410   -9.901  1.00 10.66 ? 10  VAL A CG2    1 
ATOM   90   N N      . VAL A 1 11 ? 2.997   7.999   -10.330 1.00 15.53 ? 11  VAL A N      1 
ATOM   91   C CA     . VAL A 1 11 ? 3.016   9.324   -10.947 1.00 14.08 ? 11  VAL A CA     1 
ATOM   92   C C      . VAL A 1 11 ? 4.349   9.975   -10.729 1.00 14.82 ? 11  VAL A C      1 
ATOM   93   O O      . VAL A 1 11 ? 5.126   9.501   -9.905  1.00 14.72 ? 11  VAL A O      1 
ATOM   94   C CB     . VAL A 1 11 ? 1.918   10.272  -10.469 1.00 12.33 ? 11  VAL A CB     1 
ATOM   95   C CG1    . VAL A 1 11 ? 0.566   9.619   -10.588 1.00 11.79 ? 11  VAL A CG1    1 
ATOM   96   C CG2    . VAL A 1 11 ? 2.117   10.634  -9.022  1.00 12.15 ? 11  VAL A CG2    1 
ATOM   97   N N      . THR A 1 12 ? 4.566   11.104  -11.398 1.00 14.88 ? 12  THR A N      1 
ATOM   98   C CA     . THR A 1 12 ? 5.746   11.913  -11.208 1.00 17.38 ? 12  THR A CA     1 
ATOM   99   C C      . THR A 1 12 ? 5.478   13.069  -10.263 1.00 21.14 ? 12  THR A C      1 
ATOM   100  O O      . THR A 1 12 ? 4.506   13.843  -10.447 1.00 21.58 ? 12  THR A O      1 
ATOM   101  C CB     . THR A 1 12 ? 6.322   12.459  -12.504 1.00 17.62 ? 12  THR A CB     1 
ATOM   102  O OG1    . THR A 1 12 ? 6.638   11.355  -13.273 1.00 21.42 ? 12  THR A OG1    1 
ATOM   103  C CG2    . THR A 1 12 ? 7.613   13.199  -12.202 1.00 15.50 ? 12  THR A CG2    1 
ATOM   104  N N      . ALA A 1 13 ? 6.346   13.142  -9.230  1.00 19.72 ? 13  ALA A N      1 
ATOM   105  C CA     . ALA A 1 13 ? 6.343   14.175  -8.234  1.00 16.29 ? 13  ALA A CA     1 
ATOM   106  C C      . ALA A 1 13 ? 7.677   14.910  -8.240  1.00 20.12 ? 13  ALA A C      1 
ATOM   107  O O      . ALA A 1 13 ? 8.732   14.354  -8.628  1.00 17.68 ? 13  ALA A O      1 
ATOM   108  C CB     . ALA A 1 13 ? 6.175   13.546  -6.874  1.00 14.01 ? 13  ALA A CB     1 
ATOM   109  N N      . TYR A 1 14 ? 7.644   16.144  -7.738  1.00 18.59 ? 14  TYR A N      1 
ATOM   110  C CA     . TYR A 1 14 ? 8.885   16.867  -7.551  1.00 19.83 ? 14  TYR A CA     1 
ATOM   111  C C      . TYR A 1 14 ? 9.147   17.024  -6.056  1.00 21.64 ? 14  TYR A C      1 
ATOM   112  O O      . TYR A 1 14 ? 8.297   17.532  -5.351  1.00 21.23 ? 14  TYR A O      1 
ATOM   113  C CB     . TYR A 1 14 ? 8.847   18.227  -8.231  1.00 17.89 ? 14  TYR A CB     1 
ATOM   114  C CG     . TYR A 1 14 ? 8.894   18.068  -9.728  1.00 18.66 ? 14  TYR A CG     1 
ATOM   115  C CD1    . TYR A 1 14 ? 7.785   17.600  -10.425 1.00 17.14 ? 14  TYR A CD1    1 
ATOM   116  C CD2    . TYR A 1 14 ? 10.077  18.317  -10.424 1.00 21.24 ? 14  TYR A CD2    1 
ATOM   117  C CE1    . TYR A 1 14 ? 7.848   17.441  -11.806 1.00 19.11 ? 14  TYR A CE1    1 
ATOM   118  C CE2    . TYR A 1 14 ? 10.161  18.168  -11.809 1.00 19.34 ? 14  TYR A CE2    1 
ATOM   119  C CZ     . TYR A 1 14 ? 9.043   17.691  -12.478 1.00 19.94 ? 14  TYR A CZ     1 
ATOM   120  O OH     . TYR A 1 14 ? 9.088   17.571  -13.838 1.00 26.42 ? 14  TYR A OH     1 
ATOM   121  N N      . ILE A 1 15 ? 10.268  16.496  -5.558  1.00 21.84 ? 15  ILE A N      1 
ATOM   122  C CA     . ILE A 1 15 ? 10.618  16.596  -4.148  1.00 21.13 ? 15  ILE A CA     1 
ATOM   123  C C      . ILE A 1 15 ? 11.785  17.539  -4.066  1.00 25.17 ? 15  ILE A C      1 
ATOM   124  O O      . ILE A 1 15 ? 12.880  17.191  -4.550  1.00 26.52 ? 15  ILE A O      1 
ATOM   125  C CB     . ILE A 1 15 ? 10.944  15.272  -3.485  1.00 18.46 ? 15  ILE A CB     1 
ATOM   126  C CG1    . ILE A 1 15 ? 9.740   14.327  -3.673  1.00 20.15 ? 15  ILE A CG1    1 
ATOM   127  C CG2    . ILE A 1 15 ? 11.223  15.502  -2.013  1.00 14.73 ? 15  ILE A CG2    1 
ATOM   128  C CD1    . ILE A 1 15 ? 9.872   12.925  -3.088  1.00 19.73 ? 15  ILE A CD1    1 
ATOM   129  N N      . GLU A 1 16 ? 11.494  18.756  -3.534  1.00 25.03 ? 16  GLU A N      1 
ATOM   130  C CA     . GLU A 1 16 ? 12.509  19.781  -3.416  1.00 23.41 ? 16  GLU A CA     1 
ATOM   131  C C      . GLU A 1 16 ? 13.139  19.990  -4.770  1.00 22.49 ? 16  GLU A C      1 
ATOM   132  O O      . GLU A 1 16 ? 14.349  19.980  -4.913  1.00 23.63 ? 16  GLU A O      1 
ATOM   133  C CB     . GLU A 1 16 ? 13.587  19.479  -2.322  1.00 23.45 ? 16  GLU A CB     1 
ATOM   134  C CG     . GLU A 1 16 ? 13.043  19.368  -0.860  1.00 21.87 ? 16  GLU A CG     1 
ATOM   135  C CD     . GLU A 1 16 ? 12.772  20.716  -0.221  1.00 22.80 ? 16  GLU A CD     1 
ATOM   136  O OE1    . GLU A 1 16 ? 12.805  21.766  -0.845  1.00 26.84 ? 16  GLU A OE1    1 
ATOM   137  O OE2    . GLU A 1 16 ? 12.356  20.654  1.023   1.00 21.67 ? 16  GLU A OE2    1 
ATOM   138  N N      . GLY A 1 17 ? 12.275  20.092  -5.768  1.00 24.30 ? 17  GLY A N      1 
ATOM   139  C CA     . GLY A 1 17 ? 12.657  20.307  -7.159  1.00 22.71 ? 17  GLY A CA     1 
ATOM   140  C C      . GLY A 1 17 ? 13.006  19.113  -8.044  1.00 21.52 ? 17  GLY A C      1 
ATOM   141  O O      . GLY A 1 17 ? 12.904  19.262  -9.258  1.00 25.26 ? 17  GLY A O      1 
ATOM   142  N N      . GLN A 1 18 ? 13.410  17.994  -7.441  1.00 19.92 ? 18  GLN A N      1 
ATOM   143  C CA     . GLN A 1 18 ? 13.804  16.770  -8.104  1.00 19.17 ? 18  GLN A CA     1 
ATOM   144  C C      . GLN A 1 18 ? 12.668  15.818  -8.480  1.00 19.32 ? 18  GLN A C      1 
ATOM   145  O O      . GLN A 1 18 ? 11.938  15.373  -7.575  1.00 19.32 ? 18  GLN A O      1 
ATOM   146  C CB     . GLN A 1 18 ? 14.732  15.975  -7.195  1.00 22.11 ? 18  GLN A CB     1 
ATOM   147  C CG     . GLN A 1 18 ? 15.865  16.843  -6.619  1.00 26.88 ? 18  GLN A CG     1 
ATOM   148  C CD     . GLN A 1 18 ? 16.293  16.426  -5.226  1.00 29.19 ? 18  GLN A CD     1 
ATOM   149  O OE1    . GLN A 1 18 ? 17.400  15.890  -5.019  1.00 32.22 ? 18  GLN A OE1    1 
ATOM   150  N NE2    . GLN A 1 18 ? 15.398  16.649  -4.258  1.00 30.92 ? 18  GLN A NE2    1 
ATOM   151  N N      . PRO A 1 19 ? 12.602  15.433  -9.789  1.00 18.70 ? 19  PRO A N      1 
ATOM   152  C CA     . PRO A 1 19 ? 11.605  14.501  -10.289 1.00 18.28 ? 19  PRO A CA     1 
ATOM   153  C C      . PRO A 1 19 ? 11.924  13.069  -9.906  1.00 18.56 ? 19  PRO A C      1 
ATOM   154  O O      . PRO A 1 19 ? 13.025  12.558  -10.069 1.00 23.04 ? 19  PRO A O      1 
ATOM   155  C CB     . PRO A 1 19 ? 11.598  14.598  -11.794 1.00 15.06 ? 19  PRO A CB     1 
ATOM   156  C CG     . PRO A 1 19 ? 12.925  15.254  -12.166 1.00 18.01 ? 19  PRO A CG     1 
ATOM   157  C CD     . PRO A 1 19 ? 13.535  15.797  -10.883 1.00 18.00 ? 19  PRO A CD     1 
ATOM   158  N N      . VAL A 1 20 ? 10.894  12.400  -9.407  1.00 21.58 ? 20  VAL A N      1 
ATOM   159  C CA     . VAL A 1 20 ? 10.954  11.032  -8.933  1.00 18.09 ? 20  VAL A CA     1 
ATOM   160  C C      . VAL A 1 20 ? 9.647   10.380  -9.384  1.00 18.28 ? 20  VAL A C      1 
ATOM   161  O O      . VAL A 1 20 ? 8.659   11.070  -9.550  1.00 17.93 ? 20  VAL A O      1 
ATOM   162  C CB     . VAL A 1 20 ? 11.065  11.111  -7.395  1.00 18.09 ? 20  VAL A CB     1 
ATOM   163  C CG1    . VAL A 1 20 ? 10.818  9.821   -6.644  1.00 17.96 ? 20  VAL A CG1    1 
ATOM   164  C CG2    . VAL A 1 20 ? 12.454  11.512  -7.064  1.00 17.87 ? 20  VAL A CG2    1 
ATOM   165  N N      . GLU A 1 21 ? 9.649   9.072   -9.619  1.00 16.75 ? 21  GLU A N      1 
ATOM   166  C CA     . GLU A 1 21 ? 8.425   8.347   -9.947  1.00 16.15 ? 21  GLU A CA     1 
ATOM   167  C C      . GLU A 1 21 ? 7.929   7.780   -8.634  1.00 13.52 ? 21  GLU A C      1 
ATOM   168  O O      . GLU A 1 21 ? 8.752   7.172   -7.953  1.00 13.59 ? 21  GLU A O      1 
ATOM   169  C CB     . GLU A 1 21 ? 8.763   7.179   -10.875 1.00 19.93 ? 21  GLU A CB     1 
ATOM   170  C CG     . GLU A 1 21 ? 7.560   6.777   -11.695 1.00 28.59 ? 21  GLU A CG     1 
ATOM   171  C CD     . GLU A 1 21 ? 7.219   7.840   -12.700 1.00 35.38 ? 21  GLU A CD     1 
ATOM   172  O OE1    . GLU A 1 21 ? 8.297   8.528   -13.033 1.00 40.08 ? 21  GLU A OE1    1 
ATOM   173  O OE2    . GLU A 1 21 ? 6.091   8.063   -13.159 1.00 37.74 ? 21  GLU A OE2    1 
ATOM   174  N N      . VAL A 1 22 ? 6.662   8.008   -8.212  1.00 12.33 ? 22  VAL A N      1 
ATOM   175  C CA     . VAL A 1 22 ? 6.221   7.460   -6.932  1.00 11.98 ? 22  VAL A CA     1 
ATOM   176  C C      . VAL A 1 22 ? 4.950   6.655   -7.035  1.00 11.48 ? 22  VAL A C      1 
ATOM   177  O O      . VAL A 1 22 ? 4.170   6.829   -7.940  1.00 10.83 ? 22  VAL A O      1 
ATOM   178  C CB     . VAL A 1 22 ? 5.976   8.537   -5.898  1.00 15.93 ? 22  VAL A CB     1 
ATOM   179  C CG1    . VAL A 1 22 ? 7.277   9.125   -5.421  1.00 17.42 ? 22  VAL A CG1    1 
ATOM   180  C CG2    . VAL A 1 22 ? 5.069   9.630   -6.450  1.00 14.62 ? 22  VAL A CG2    1 
ATOM   181  N N      . LEU A 1 23 ? 4.712   5.810   -6.046  1.00 10.15 ? 23  LEU A N      1 
ATOM   182  C CA     . LEU A 1 23 ? 3.542   4.965   -6.019  1.00 11.49 ? 23  LEU A CA     1 
ATOM   183  C C      . LEU A 1 23 ? 2.563   5.542   -5.045  1.00 11.67 ? 23  LEU A C      1 
ATOM   184  O O      . LEU A 1 23 ? 2.972   5.837   -3.959  1.00 16.82 ? 23  LEU A O      1 
ATOM   185  C CB     . LEU A 1 23 ? 4.041   3.564   -5.546  1.00 11.95 ? 23  LEU A CB     1 
ATOM   186  C CG     . LEU A 1 23 ? 2.973   2.493   -5.305  1.00 14.37 ? 23  LEU A CG     1 
ATOM   187  C CD1    . LEU A 1 23 ? 2.263   2.193   -6.631  1.00 12.43 ? 23  LEU A CD1    1 
ATOM   188  C CD2    . LEU A 1 23 ? 3.653   1.218   -4.803  1.00 12.91 ? 23  LEU A CD2    1 
ATOM   189  N N      . LEU A 1 24 ? 1.301   5.763   -5.385  1.00 14.08 ? 24  LEU A N      1 
ATOM   190  C CA     . LEU A 1 24 ? 0.299   6.240   -4.425  1.00 10.78 ? 24  LEU A CA     1 
ATOM   191  C C      . LEU A 1 24 ? -0.255  5.031   -3.645  1.00 13.54 ? 24  LEU A C      1 
ATOM   192  O O      . LEU A 1 24 ? -1.000  4.226   -4.205  1.00 16.07 ? 24  LEU A O      1 
ATOM   193  C CB     . LEU A 1 24 ? -0.842  6.957   -5.143  1.00 8.12  ? 24  LEU A CB     1 
ATOM   194  C CG     . LEU A 1 24 ? -0.364  7.941   -6.211  1.00 11.41 ? 24  LEU A CG     1 
ATOM   195  C CD1    . LEU A 1 24 ? -1.518  8.764   -6.766  1.00 9.35  ? 24  LEU A CD1    1 
ATOM   196  C CD2    . LEU A 1 24 ? 0.679   8.891   -5.641  1.00 12.55 ? 24  LEU A CD2    1 
ATOM   197  N N      . ASP A 1 25 ? 0.089   4.925   -2.351  1.00 11.58 ? 25  ASP A N      1 
ATOM   198  C CA     . ASP A 1 25 ? -0.140  3.796   -1.476  1.00 10.08 ? 25  ASP A CA     1 
ATOM   199  C C      . ASP A 1 25 ? -1.014  4.051   -0.251  1.00 10.51 ? 25  ASP A C      1 
ATOM   200  O O      . ASP A 1 25 ? -0.564  4.630   0.734   1.00 15.85 ? 25  ASP A O      1 
ATOM   201  C CB     . ASP A 1 25 ? 1.256   3.352   -1.015  1.00 11.36 ? 25  ASP A CB     1 
ATOM   202  C CG     . ASP A 1 25 ? 1.398   1.918   -0.527  1.00 17.09 ? 25  ASP A CG     1 
ATOM   203  O OD1    . ASP A 1 25 ? 0.295   1.300   -0.230  1.00 16.10 ? 25  ASP A OD1    1 
ATOM   204  O OD2    . ASP A 1 25 ? 2.457   1.388   -0.395  1.00 18.40 ? 25  ASP A OD2    1 
ATOM   205  N N      . THR A 1 26 ? -2.275  3.598   -0.268  1.00 8.15  ? 26  THR A N      1 
ATOM   206  C CA     . THR A 1 26 ? -3.207  3.770   0.866   1.00 7.66  ? 26  THR A CA     1 
ATOM   207  C C      . THR A 1 26 ? -2.815  2.843   2.023   1.00 6.84  ? 26  THR A C      1 
ATOM   208  O O      . THR A 1 26 ? -3.308  2.951   3.108   1.00 8.52  ? 26  THR A O      1 
ATOM   209  C CB     . THR A 1 26 ? -4.649  3.435   0.443   1.00 7.64  ? 26  THR A CB     1 
ATOM   210  O OG1    . THR A 1 26 ? -4.633  2.127   -0.069  1.00 8.64  ? 26  THR A OG1    1 
ATOM   211  C CG2    . THR A 1 26 ? -5.101  4.324   -0.712  1.00 7.24  ? 26  THR A CG2    1 
ATOM   212  N N      . GLY A 1 27 ? -1.911  1.896   1.814   1.00 7.68  ? 27  GLY A N      1 
ATOM   213  C CA     . GLY A 1 27 ? -1.534  0.984   2.894   1.00 9.72  ? 27  GLY A CA     1 
ATOM   214  C C      . GLY A 1 27 ? -0.249  1.376   3.599   1.00 13.71 ? 27  GLY A C      1 
ATOM   215  O O      . GLY A 1 27 ? 0.196   0.757   4.575   1.00 16.48 ? 27  GLY A O      1 
ATOM   216  N N      . ALA A 1 28 ? 0.379   2.428   3.097   1.00 13.57 ? 28  ALA A N      1 
ATOM   217  C CA     . ALA A 1 28 ? 1.551   2.950   3.730   1.00 12.39 ? 28  ALA A CA     1 
ATOM   218  C C      . ALA A 1 28 ? 1.136   4.138   4.609   1.00 12.49 ? 28  ALA A C      1 
ATOM   219  O O      . ALA A 1 28 ? 0.512   5.067   4.100   1.00 11.90 ? 28  ALA A O      1 
ATOM   220  C CB     . ALA A 1 28 ? 2.508   3.319   2.624   1.00 13.52 ? 28  ALA A CB     1 
ATOM   221  N N      . ASP A 1 29 ? 1.479   4.118   5.921   1.00 14.18 ? 29  ASP A N      1 
ATOM   222  C CA     . ASP A 1 29 ? 1.177   5.176   6.860   1.00 13.82 ? 29  ASP A CA     1 
ATOM   223  C C      . ASP A 1 29 ? 2.020   6.399   6.624   1.00 18.29 ? 29  ASP A C      1 
ATOM   224  O O      . ASP A 1 29 ? 1.539   7.538   6.736   1.00 19.41 ? 29  ASP A O      1 
ATOM   225  C CB     . ASP A 1 29 ? 1.378   4.707   8.294   1.00 15.53 ? 29  ASP A CB     1 
ATOM   226  C CG     . ASP A 1 29 ? 0.530   3.541   8.700   1.00 16.49 ? 29  ASP A CG     1 
ATOM   227  O OD1    . ASP A 1 29 ? -0.611  3.423   8.341   1.00 18.13 ? 29  ASP A OD1    1 
ATOM   228  O OD2    . ASP A 1 29 ? 1.075   2.756   9.624   1.00 17.87 ? 29  ASP A OD2    1 
ATOM   229  N N      . ASP A 1 30 ? 3.276   6.145   6.259   1.00 18.70 ? 30  ASP A N      1 
ATOM   230  C CA     . ASP A 1 30 ? 4.297   7.156   5.979   1.00 20.82 ? 30  ASP A CA     1 
ATOM   231  C C      . ASP A 1 30 ? 4.879   7.081   4.561   1.00 19.81 ? 30  ASP A C      1 
ATOM   232  O O      . ASP A 1 30 ? 4.452   6.263   3.757   1.00 18.88 ? 30  ASP A O      1 
ATOM   233  C CB     . ASP A 1 30 ? 5.404   7.089   7.037   1.00 24.94 ? 30  ASP A CB     1 
ATOM   234  C CG     . ASP A 1 30 ? 4.838   7.259   8.443   1.00 28.66 ? 30  ASP A CG     1 
ATOM   235  O OD1    . ASP A 1 30 ? 4.022   8.126   8.793   1.00 29.07 ? 30  ASP A OD1    1 
ATOM   236  O OD2    . ASP A 1 30 ? 5.303   6.353   9.261   1.00 31.86 ? 30  ASP A OD2    1 
ATOM   237  N N      . SER A 1 31 ? 5.842   7.955   4.228   1.00 19.31 ? 31  SER A N      1 
ATOM   238  C CA     . SER A 1 31 ? 6.368   8.028   2.854   1.00 17.47 ? 31  SER A CA     1 
ATOM   239  C C      . SER A 1 31 ? 7.843   7.799   2.786   1.00 18.67 ? 31  SER A C      1 
ATOM   240  O O      . SER A 1 31 ? 8.578   8.214   3.675   1.00 20.82 ? 31  SER A O      1 
ATOM   241  C CB     . SER A 1 31 ? 6.064   9.329   2.195   1.00 14.68 ? 31  SER A CB     1 
ATOM   242  O OG     . SER A 1 31 ? 4.675   9.454   2.060   1.00 18.91 ? 31  SER A OG     1 
ATOM   243  N N      . ILE A 1 32 ? 8.254   7.063   1.787   1.00 16.71 ? 32  ILE A N      1 
ATOM   244  C CA     . ILE A 1 32 ? 9.649   6.739   1.721   1.00 15.89 ? 32  ILE A CA     1 
ATOM   245  C C      . ILE A 1 32 ? 10.104  6.742   0.316   1.00 19.55 ? 32  ILE A C      1 
ATOM   246  O O      . ILE A 1 32 ? 9.438   6.204   -0.557  1.00 18.49 ? 32  ILE A O      1 
ATOM   247  C CB     . ILE A 1 32 ? 10.062  5.504   2.526   1.00 16.78 ? 32  ILE A CB     1 
ATOM   248  C CG1    . ILE A 1 32 ? 11.526  5.117   2.373   1.00 13.58 ? 32  ILE A CG1    1 
ATOM   249  C CG2    . ILE A 1 32 ? 9.168   4.310   2.298   1.00 17.01 ? 32  ILE A CG2    1 
ATOM   250  C CD1    . ILE A 1 32 ? 11.892  4.181   3.509   1.00 15.55 ? 32  ILE A CD1    1 
ATOM   251  N N      . VAL A 1 33 ? 11.192  7.453   0.125   1.00 20.35 ? 33  VAL A N      1 
ATOM   252  C CA     . VAL A 1 33 ? 11.766  7.706   -1.167  1.00 19.99 ? 33  VAL A CA     1 
ATOM   253  C C      . VAL A 1 33 ? 13.247  7.345   -1.177  1.00 20.74 ? 33  VAL A C      1 
ATOM   254  O O      . VAL A 1 33 ? 13.938  7.385   -0.182  1.00 24.92 ? 33  VAL A O      1 
ATOM   255  C CB     . VAL A 1 33 ? 11.442  9.170   -1.535  1.00 18.24 ? 33  VAL A CB     1 
ATOM   256  C CG1    . VAL A 1 33 ? 12.313  9.745   -2.621  1.00 18.97 ? 33  VAL A CG1    1 
ATOM   257  C CG2    . VAL A 1 33 ? 9.992   9.244   -2.016  1.00 19.89 ? 33  VAL A CG2    1 
ATOM   258  N N      . ALA A 1 34 ? 13.713  6.843   -2.272  1.00 21.70 ? 34  ALA A N      1 
ATOM   259  C CA     . ALA A 1 34 ? 15.126  6.545   -2.386  1.00 23.63 ? 34  ALA A CA     1 
ATOM   260  C C      . ALA A 1 34 ? 15.749  7.327   -3.564  1.00 22.64 ? 34  ALA A C      1 
ATOM   261  O O      . ALA A 1 34 ? 15.085  7.877   -4.480  1.00 22.99 ? 34  ALA A O      1 
ATOM   262  C CB     . ALA A 1 34 ? 15.380  5.055   -2.481  1.00 19.99 ? 34  ALA A CB     1 
ATOM   263  N N      . GLY A 1 35 ? 17.044  7.484   -3.470  1.00 25.42 ? 35  GLY A N      1 
ATOM   264  C CA     . GLY A 1 35 ? 17.801  8.102   -4.533  1.00 27.02 ? 35  GLY A CA     1 
ATOM   265  C C      . GLY A 1 35 ? 17.851  9.597   -4.525  1.00 28.18 ? 35  GLY A C      1 
ATOM   266  O O      . GLY A 1 35 ? 18.201  10.174  -5.538  1.00 32.72 ? 35  GLY A O      1 
ATOM   267  N N      . ILE A 1 36 ? 17.446  10.239  -3.431  1.00 27.43 ? 36  ILE A N      1 
ATOM   268  C CA     . ILE A 1 36 ? 17.485  11.690  -3.417  1.00 25.19 ? 36  ILE A CA     1 
ATOM   269  C C      . ILE A 1 36 ? 18.131  12.087  -2.125  1.00 26.74 ? 36  ILE A C      1 
ATOM   270  O O      . ILE A 1 36 ? 17.941  11.392  -1.120  1.00 30.68 ? 36  ILE A O      1 
ATOM   271  C CB     . ILE A 1 36 ? 16.121  12.366  -3.494  1.00 24.95 ? 36  ILE A CB     1 
ATOM   272  C CG1    . ILE A 1 36 ? 15.237  11.931  -2.357  1.00 26.76 ? 36  ILE A CG1    1 
ATOM   273  C CG2    . ILE A 1 36 ? 15.396  12.201  -4.816  1.00 25.31 ? 36  ILE A CG2    1 
ATOM   274  C CD1    . ILE A 1 36 ? 13.826  12.483  -2.531  1.00 26.80 ? 36  ILE A CD1    1 
ATOM   275  N N      . GLU A 1 37 ? 18.897  13.191  -2.164  1.00 29.09 ? 37  GLU A N      1 
ATOM   276  C CA     . GLU A 1 37 ? 19.586  13.736  -0.990  1.00 27.73 ? 37  GLU A CA     1 
ATOM   277  C C      . GLU A 1 37 ? 18.781  14.866  -0.479  1.00 23.64 ? 37  GLU A C      1 
ATOM   278  O O      . GLU A 1 37 ? 18.596  15.825  -1.229  1.00 21.46 ? 37  GLU A O      1 
ATOM   279  C CB     . GLU A 1 37 ? 20.964  14.245  -1.431  1.00 31.93 ? 37  GLU A CB     1 
ATOM   280  C CG     . GLU A 1 37 ? 21.857  13.061  -1.849  1.00 35.16 ? 37  GLU A CG     1 
ATOM   281  C CD     . GLU A 1 37 ? 22.134  12.082  -0.702  1.00 36.10 ? 37  GLU A CD     1 
ATOM   282  O OE1    . GLU A 1 37 ? 22.590  12.452  0.399   1.00 36.42 ? 37  GLU A OE1    1 
ATOM   283  O OE2    . GLU A 1 37 ? 21.866  10.815  -1.036  1.00 34.53 ? 37  GLU A OE2    1 
ATOM   284  N N      . LEU A 1 38 ? 18.214  14.725  0.722   1.00 24.01 ? 38  LEU A N      1 
ATOM   285  C CA     . LEU A 1 38 ? 17.328  15.793  1.164   1.00 25.04 ? 38  LEU A CA     1 
ATOM   286  C C      . LEU A 1 38 ? 17.969  16.938  1.908   1.00 26.25 ? 38  LEU A C      1 
ATOM   287  O O      . LEU A 1 38 ? 17.476  18.049  1.849   1.00 28.60 ? 38  LEU A O      1 
ATOM   288  C CB     . LEU A 1 38 ? 16.079  15.313  1.908   1.00 24.28 ? 38  LEU A CB     1 
ATOM   289  C CG     . LEU A 1 38 ? 14.969  14.877  0.957   1.00 23.07 ? 38  LEU A CG     1 
ATOM   290  C CD1    . LEU A 1 38 ? 13.905  14.115  1.743   1.00 21.06 ? 38  LEU A CD1    1 
ATOM   291  C CD2    . LEU A 1 38 ? 14.381  16.090  0.259   1.00 20.71 ? 38  LEU A CD2    1 
ATOM   292  N N      . GLY A 1 39 ? 19.057  16.648  2.606   1.00 28.93 ? 39  GLY A N      1 
ATOM   293  C CA     . GLY A 1 39 ? 19.780  17.592  3.422   1.00 30.26 ? 39  GLY A CA     1 
ATOM   294  C C      . GLY A 1 39 ? 20.346  16.905  4.669   1.00 31.85 ? 39  GLY A C      1 
ATOM   295  O O      . GLY A 1 39 ? 20.357  15.673  4.828   1.00 31.54 ? 39  GLY A O      1 
ATOM   296  N N      . ASN A 1 40 ? 20.802  17.735  5.584   1.00 32.51 ? 40  ASN A N      1 
ATOM   297  C CA     . ASN A 1 40 ? 21.416  17.292  6.812   1.00 28.24 ? 40  ASN A CA     1 
ATOM   298  C C      . ASN A 1 40 ? 20.486  17.248  7.982   1.00 25.28 ? 40  ASN A C      1 
ATOM   299  O O      . ASN A 1 40 ? 20.776  16.709  9.071   1.00 22.43 ? 40  ASN A O      1 
ATOM   300  C CB     . ASN A 1 40 ? 22.553  18.220  7.195   1.00 32.99 ? 40  ASN A CB     1 
ATOM   301  C CG     . ASN A 1 40 ? 23.713  17.319  7.413   1.00 36.32 ? 40  ASN A CG     1 
ATOM   302  O OD1    . ASN A 1 40 ? 24.196  16.721  6.413   1.00 38.34 ? 40  ASN A OD1    1 
ATOM   303  N ND2    . ASN A 1 40 ? 23.883  16.953  8.700   1.00 36.00 ? 40  ASN A ND2    1 
ATOM   304  N N      . ASN A 1 41 ? 19.368  17.836  7.761   1.00 23.08 ? 41  ASN A N      1 
ATOM   305  C CA     . ASN A 1 41 ? 18.515  17.893  8.852   1.00 22.99 ? 41  ASN A CA     1 
ATOM   306  C C      . ASN A 1 41 ? 17.651  16.681  8.976   1.00 19.42 ? 41  ASN A C      1 
ATOM   307  O O      . ASN A 1 41 ? 16.505  16.758  8.588   1.00 24.34 ? 41  ASN A O      1 
ATOM   308  C CB     . ASN A 1 41 ? 17.736  19.221  8.823   1.00 24.69 ? 41  ASN A CB     1 
ATOM   309  C CG     . ASN A 1 41 ? 18.017  19.886  10.136  1.00 27.73 ? 41  ASN A CG     1 
ATOM   310  O OD1    . ASN A 1 41 ? 19.189  19.843  10.575  1.00 31.05 ? 41  ASN A OD1    1 
ATOM   311  N ND2    . ASN A 1 41 ? 16.946  20.157  10.902  1.00 29.63 ? 41  ASN A ND2    1 
ATOM   312  N N      . TYR A 1 42 ? 18.126  15.611  9.610   1.00 21.45 ? 42  TYR A N      1 
ATOM   313  C CA     . TYR A 1 42 ? 17.268  14.432  9.775   1.00 21.66 ? 42  TYR A CA     1 
ATOM   314  C C      . TYR A 1 42 ? 17.459  13.770  11.112  1.00 22.27 ? 42  TYR A C      1 
ATOM   315  O O      . TYR A 1 42 ? 18.485  14.004  11.751  1.00 28.44 ? 42  TYR A O      1 
ATOM   316  C CB     . TYR A 1 42 ? 17.543  13.382  8.658   1.00 21.61 ? 42  TYR A CB     1 
ATOM   317  C CG     . TYR A 1 42 ? 18.896  12.744  8.843   1.00 22.79 ? 42  TYR A CG     1 
ATOM   318  C CD1    . TYR A 1 42 ? 19.049  11.680  9.738   1.00 26.59 ? 42  TYR A CD1    1 
ATOM   319  C CD2    . TYR A 1 42 ? 20.029  13.207  8.166   1.00 22.27 ? 42  TYR A CD2    1 
ATOM   320  C CE1    . TYR A 1 42 ? 20.290  11.091  9.988   1.00 26.62 ? 42  TYR A CE1    1 
ATOM   321  C CE2    . TYR A 1 42 ? 21.284  12.630  8.402   1.00 23.75 ? 42  TYR A CE2    1 
ATOM   322  C CZ     . TYR A 1 42 ? 21.419  11.589  9.329   1.00 24.58 ? 42  TYR A CZ     1 
ATOM   323  O OH     . TYR A 1 42 ? 22.636  10.965  9.554   1.00 24.91 ? 42  TYR A OH     1 
ATOM   324  N N      . SER A 1 43 ? 16.505  12.882  11.435  1.00 22.93 ? 43  SER A N      1 
ATOM   325  C CA     . SER A 1 43 ? 16.456  11.956  12.553  1.00 23.23 ? 43  SER A CA     1 
ATOM   326  C C      . SER A 1 43 ? 16.362  10.625  11.913  1.00 24.82 ? 43  SER A C      1 
ATOM   327  O O      . SER A 1 43 ? 15.744  10.466  10.873  1.00 24.74 ? 43  SER A O      1 
ATOM   328  C CB     . SER A 1 43 ? 15.206  12.012  13.379  1.00 22.32 ? 43  SER A CB     1 
ATOM   329  O OG     . SER A 1 43 ? 14.979  13.356  13.616  1.00 26.23 ? 43  SER A OG     1 
ATOM   330  N N      . PRO A 1 44 ? 17.036  9.691   12.508  1.00 25.02 ? 44  PRO A N      1 
ATOM   331  C CA     . PRO A 1 44 ? 17.014  8.386   11.951  1.00 21.70 ? 44  PRO A CA     1 
ATOM   332  C C      . PRO A 1 44 ? 15.844  7.720   12.572  1.00 21.98 ? 44  PRO A C      1 
ATOM   333  O O      . PRO A 1 44 ? 15.675  7.873   13.791  1.00 22.88 ? 44  PRO A O      1 
ATOM   334  C CB     . PRO A 1 44 ? 18.292  7.721   12.438  1.00 26.49 ? 44  PRO A CB     1 
ATOM   335  C CG     . PRO A 1 44 ? 19.052  8.706   13.323  1.00 26.58 ? 44  PRO A CG     1 
ATOM   336  C CD     . PRO A 1 44 ? 18.164  9.916   13.471  1.00 23.67 ? 44  PRO A CD     1 
ATOM   337  N N      . LYS A 1 45 ? 15.033  7.078   11.718  1.00 22.38 ? 45  LYS A N      1 
ATOM   338  C CA     . LYS A 1 45 ? 13.873  6.255   12.083  1.00 22.95 ? 45  LYS A CA     1 
ATOM   339  C C      . LYS A 1 45 ? 14.037  4.787   11.625  1.00 23.59 ? 45  LYS A C      1 
ATOM   340  O O      . LYS A 1 45 ? 14.826  4.472   10.717  1.00 27.61 ? 45  LYS A O      1 
ATOM   341  C CB     . LYS A 1 45 ? 12.595  6.801   11.500  1.00 23.56 ? 45  LYS A CB     1 
ATOM   342  C CG     . LYS A 1 45 ? 12.242  8.170   12.044  1.00 27.59 ? 45  LYS A CG     1 
ATOM   343  C CD     . LYS A 1 45 ? 12.332  8.263   13.564  1.00 30.32 ? 45  LYS A CD     1 
ATOM   344  C CE     . LYS A 1 45 ? 12.015  9.655   14.118  1.00 33.11 ? 45  LYS A CE     1 
ATOM   345  N NZ     . LYS A 1 45 ? 12.368  9.793   15.554  1.00 34.88 ? 45  LYS A NZ     1 
ATOM   346  N N      . ILE A 1 46 ? 13.264  3.893   12.259  1.00 24.98 ? 46  ILE A N      1 
ATOM   347  C CA     . ILE A 1 46 ? 13.164  2.465   11.912  1.00 25.42 ? 46  ILE A CA     1 
ATOM   348  C C      . ILE A 1 46 ? 11.808  2.233   11.227  1.00 25.02 ? 46  ILE A C      1 
ATOM   349  O O      . ILE A 1 46 ? 10.807  2.822   11.611  1.00 24.01 ? 46  ILE A O      1 
ATOM   350  C CB     . ILE A 1 46 ? 13.318  1.594   13.169  1.00 26.81 ? 46  ILE A CB     1 
ATOM   351  C CG1    . ILE A 1 46 ? 14.507  0.677   13.020  1.00 28.64 ? 46  ILE A CG1    1 
ATOM   352  C CG2    . ILE A 1 46 ? 12.063  0.809   13.540  1.00 26.57 ? 46  ILE A CG2    1 
ATOM   353  C CD1    . ILE A 1 46 ? 15.770  1.489   12.718  1.00 29.65 ? 46  ILE A CD1    1 
ATOM   354  N N      . VAL A 1 47 ? 11.759  1.456   10.152  1.00 24.83 ? 47  VAL A N      1 
ATOM   355  C CA     . VAL A 1 47 ? 10.480  1.304   9.464   1.00 23.07 ? 47  VAL A CA     1 
ATOM   356  C C      . VAL A 1 47 ? 10.313  -0.109  9.023   1.00 20.25 ? 47  VAL A C      1 
ATOM   357  O O      . VAL A 1 47 ? 11.235  -0.646  8.391   1.00 18.44 ? 47  VAL A O      1 
ATOM   358  C CB     . VAL A 1 47 ? 10.226  2.274   8.278   1.00 24.83 ? 47  VAL A CB     1 
ATOM   359  C CG1    . VAL A 1 47 ? 8.719   2.459   8.074   1.00 26.51 ? 47  VAL A CG1    1 
ATOM   360  C CG2    . VAL A 1 47 ? 10.862  3.658   8.471   1.00 24.71 ? 47  VAL A CG2    1 
ATOM   361  N N      . GLY A 1 48 ? 9.126   -0.624  9.397   1.00 21.06 ? 48  GLY A N      1 
ATOM   362  C CA     . GLY A 1 48 ? 8.599   -1.972  9.248   1.00 19.25 ? 48  GLY A CA     1 
ATOM   363  C C      . GLY A 1 48 ? 7.728   -2.190  8.028   1.00 19.37 ? 48  GLY A C      1 
ATOM   364  O O      . GLY A 1 48 ? 6.773   -1.485  7.711   1.00 19.43 ? 48  GLY A O      1 
ATOM   365  N N      . GLY A 1 49 ? 8.083   -3.214  7.325   1.00 16.79 ? 49  GLY A N      1 
ATOM   366  C CA     . GLY A 1 49 ? 7.369   -3.578  6.169   1.00 20.49 ? 49  GLY A CA     1 
ATOM   367  C C      . GLY A 1 49 ? 7.117   -5.053  6.248   1.00 19.40 ? 49  GLY A C      1 
ATOM   368  O O      . GLY A 1 49 ? 7.319   -5.666  7.287   1.00 21.05 ? 49  GLY A O      1 
ATOM   369  N N      . ILE A 1 50 ? 6.721   -5.614  5.120   1.00 20.59 ? 50  ILE A N      1 
ATOM   370  C CA     . ILE A 1 50 ? 6.415   -7.013  5.046   1.00 21.67 ? 50  ILE A CA     1 
ATOM   371  C C      . ILE A 1 50 ? 7.571   -7.921  5.370   1.00 24.01 ? 50  ILE A C      1 
ATOM   372  O O      . ILE A 1 50 ? 7.345   -8.900  6.083   1.00 27.00 ? 50  ILE A O      1 
ATOM   373  C CB     . ILE A 1 50 ? 5.636   -7.422  3.789   1.00 20.40 ? 50  ILE A CB     1 
ATOM   374  C CG1    . ILE A 1 50 ? 4.383   -8.180  4.215   1.00 17.62 ? 50  ILE A CG1    1 
ATOM   375  C CG2    . ILE A 1 50 ? 6.508   -8.285  2.873   1.00 20.12 ? 50  ILE A CG2    1 
ATOM   376  C CD1    . ILE A 1 50 ? 3.242   -8.079  3.204   1.00 20.96 ? 50  ILE A CD1    1 
ATOM   377  N N      . GLY A 1 51 ? 8.775   -7.614  4.846   1.00 22.82 ? 51  GLY A N      1 
ATOM   378  C CA     . GLY A 1 51 ? 9.918   -8.472  5.063   1.00 22.40 ? 51  GLY A CA     1 
ATOM   379  C C      . GLY A 1 51 ? 10.651  -8.256  6.385   1.00 21.07 ? 51  GLY A C      1 
ATOM   380  O O      . GLY A 1 51 ? 11.202  -9.191  6.991   1.00 21.50 ? 51  GLY A O      1 
ATOM   381  N N      . GLY A 1 52 ? 10.722  -7.029  6.837   1.00 20.46 ? 52  GLY A N      1 
ATOM   382  C CA     . GLY A 1 52 ? 11.459  -6.825  8.046   1.00 23.02 ? 52  GLY A CA     1 
ATOM   383  C C      . GLY A 1 52 ? 11.566  -5.370  8.324   1.00 25.86 ? 52  GLY A C      1 
ATOM   384  O O      . GLY A 1 52 ? 10.632  -4.704  7.990   1.00 26.72 ? 52  GLY A O      1 
ATOM   385  N N      . PHE A 1 53 ? 12.680  -4.887  8.936   1.00 26.48 ? 53  PHE A N      1 
ATOM   386  C CA     . PHE A 1 53 ? 12.806  -3.467  9.275   1.00 25.07 ? 53  PHE A CA     1 
ATOM   387  C C      . PHE A 1 53 ? 13.876  -2.797  8.519   1.00 23.85 ? 53  PHE A C      1 
ATOM   388  O O      . PHE A 1 53 ? 14.847  -3.453  8.192   1.00 25.87 ? 53  PHE A O      1 
ATOM   389  C CB     . PHE A 1 53 ? 13.140  -3.257  10.762  1.00 25.08 ? 53  PHE A CB     1 
ATOM   390  C CG     . PHE A 1 53 ? 11.883  -3.409  11.552  1.00 26.61 ? 53  PHE A CG     1 
ATOM   391  C CD1    . PHE A 1 53 ? 11.388  -4.675  11.849  1.00 26.79 ? 53  PHE A CD1    1 
ATOM   392  C CD2    . PHE A 1 53 ? 11.100  -2.293  11.849  1.00 28.04 ? 53  PHE A CD2    1 
ATOM   393  C CE1    . PHE A 1 53 ? 10.173  -4.802  12.521  1.00 27.15 ? 53  PHE A CE1    1 
ATOM   394  C CE2    . PHE A 1 53 ? 9.886   -2.412  12.527  1.00 28.88 ? 53  PHE A CE2    1 
ATOM   395  C CZ     . PHE A 1 53 ? 9.415   -3.680  12.853  1.00 27.50 ? 53  PHE A CZ     1 
ATOM   396  N N      . ILE A 1 54 ? 13.723  -1.492  8.292   1.00 24.24 ? 54  ILE A N      1 
ATOM   397  C CA     . ILE A 1 54 ? 14.772  -0.733  7.647   1.00 21.84 ? 54  ILE A CA     1 
ATOM   398  C C      . ILE A 1 54 ? 15.115  0.544   8.422   1.00 23.21 ? 54  ILE A C      1 
ATOM   399  O O      . ILE A 1 54 ? 14.286  1.131   9.110   1.00 26.27 ? 54  ILE A O      1 
ATOM   400  C CB     . ILE A 1 54 ? 14.554  -0.461  6.155   1.00 19.92 ? 54  ILE A CB     1 
ATOM   401  C CG1    . ILE A 1 54 ? 13.425  0.509   5.927   1.00 19.80 ? 54  ILE A CG1    1 
ATOM   402  C CG2    . ILE A 1 54 ? 14.303  -1.707  5.310   1.00 19.27 ? 54  ILE A CG2    1 
ATOM   403  C CD1    . ILE A 1 54 ? 13.479  0.990   4.487   1.00 22.28 ? 54  ILE A CD1    1 
ATOM   404  N N      . ASN A 1 55 ? 16.354  0.986   8.302   1.00 23.39 ? 55  ASN A N      1 
ATOM   405  C CA     . ASN A 1 55 ? 16.790  2.227   8.869   1.00 22.77 ? 55  ASN A CA     1 
ATOM   406  C C      . ASN A 1 55 ? 16.472  3.268   7.858   1.00 24.69 ? 55  ASN A C      1 
ATOM   407  O O      . ASN A 1 55 ? 16.782  3.048   6.701   1.00 27.73 ? 55  ASN A O      1 
ATOM   408  C CB     . ASN A 1 55 ? 18.313  2.242   8.845   1.00 27.72 ? 55  ASN A CB     1 
ATOM   409  C CG     . ASN A 1 55 ? 18.886  1.422   9.953   1.00 34.10 ? 55  ASN A CG     1 
ATOM   410  O OD1    . ASN A 1 55 ? 18.181  1.150   10.979  1.00 36.59 ? 55  ASN A OD1    1 
ATOM   411  N ND2    . ASN A 1 55 ? 20.172  1.056   9.763   1.00 35.10 ? 55  ASN A ND2    1 
ATOM   412  N N      . THR A 1 56 ? 15.987  4.440   8.269   1.00 26.31 ? 56  THR A N      1 
ATOM   413  C CA     . THR A 1 56 ? 15.678  5.523   7.347   1.00 21.83 ? 56  THR A CA     1 
ATOM   414  C C      . THR A 1 56 ? 16.146  6.855   7.941   1.00 21.27 ? 56  THR A C      1 
ATOM   415  O O      . THR A 1 56 ? 16.478  6.961   9.100   1.00 19.40 ? 56  THR A O      1 
ATOM   416  C CB     . THR A 1 56 ? 14.130  5.625   7.190   1.00 25.10 ? 56  THR A CB     1 
ATOM   417  O OG1    . THR A 1 56 ? 13.536  5.709   8.496   1.00 22.62 ? 56  THR A OG1    1 
ATOM   418  C CG2    . THR A 1 56 ? 13.514  4.468   6.388   1.00 20.31 ? 56  THR A CG2    1 
ATOM   419  N N      . LYS A 1 57 ? 16.095  7.907   7.139   1.00 21.97 ? 57  LYS A N      1 
ATOM   420  C CA     . LYS A 1 57 ? 16.302  9.263   7.575   1.00 20.89 ? 57  LYS A CA     1 
ATOM   421  C C      . LYS A 1 57 ? 15.024  10.051  7.371   1.00 21.25 ? 57  LYS A C      1 
ATOM   422  O O      . LYS A 1 57 ? 14.537  10.141  6.237   1.00 23.27 ? 57  LYS A O      1 
ATOM   423  C CB     . LYS A 1 57 ? 17.425  9.941   6.850   1.00 18.72 ? 57  LYS A CB     1 
ATOM   424  C CG     . LYS A 1 57 ? 18.645  9.083   6.913   1.00 19.33 ? 57  LYS A CG     1 
ATOM   425  C CD     . LYS A 1 57 ? 19.797  9.723   6.230   1.00 22.66 ? 57  LYS A CD     1 
ATOM   426  C CE     . LYS A 1 57 ? 20.874  8.708   5.993   1.00 27.32 ? 57  LYS A CE     1 
ATOM   427  N NZ     . LYS A 1 57 ? 21.944  9.263   5.138   1.00 33.20 ? 57  LYS A NZ     1 
ATOM   428  N N      . GLU A 1 58 ? 14.485  10.578  8.468   1.00 18.72 ? 58  GLU A N      1 
ATOM   429  C CA     . GLU A 1 58 ? 13.293  11.379  8.420   1.00 16.60 ? 58  GLU A CA     1 
ATOM   430  C C      . GLU A 1 58 ? 13.522  12.892  8.244   1.00 19.03 ? 58  GLU A C      1 
ATOM   431  O O      . GLU A 1 58 ? 14.305  13.531  8.947   1.00 18.80 ? 58  GLU A O      1 
ATOM   432  C CB     . GLU A 1 58 ? 12.370  11.027  9.576   1.00 17.31 ? 58  GLU A CB     1 
ATOM   433  C CG     . GLU A 1 58 ? 10.951  11.614  9.450   1.00 19.85 ? 58  GLU A CG     1 
ATOM   434  C CD     . GLU A 1 58 ? 10.232  11.568  10.777  1.00 23.69 ? 58  GLU A CD     1 
ATOM   435  O OE1    . GLU A 1 58 ? 10.680  11.977  11.847  1.00 23.52 ? 58  GLU A OE1    1 
ATOM   436  O OE2    . GLU A 1 58 ? 9.088   10.978  10.668  1.00 26.69 ? 58  GLU A OE2    1 
ATOM   437  N N      . TYR A 1 59 ? 12.819  13.464  7.259   1.00 17.87 ? 59  TYR A N      1 
ATOM   438  C CA     . TYR A 1 59 ? 12.868  14.872  6.907   1.00 16.89 ? 59  TYR A CA     1 
ATOM   439  C C      . TYR A 1 59 ? 11.491  15.458  7.131   1.00 18.76 ? 59  TYR A C      1 
ATOM   440  O O      . TYR A 1 59 ? 10.492  14.843  6.842   1.00 18.87 ? 59  TYR A O      1 
ATOM   441  C CB     . TYR A 1 59 ? 13.354  15.094  5.456   1.00 16.09 ? 59  TYR A CB     1 
ATOM   442  C CG     . TYR A 1 59 ? 14.810  14.678  5.249   1.00 20.91 ? 59  TYR A CG     1 
ATOM   443  C CD1    . TYR A 1 59 ? 15.129  13.361  4.892   1.00 23.36 ? 59  TYR A CD1    1 
ATOM   444  C CD2    . TYR A 1 59 ? 15.864  15.589  5.414   1.00 21.23 ? 59  TYR A CD2    1 
ATOM   445  C CE1    . TYR A 1 59 ? 16.467  12.982  4.771   1.00 23.44 ? 59  TYR A CE1    1 
ATOM   446  C CE2    . TYR A 1 59 ? 17.206  15.235  5.300   1.00 21.00 ? 59  TYR A CE2    1 
ATOM   447  C CZ     . TYR A 1 59 ? 17.487  13.929  4.907   1.00 24.73 ? 59  TYR A CZ     1 
ATOM   448  O OH     . TYR A 1 59 ? 18.794  13.579  4.754   1.00 27.33 ? 59  TYR A OH     1 
ATOM   449  N N      . LYS A 1 60 ? 11.428  16.593  7.787   1.00 17.10 ? 60  LYS A N      1 
ATOM   450  C CA     . LYS A 1 60 ? 10.161  17.181  8.087   1.00 16.48 ? 60  LYS A CA     1 
ATOM   451  C C      . LYS A 1 60 ? 10.028  18.383  7.148   1.00 17.69 ? 60  LYS A C      1 
ATOM   452  O O      . LYS A 1 60 ? 11.010  18.823  6.579   1.00 16.50 ? 60  LYS A O      1 
ATOM   453  C CB     . LYS A 1 60 ? 10.143  17.521  9.576   1.00 16.33 ? 60  LYS A CB     1 
ATOM   454  C CG     . LYS A 1 60 ? 9.639   16.367  10.458  1.00 19.30 ? 60  LYS A CG     1 
ATOM   455  C CD     . LYS A 1 60 ? 10.389  16.080  11.779  1.00 24.56 ? 60  LYS A CD     1 
ATOM   456  C CE     . LYS A 1 60 ? 11.887  15.646  11.671  1.00 29.15 ? 60  LYS A CE     1 
ATOM   457  N NZ     . LYS A 1 60 ? 12.226  14.225  11.996  1.00 26.39 ? 60  LYS A NZ     1 
ATOM   458  N N      . ASN A 1 61 ? 8.831   18.829  6.872   1.00 18.57 ? 61  ASN A N      1 
ATOM   459  C CA     . ASN A 1 61 ? 8.573   19.971  6.009   1.00 20.19 ? 61  ASN A CA     1 
ATOM   460  C C      . ASN A 1 61 ? 9.259   20.019  4.681   1.00 18.85 ? 61  ASN A C      1 
ATOM   461  O O      . ASN A 1 61 ? 9.678   21.075  4.242   1.00 22.09 ? 61  ASN A O      1 
ATOM   462  C CB     . ASN A 1 61 ? 8.405   21.344  6.687   1.00 21.68 ? 61  ASN A CB     1 
ATOM   463  C CG     . ASN A 1 61 ? 7.526   21.288  7.933   1.00 25.36 ? 61  ASN A CG     1 
ATOM   464  O OD1    . ASN A 1 61 ? 6.257   21.336  7.827   1.00 31.15 ? 61  ASN A OD1    1 
ATOM   465  N ND2    . ASN A 1 61 ? 8.172   21.155  9.108   1.00 21.87 ? 61  ASN A ND2    1 
ATOM   466  N N      . VAL A 1 62 ? 9.296   18.871  4.012   1.00 18.56 ? 62  VAL A N      1 
ATOM   467  C CA     . VAL A 1 62 ? 9.818   18.743  2.654   1.00 16.86 ? 62  VAL A CA     1 
ATOM   468  C C      . VAL A 1 62 ? 8.750   19.219  1.701   1.00 15.88 ? 62  VAL A C      1 
ATOM   469  O O      . VAL A 1 62 ? 7.567   18.866  1.839   1.00 15.56 ? 62  VAL A O      1 
ATOM   470  C CB     . VAL A 1 62 ? 10.155  17.272  2.352   1.00 15.13 ? 62  VAL A CB     1 
ATOM   471  C CG1    . VAL A 1 62 ? 10.749  17.049  0.964   1.00 14.12 ? 62  VAL A CG1    1 
ATOM   472  C CG2    . VAL A 1 62 ? 11.008  16.728  3.490   1.00 11.45 ? 62  VAL A CG2    1 
ATOM   473  N N      . GLU A 1 63 ? 9.171   20.025  0.754   1.00 17.92 ? 63  GLU A N      1 
ATOM   474  C CA     . GLU A 1 63 ? 8.288   20.540  -0.257  1.00 19.34 ? 63  GLU A CA     1 
ATOM   475  C C      . GLU A 1 63 ? 8.189   19.652  -1.483  1.00 20.07 ? 63  GLU A C      1 
ATOM   476  O O      . GLU A 1 63 ? 9.174   19.393  -2.231  1.00 19.08 ? 63  GLU A O      1 
ATOM   477  C CB     . GLU A 1 63 ? 8.666   21.932  -0.711  1.00 23.48 ? 63  GLU A CB     1 
ATOM   478  C CG     . GLU A 1 63 ? 7.460   22.596  -1.400  1.00 29.45 ? 63  GLU A CG     1 
ATOM   479  C CD     . GLU A 1 63 ? 7.842   23.412  -2.596  1.00 32.10 ? 63  GLU A CD     1 
ATOM   480  O OE1    . GLU A 1 63 ? 8.731   24.376  -2.306  1.00 33.27 ? 63  GLU A OE1    1 
ATOM   481  O OE2    . GLU A 1 63 ? 7.353   23.215  -3.711  1.00 32.94 ? 63  GLU A OE2    1 
ATOM   482  N N      . ILE A 1 64 ? 6.930   19.295  -1.685  1.00 19.68 ? 64  ILE A N      1 
ATOM   483  C CA     . ILE A 1 64 ? 6.469   18.404  -2.716  1.00 19.52 ? 64  ILE A CA     1 
ATOM   484  C C      . ILE A 1 64 ? 5.462   19.012  -3.674  1.00 21.11 ? 64  ILE A C      1 
ATOM   485  O O      . ILE A 1 64 ? 4.500   19.654  -3.233  1.00 22.34 ? 64  ILE A O      1 
ATOM   486  C CB     . ILE A 1 64 ? 5.901   17.181  -2.037  1.00 19.14 ? 64  ILE A CB     1 
ATOM   487  C CG1    . ILE A 1 64 ? 7.001   16.608  -1.155  1.00 17.50 ? 64  ILE A CG1    1 
ATOM   488  C CG2    . ILE A 1 64 ? 5.459   16.161  -3.072  1.00 21.39 ? 64  ILE A CG2    1 
ATOM   489  C CD1    . ILE A 1 64 ? 6.523   15.431  -0.310  1.00 21.86 ? 64  ILE A CD1    1 
ATOM   490  N N      . GLU A 1 65 ? 5.728   18.795  -4.981  1.00 20.70 ? 65  GLU A N      1 
ATOM   491  C CA     . GLU A 1 65 ? 4.894   19.165  -6.108  1.00 18.58 ? 65  GLU A CA     1 
ATOM   492  C C      . GLU A 1 65 ? 4.441   17.804  -6.746  1.00 20.88 ? 65  GLU A C      1 
ATOM   493  O O      . GLU A 1 65 ? 5.261   16.966  -7.186  1.00 17.37 ? 65  GLU A O      1 
ATOM   494  C CB     . GLU A 1 65 ? 5.679   20.021  -7.144  1.00 22.37 ? 65  GLU A CB     1 
ATOM   495  C CG     . GLU A 1 65 ? 6.246   21.447  -6.782  1.00 30.78 ? 65  GLU A CG     1 
ATOM   496  C CD     . GLU A 1 65 ? 7.716   21.597  -6.265  1.00 36.23 ? 65  GLU A CD     1 
ATOM   497  O OE1    . GLU A 1 65 ? 8.473   20.490  -6.199  1.00 36.16 ? 65  GLU A OE1    1 
ATOM   498  O OE2    . GLU A 1 65 ? 8.144   22.658  -5.811  1.00 37.84 ? 65  GLU A OE2    1 
ATOM   499  N N      . VAL A 1 66 ? 3.121   17.512  -6.680  1.00 18.73 ? 66  VAL A N      1 
ATOM   500  C CA     . VAL A 1 66 ? 2.498   16.310  -7.242  1.00 20.10 ? 66  VAL A CA     1 
ATOM   501  C C      . VAL A 1 66 ? 1.023   16.518  -7.646  1.00 17.64 ? 66  VAL A C      1 
ATOM   502  O O      . VAL A 1 66 ? 0.263   17.260  -7.020  1.00 16.22 ? 66  VAL A O      1 
ATOM   503  C CB     . VAL A 1 66 ? 2.759   14.974  -6.502  1.00 19.00 ? 66  VAL A CB     1 
ATOM   504  C CG1    . VAL A 1 66 ? 2.281   14.983  -5.044  1.00 16.29 ? 66  VAL A CG1    1 
ATOM   505  C CG2    . VAL A 1 66 ? 2.093   13.798  -7.231  1.00 17.70 ? 66  VAL A CG2    1 
ATOM   506  N N      . LEU A 1 67 ? 0.607   15.869  -8.718  1.00 19.39 ? 67  LEU A N      1 
ATOM   507  C CA     . LEU A 1 67 ? -0.774  15.911  -9.140  1.00 17.70 ? 67  LEU A CA     1 
ATOM   508  C C      . LEU A 1 67 ? -1.329  17.323  -9.086  1.00 19.97 ? 67  LEU A C      1 
ATOM   509  O O      . LEU A 1 67 ? -2.530  17.579  -8.806  1.00 16.49 ? 67  LEU A O      1 
ATOM   510  C CB     . LEU A 1 67 ? -1.616  14.916  -8.313  1.00 18.03 ? 67  LEU A CB     1 
ATOM   511  C CG     . LEU A 1 67 ? -1.297  13.441  -8.561  1.00 17.84 ? 67  LEU A CG     1 
ATOM   512  C CD1    . LEU A 1 67 ? -1.929  12.577  -7.511  1.00 19.35 ? 67  LEU A CD1    1 
ATOM   513  C CD2    . LEU A 1 67 ? -1.886  13.014  -9.867  1.00 15.07 ? 67  LEU A CD2    1 
ATOM   514  N N      . ASN A 1 68 ? -0.427  18.255  -9.445  1.00 21.81 ? 68  ASN A N      1 
ATOM   515  C CA     . ASN A 1 68 ? -0.799  19.647  -9.556  1.00 24.39 ? 68  ASN A CA     1 
ATOM   516  C C      . ASN A 1 68 ? -0.971  20.428  -8.284  1.00 24.09 ? 68  ASN A C      1 
ATOM   517  O O      . ASN A 1 68 ? -1.371  21.601  -8.359  1.00 25.40 ? 68  ASN A O      1 
ATOM   518  C CB     . ASN A 1 68 ? -2.046  19.821  -10.381 1.00 28.40 ? 68  ASN A CB     1 
ATOM   519  C CG     . ASN A 1 68 ? -1.631  20.305  -11.730 1.00 33.14 ? 68  ASN A CG     1 
ATOM   520  O OD1    . ASN A 1 68 ? -1.368  19.472  -12.628 1.00 34.48 ? 68  ASN A OD1    1 
ATOM   521  N ND2    . ASN A 1 68 ? -1.398  21.635  -11.809 1.00 35.17 ? 68  ASN A ND2    1 
ATOM   522  N N      . LYS A 1 69 ? -0.715  19.773  -7.160  1.00 21.46 ? 69  LYS A N      1 
ATOM   523  C CA     . LYS A 1 69 ? -0.753  20.400  -5.872  1.00 18.89 ? 69  LYS A CA     1 
ATOM   524  C C      . LYS A 1 69 ? 0.679   20.475  -5.393  1.00 17.92 ? 69  LYS A C      1 
ATOM   525  O O      . LYS A 1 69 ? 1.528   19.699  -5.809  1.00 17.99 ? 69  LYS A O      1 
ATOM   526  C CB     . LYS A 1 69 ? -1.542  19.610  -4.823  1.00 18.98 ? 69  LYS A CB     1 
ATOM   527  C CG     . LYS A 1 69 ? -2.708  18.819  -5.336  1.00 19.99 ? 69  LYS A CG     1 
ATOM   528  C CD     . LYS A 1 69 ? -4.027  19.582  -5.268  1.00 22.53 ? 69  LYS A CD     1 
ATOM   529  C CE     . LYS A 1 69 ? -4.820  19.300  -4.005  1.00 24.74 ? 69  LYS A CE     1 
ATOM   530  N NZ     . LYS A 1 69 ? -5.923  18.378  -4.265  1.00 24.24 ? 69  LYS A NZ     1 
ATOM   531  N N      . LYS A 1 70 ? 0.891   21.399  -4.483  1.00 19.43 ? 70  LYS A N      1 
ATOM   532  C CA     . LYS A 1 70 ? 2.115   21.621  -3.753  1.00 19.54 ? 70  LYS A CA     1 
ATOM   533  C C      . LYS A 1 70 ? 1.810   21.389  -2.287  1.00 19.63 ? 70  LYS A C      1 
ATOM   534  O O      . LYS A 1 70 ? 0.792   21.907  -1.800  1.00 24.09 ? 70  LYS A O      1 
ATOM   535  C CB     . LYS A 1 70 ? 2.571   23.048  -3.943  1.00 19.99 ? 70  LYS A CB     1 
ATOM   536  C CG     . LYS A 1 70 ? 3.946   23.307  -3.349  1.00 23.72 ? 70  LYS A CG     1 
ATOM   537  C CD     . LYS A 1 70 ? 4.378   24.744  -3.619  1.00 28.10 ? 70  LYS A CD     1 
ATOM   538  C CE     . LYS A 1 70 ? 4.752   25.038  -5.072  1.00 27.82 ? 70  LYS A CE     1 
ATOM   539  N NZ     . LYS A 1 70 ? 6.213   25.265  -5.226  1.00 32.96 ? 70  LYS A NZ     1 
ATOM   540  N N      . VAL A 1 71 ? 2.567   20.518  -1.616  1.00 19.18 ? 71  VAL A N      1 
ATOM   541  C CA     . VAL A 1 71 ? 2.360   20.243  -0.184  1.00 16.69 ? 71  VAL A CA     1 
ATOM   542  C C      . VAL A 1 71 ? 3.714   20.297  0.479   1.00 17.10 ? 71  VAL A C      1 
ATOM   543  O O      . VAL A 1 71 ? 4.688   20.373  -0.237  1.00 18.67 ? 71  VAL A O      1 
ATOM   544  C CB     . VAL A 1 71 ? 1.573   18.953  0.182   1.00 16.67 ? 71  VAL A CB     1 
ATOM   545  C CG1    . VAL A 1 71 ? 0.180   19.012  -0.418  1.00 19.80 ? 71  VAL A CG1    1 
ATOM   546  C CG2    . VAL A 1 71 ? 2.292   17.650  -0.196  1.00 11.23 ? 71  VAL A CG2    1 
ATOM   547  N N      . ARG A 1 72 ? 3.767   20.324  1.808   1.00 15.66 ? 72  ARG A N      1 
ATOM   548  C CA     . ARG A 1 72 ? 4.989   20.225  2.556   1.00 18.26 ? 72  ARG A CA     1 
ATOM   549  C C      . ARG A 1 72 ? 4.721   19.031  3.455   1.00 15.70 ? 72  ARG A C      1 
ATOM   550  O O      . ARG A 1 72 ? 3.693   19.021  4.101   1.00 17.00 ? 72  ARG A O      1 
ATOM   551  C CB     . ARG A 1 72 ? 5.281   21.474  3.408   1.00 18.23 ? 72  ARG A CB     1 
ATOM   552  C CG     . ARG A 1 72 ? 6.041   22.586  2.705   1.00 22.05 ? 72  ARG A CG     1 
ATOM   553  C CD     . ARG A 1 72 ? 6.693   23.586  3.669   1.00 26.70 ? 72  ARG A CD     1 
ATOM   554  N NE     . ARG A 1 72 ? 8.146   23.375  3.691   1.00 31.64 ? 72  ARG A NE     1 
ATOM   555  C CZ     . ARG A 1 72 ? 8.971   23.705  2.656   1.00 32.15 ? 72  ARG A CZ     1 
ATOM   556  N NH1    . ARG A 1 72 ? 8.521   24.329  1.540   1.00 32.61 ? 72  ARG A NH1    1 
ATOM   557  N NH2    . ARG A 1 72 ? 10.281  23.407  2.728   1.00 30.92 ? 72  ARG A NH2    1 
ATOM   558  N N      . ALA A 1 73 ? 5.543   18.007  3.493   1.00 12.27 ? 73  ALA A N      1 
ATOM   559  C CA     . ALA A 1 73 ? 5.114   16.925  4.372   1.00 12.37 ? 73  ALA A CA     1 
ATOM   560  C C      . ALA A 1 73 ? 6.326   16.241  4.844   1.00 10.43 ? 73  ALA A C      1 
ATOM   561  O O      . ALA A 1 73 ? 7.341   16.567  4.337   1.00 12.30 ? 73  ALA A O      1 
ATOM   562  C CB     . ALA A 1 73 ? 4.335   15.893  3.566   1.00 13.43 ? 73  ALA A CB     1 
ATOM   563  N N      . THR A 1 74 ? 6.202   15.270  5.731   1.00 12.60 ? 74  THR A N      1 
ATOM   564  C CA     . THR A 1 74 ? 7.340   14.496  6.151   1.00 17.47 ? 74  THR A CA     1 
ATOM   565  C C      . THR A 1 74 ? 7.631   13.378  5.161   1.00 17.42 ? 74  THR A C      1 
ATOM   566  O O      . THR A 1 74 ? 6.718   12.623  4.760   1.00 19.92 ? 74  THR A O      1 
ATOM   567  C CB     . THR A 1 74 ? 7.177   13.936  7.585   1.00 17.40 ? 74  THR A CB     1 
ATOM   568  O OG1    . THR A 1 74 ? 7.053   15.026  8.489   1.00 20.70 ? 74  THR A OG1    1 
ATOM   569  C CG2    . THR A 1 74 ? 8.356   13.050  7.987   1.00 15.63 ? 74  THR A CG2    1 
ATOM   570  N N      . ILE A 1 75 ? 8.920   13.293  4.797   1.00 16.33 ? 75  ILE A N      1 
ATOM   571  C CA     . ILE A 1 75 ? 9.459   12.318  3.891   1.00 16.36 ? 75  ILE A CA     1 
ATOM   572  C C      . ILE A 1 75 ? 10.654  11.610  4.506   1.00 17.45 ? 75  ILE A C      1 
ATOM   573  O O      . ILE A 1 75 ? 11.602  12.260  4.916   1.00 21.46 ? 75  ILE A O      1 
ATOM   574  C CB     . ILE A 1 75 ? 9.928   12.974  2.610   1.00 18.49 ? 75  ILE A CB     1 
ATOM   575  C CG1    . ILE A 1 75 ? 8.746   13.092  1.683   1.00 19.80 ? 75  ILE A CG1    1 
ATOM   576  C CG2    . ILE A 1 75 ? 10.921  12.054  1.903   1.00 18.02 ? 75  ILE A CG2    1 
ATOM   577  C CD1    . ILE A 1 75 ? 8.438   11.703  1.129   1.00 23.71 ? 75  ILE A CD1    1 
ATOM   578  N N      . MET A 1 76 ? 10.646  10.289  4.508   1.00 16.77 ? 76  MET A N      1 
ATOM   579  C CA     . MET A 1 76 ? 11.760  9.521   4.938   1.00 18.99 ? 76  MET A CA     1 
ATOM   580  C C      . MET A 1 76 ? 12.602  9.127   3.751   1.00 19.84 ? 76  MET A C      1 
ATOM   581  O O      . MET A 1 76 ? 12.171  9.074   2.614   1.00 20.28 ? 76  MET A O      1 
ATOM   582  C CB     . MET A 1 76 ? 11.277  8.239   5.515   1.00 21.00 ? 76  MET A CB     1 
ATOM   583  C CG     . MET A 1 76 ? 11.202  8.251   7.003   1.00 21.42 ? 76  MET A CG     1 
ATOM   584  S SD     . MET A 1 76 ? 10.273  6.795   7.417   1.00 28.19 ? 76  MET A SD     1 
ATOM   585  C CE     . MET A 1 76 ? 8.606   7.509   7.317   1.00 26.19 ? 76  MET A CE     1 
ATOM   586  N N      . THR A 1 77 ? 13.812  8.795   4.001   1.00 21.16 ? 77  THR A N      1 
ATOM   587  C CA     . THR A 1 77 ? 14.657  8.463   2.902   1.00 23.86 ? 77  THR A CA     1 
ATOM   588  C C      . THR A 1 77 ? 15.302  7.103   3.173   1.00 23.97 ? 77  THR A C      1 
ATOM   589  O O      . THR A 1 77 ? 15.793  6.902   4.282   1.00 27.13 ? 77  THR A O      1 
ATOM   590  C CB     . THR A 1 77 ? 15.644  9.651   2.775   1.00 23.41 ? 77  THR A CB     1 
ATOM   591  O OG1    . THR A 1 77 ? 15.362  10.435  1.633   1.00 28.55 ? 77  THR A OG1    1 
ATOM   592  C CG2    . THR A 1 77 ? 17.084  9.239   2.770   1.00 23.04 ? 77  THR A CG2    1 
ATOM   593  N N      . GLY A 1 78 ? 15.222  6.135   2.233   1.00 20.29 ? 78  GLY A N      1 
ATOM   594  C CA     . GLY A 1 78 ? 15.813  4.834   2.536   1.00 20.23 ? 78  GLY A CA     1 
ATOM   595  C C      . GLY A 1 78 ? 15.925  3.797   1.398   1.00 23.82 ? 78  GLY A C      1 
ATOM   596  O O      . GLY A 1 78 ? 15.595  4.013   0.217   1.00 23.24 ? 78  GLY A O      1 
ATOM   597  N N      . ASP A 1 79 ? 16.424  2.636   1.819   1.00 24.73 ? 79  ASP A N      1 
ATOM   598  C CA     . ASP A 1 79 ? 16.613  1.451   1.019   1.00 27.06 ? 79  ASP A CA     1 
ATOM   599  C C      . ASP A 1 79 ? 15.244  0.926   0.627   1.00 23.07 ? 79  ASP A C      1 
ATOM   600  O O      . ASP A 1 79 ? 14.685  -0.008  1.225   1.00 23.34 ? 79  ASP A O      1 
ATOM   601  C CB     . ASP A 1 79 ? 17.338  0.412   1.928   1.00 32.39 ? 79  ASP A CB     1 
ATOM   602  C CG     . ASP A 1 79 ? 18.079  -0.695  1.201   1.00 37.57 ? 79  ASP A CG     1 
ATOM   603  O OD1    . ASP A 1 79 ? 18.860  -0.246  0.222   1.00 37.28 ? 79  ASP A OD1    1 
ATOM   604  O OD2    . ASP A 1 79 ? 18.050  -1.885  1.578   1.00 38.78 ? 79  ASP A OD2    1 
ATOM   605  N N      . THR A 1 80 ? 14.668  1.569   -0.377  1.00 20.83 ? 80  THR A N      1 
ATOM   606  C CA     . THR A 1 80 ? 13.334  1.210   -0.831  1.00 19.90 ? 80  THR A CA     1 
ATOM   607  C C      . THR A 1 80 ? 13.278  0.883   -2.327  1.00 20.51 ? 80  THR A C      1 
ATOM   608  O O      . THR A 1 80 ? 13.711  1.651   -3.179  1.00 21.88 ? 80  THR A O      1 
ATOM   609  C CB     . THR A 1 80 ? 12.392  2.357   -0.486  1.00 19.87 ? 80  THR A CB     1 
ATOM   610  O OG1    . THR A 1 80 ? 11.089  1.903   -0.691  1.00 22.26 ? 80  THR A OG1    1 
ATOM   611  C CG2    . THR A 1 80 ? 12.689  3.544   -1.389  1.00 19.34 ? 80  THR A CG2    1 
ATOM   612  N N      . PRO A 1 81 ? 12.737  -0.276  -2.667  1.00 20.28 ? 81  PRO A N      1 
ATOM   613  C CA     . PRO A 1 81 ? 12.673  -0.693  -4.033  1.00 17.55 ? 81  PRO A CA     1 
ATOM   614  C C      . PRO A 1 81 ? 11.789  0.182   -4.871  1.00 21.26 ? 81  PRO A C      1 
ATOM   615  O O      . PRO A 1 81 ? 12.039  0.356   -6.065  1.00 22.84 ? 81  PRO A O      1 
ATOM   616  C CB     . PRO A 1 81 ? 12.087  -2.074  -4.022  1.00 17.27 ? 81  PRO A CB     1 
ATOM   617  C CG     . PRO A 1 81 ? 11.772  -2.439  -2.595  1.00 20.71 ? 81  PRO A CG     1 
ATOM   618  C CD     . PRO A 1 81 ? 12.150  -1.267  -1.729  1.00 19.98 ? 81  PRO A CD     1 
ATOM   619  N N      . ILE A 1 82 ? 10.724  0.730   -4.256  1.00 22.53 ? 82  ILE A N      1 
ATOM   620  C CA     . ILE A 1 82 ? 9.804   1.631   -4.967  1.00 21.33 ? 82  ILE A CA     1 
ATOM   621  C C      . ILE A 1 82 ? 9.590   2.895   -4.152  1.00 17.67 ? 82  ILE A C      1 
ATOM   622  O O      . ILE A 1 82 ? 9.395   2.805   -2.959  1.00 17.16 ? 82  ILE A O      1 
ATOM   623  C CB     . ILE A 1 82 ? 8.443   0.924   -5.203  1.00 23.33 ? 82  ILE A CB     1 
ATOM   624  C CG1    . ILE A 1 82 ? 8.631   -0.380  -5.929  1.00 24.91 ? 82  ILE A CG1    1 
ATOM   625  C CG2    . ILE A 1 82 ? 7.480   1.738   -6.031  1.00 23.26 ? 82  ILE A CG2    1 
ATOM   626  C CD1    . ILE A 1 82 ? 7.294   -1.095  -6.076  1.00 27.29 ? 82  ILE A CD1    1 
ATOM   627  N N      . ASN A 1 83 ? 9.567   4.058   -4.769  1.00 16.22 ? 83  ASN A N      1 
ATOM   628  C CA     . ASN A 1 83 ? 9.257   5.258   -4.004  1.00 19.14 ? 83  ASN A CA     1 
ATOM   629  C C      . ASN A 1 83 ? 7.787   5.321   -3.723  1.00 17.65 ? 83  ASN A C      1 
ATOM   630  O O      . ASN A 1 83 ? 6.960   5.280   -4.634  1.00 16.57 ? 83  ASN A O      1 
ATOM   631  C CB     . ASN A 1 83 ? 9.737   6.606   -4.584  1.00 19.44 ? 83  ASN A CB     1 
ATOM   632  C CG     . ASN A 1 83 ? 11.184  6.505   -5.000  1.00 18.81 ? 83  ASN A CG     1 
ATOM   633  O OD1    . ASN A 1 83 ? 11.991  5.791   -4.358  1.00 20.41 ? 83  ASN A OD1    1 
ATOM   634  N ND2    . ASN A 1 83 ? 11.421  6.926   -6.220  1.00 19.40 ? 83  ASN A ND2    1 
ATOM   635  N N      . ILE A 1 84 ? 7.504   5.470   -2.426  1.00 17.39 ? 84  ILE A N      1 
ATOM   636  C CA     . ILE A 1 84 ? 6.198   5.461   -1.845  1.00 14.45 ? 84  ILE A CA     1 
ATOM   637  C C      . ILE A 1 84 ? 5.720   6.774   -1.257  1.00 13.37 ? 84  ILE A C      1 
ATOM   638  O O      . ILE A 1 84 ? 6.393   7.366   -0.450  1.00 12.47 ? 84  ILE A O      1 
ATOM   639  C CB     . ILE A 1 84 ? 6.194   4.344   -0.814  1.00 15.29 ? 84  ILE A CB     1 
ATOM   640  C CG1    . ILE A 1 84 ? 6.114   3.005   -1.544  1.00 16.90 ? 84  ILE A CG1    1 
ATOM   641  C CG2    . ILE A 1 84 ? 5.049   4.473   0.164   1.00 15.69 ? 84  ILE A CG2    1 
ATOM   642  C CD1    . ILE A 1 84 ? 6.813   1.883   -0.793  1.00 16.27 ? 84  ILE A CD1    1 
ATOM   643  N N      . PHE A 1 85 ? 4.518   7.182   -1.678  1.00 13.34 ? 85  PHE A N      1 
ATOM   644  C CA     . PHE A 1 85 ? 3.736   8.256   -1.104  1.00 12.93 ? 85  PHE A CA     1 
ATOM   645  C C      . PHE A 1 85 ? 2.568   7.591   -0.381  1.00 12.15 ? 85  PHE A C      1 
ATOM   646  O O      . PHE A 1 85 ? 1.704   7.050   -1.015  1.00 12.81 ? 85  PHE A O      1 
ATOM   647  C CB     . PHE A 1 85 ? 3.182   9.213   -2.121  1.00 11.97 ? 85  PHE A CB     1 
ATOM   648  C CG     . PHE A 1 85 ? 4.163   10.286  -2.511  1.00 10.88 ? 85  PHE A CG     1 
ATOM   649  C CD1    . PHE A 1 85 ? 5.494   10.237  -2.122  1.00 12.14 ? 85  PHE A CD1    1 
ATOM   650  C CD2    . PHE A 1 85 ? 3.754   11.337  -3.327  1.00 11.06 ? 85  PHE A CD2    1 
ATOM   651  C CE1    . PHE A 1 85 ? 6.378   11.263  -2.463  1.00 12.08 ? 85  PHE A CE1    1 
ATOM   652  C CE2    . PHE A 1 85 ? 4.629   12.349  -3.713  1.00 8.93  ? 85  PHE A CE2    1 
ATOM   653  C CZ     . PHE A 1 85 ? 5.951   12.313  -3.277  1.00 14.02 ? 85  PHE A CZ     1 
ATOM   654  N N      . GLY A 1 86 ? 2.609   7.570   0.960   1.00 12.29 ? 86  GLY A N      1 
ATOM   655  C CA     . GLY A 1 86 ? 1.628   6.908   1.797   1.00 11.48 ? 86  GLY A CA     1 
ATOM   656  C C      . GLY A 1 86 ? 0.629   7.898   2.329   1.00 11.39 ? 86  GLY A C      1 
ATOM   657  O O      . GLY A 1 86 ? 0.555   8.987   1.855   1.00 13.81 ? 86  GLY A O      1 
ATOM   658  N N      . ARG A 1 87 ? -0.171  7.520   3.301   1.00 9.08  ? 87  ARG A N      1 
ATOM   659  C CA     . ARG A 1 87 ? -1.245  8.338   3.766   1.00 8.78  ? 87  ARG A CA     1 
ATOM   660  C C      . ARG A 1 87 ? -0.995  9.781   4.186   1.00 12.06 ? 87  ARG A C      1 
ATOM   661  O O      . ARG A 1 87 ? -1.902  10.629  4.051   1.00 10.88 ? 87  ARG A O      1 
ATOM   662  C CB     . ARG A 1 87 ? -2.078  7.569   4.756   1.00 13.42 ? 87  ARG A CB     1 
ATOM   663  C CG     . ARG A 1 87 ? -2.811  6.388   4.117   1.00 10.70 ? 87  ARG A CG     1 
ATOM   664  C CD     . ARG A 1 87 ? -3.705  5.702   5.112   1.00 6.29  ? 87  ARG A CD     1 
ATOM   665  N NE     . ARG A 1 87 ? -2.954  5.393   6.323   1.00 8.23  ? 87  ARG A NE     1 
ATOM   666  C CZ     . ARG A 1 87 ? -3.082  6.091   7.462   1.00 9.57  ? 87  ARG A CZ     1 
ATOM   667  N NH1    . ARG A 1 87 ? -3.896  7.140   7.612   1.00 8.00  ? 87  ARG A NH1    1 
ATOM   668  N NH2    . ARG A 1 87 ? -2.391  5.684   8.510   1.00 7.42  ? 87  ARG A NH2    1 
ATOM   669  N N      . ASN A 1 88 ? 0.212   10.110  4.658   1.00 14.21 ? 88  ASN A N      1 
ATOM   670  C CA     . ASN A 1 88 ? 0.436   11.472  5.099   1.00 13.31 ? 88  ASN A CA     1 
ATOM   671  C C      . ASN A 1 88 ? 0.329   12.446  3.971   1.00 13.81 ? 88  ASN A C      1 
ATOM   672  O O      . ASN A 1 88 ? -0.280  13.508  4.099   1.00 14.79 ? 88  ASN A O      1 
ATOM   673  C CB     . ASN A 1 88 ? 1.688   11.671  5.960   1.00 14.15 ? 88  ASN A CB     1 
ATOM   674  C CG     . ASN A 1 88 ? 2.962   11.362  5.214   1.00 18.24 ? 88  ASN A CG     1 
ATOM   675  O OD1    . ASN A 1 88 ? 3.045   10.279  4.566   1.00 15.49 ? 88  ASN A OD1    1 
ATOM   676  N ND2    . ASN A 1 88 ? 3.894   12.352  5.200   1.00 15.20 ? 88  ASN A ND2    1 
ATOM   677  N N      . ILE A 1 89 ? 0.861   12.041  2.856   1.00 12.38 ? 89  ILE A N      1 
ATOM   678  C CA     . ILE A 1 89 ? 0.851   12.829  1.665   1.00 13.29 ? 89  ILE A CA     1 
ATOM   679  C C      . ILE A 1 89 ? -0.486  12.697  0.954   1.00 16.26 ? 89  ILE A C      1 
ATOM   680  O O      . ILE A 1 89 ? -1.058  13.706  0.541   1.00 20.72 ? 89  ILE A O      1 
ATOM   681  C CB     . ILE A 1 89 ? 2.009   12.394  0.787   1.00 14.36 ? 89  ILE A CB     1 
ATOM   682  C CG1    . ILE A 1 89 ? 3.329   12.678  1.470   1.00 11.40 ? 89  ILE A CG1    1 
ATOM   683  C CG2    . ILE A 1 89 ? 1.932   13.089  -0.542  1.00 15.72 ? 89  ILE A CG2    1 
ATOM   684  C CD1    . ILE A 1 89 ? 4.457   12.627  0.477   1.00 11.32 ? 89  ILE A CD1    1 
ATOM   685  N N      . LEU A 1 90 ? -1.064  11.490  0.900   1.00 15.31 ? 90  LEU A N      1 
ATOM   686  C CA     . LEU A 1 90 ? -2.381  11.285  0.281   1.00 15.96 ? 90  LEU A CA     1 
ATOM   687  C C      . LEU A 1 90 ? -3.503  12.178  0.903   1.00 14.46 ? 90  LEU A C      1 
ATOM   688  O O      . LEU A 1 90 ? -4.366  12.761  0.237   1.00 14.16 ? 90  LEU A O      1 
ATOM   689  C CB     . LEU A 1 90 ? -2.775  9.785   0.340   1.00 16.34 ? 90  LEU A CB     1 
ATOM   690  C CG     . LEU A 1 90 ? -2.381  8.909   -0.859  1.00 17.49 ? 90  LEU A CG     1 
ATOM   691  C CD1    . LEU A 1 90 ? -1.161  9.417   -1.624  1.00 12.24 ? 90  LEU A CD1    1 
ATOM   692  C CD2    . LEU A 1 90 ? -2.249  7.454   -0.448  1.00 14.83 ? 90  LEU A CD2    1 
ATOM   693  N N      . THR A 1 91 ? -3.513  12.243  2.219   1.00 14.95 ? 91  THR A N      1 
ATOM   694  C CA     . THR A 1 91 ? -4.437  13.077  2.992   1.00 15.42 ? 91  THR A CA     1 
ATOM   695  C C      . THR A 1 91 ? -4.210  14.562  2.710   1.00 13.81 ? 91  THR A C      1 
ATOM   696  O O      . THR A 1 91 ? -5.120  15.334  2.437   1.00 17.62 ? 91  THR A O      1 
ATOM   697  C CB     . THR A 1 91 ? -4.281  12.767  4.503   1.00 14.09 ? 91  THR A CB     1 
ATOM   698  O OG1    . THR A 1 91 ? -4.328  11.369  4.664   1.00 13.65 ? 91  THR A OG1    1 
ATOM   699  C CG2    . THR A 1 91 ? -5.312  13.498  5.381   1.00 16.54 ? 91  THR A CG2    1 
ATOM   700  N N      . ALA A 1 92 ? -2.978  14.971  2.729   1.00 12.64 ? 92  ALA A N      1 
ATOM   701  C CA     . ALA A 1 92 ? -2.728  16.326  2.461   1.00 13.24 ? 92  ALA A CA     1 
ATOM   702  C C      . ALA A 1 92 ? -3.218  16.717  1.082   1.00 13.66 ? 92  ALA A C      1 
ATOM   703  O O      . ALA A 1 92 ? -3.602  17.834  0.914   1.00 14.42 ? 92  ALA A O      1 
ATOM   704  C CB     . ALA A 1 92 ? -1.261  16.663  2.690   1.00 10.45 ? 92  ALA A CB     1 
ATOM   705  N N      . LEU A 1 93 ? -3.185  15.837  0.074   1.00 19.47 ? 93  LEU A N      1 
ATOM   706  C CA     . LEU A 1 93 ? -3.596  16.171  -1.325  1.00 15.49 ? 93  LEU A CA     1 
ATOM   707  C C      . LEU A 1 93 ? -5.113  16.162  -1.506  1.00 16.74 ? 93  LEU A C      1 
ATOM   708  O O      . LEU A 1 93 ? -5.610  16.547  -2.571  1.00 16.87 ? 93  LEU A O      1 
ATOM   709  C CB     . LEU A 1 93 ? -3.212  15.065  -2.324  1.00 16.38 ? 93  LEU A CB     1 
ATOM   710  C CG     . LEU A 1 93 ? -1.929  15.107  -3.097  1.00 16.47 ? 93  LEU A CG     1 
ATOM   711  C CD1    . LEU A 1 93 ? -1.099  16.315  -2.821  1.00 17.04 ? 93  LEU A CD1    1 
ATOM   712  C CD2    . LEU A 1 93 ? -1.189  13.852  -2.738  1.00 16.74 ? 93  LEU A CD2    1 
ATOM   713  N N      . GLY A 1 94 ? -5.827  15.562  -0.544  1.00 15.92 ? 94  GLY A N      1 
ATOM   714  C CA     . GLY A 1 94 ? -7.260  15.412  -0.648  1.00 11.83 ? 94  GLY A CA     1 
ATOM   715  C C      . GLY A 1 94 ? -7.656  14.189  -1.488  1.00 15.48 ? 94  GLY A C      1 
ATOM   716  O O      . GLY A 1 94 ? -8.747  14.137  -2.017  1.00 16.42 ? 94  GLY A O      1 
ATOM   717  N N      . MET A 1 95 ? -6.791  13.172  -1.545  1.00 16.97 ? 95  MET A N      1 
ATOM   718  C CA     . MET A 1 95 ? -7.064  11.929  -2.248  1.00 18.60 ? 95  MET A CA     1 
ATOM   719  C C      . MET A 1 95 ? -8.004  10.968  -1.475  1.00 16.52 ? 95  MET A C      1 
ATOM   720  O O      . MET A 1 95 ? -8.044  10.926  -0.260  1.00 17.83 ? 95  MET A O      1 
ATOM   721  C CB     . MET A 1 95 ? -5.676  11.307  -2.395  1.00 19.61 ? 95  MET A CB     1 
ATOM   722  C CG     . MET A 1 95 ? -5.498  10.263  -3.468  1.00 22.93 ? 95  MET A CG     1 
ATOM   723  S SD     . MET A 1 95 ? -4.108  10.649  -4.548  1.00 25.92 ? 95  MET A SD     1 
ATOM   724  C CE     . MET A 1 95 ? -5.073  10.314  -6.050  1.00 19.23 ? 95  MET A CE     1 
ATOM   725  N N      . SER A 1 96 ? -8.808  10.174  -2.174  1.00 15.52 ? 96  SER A N      1 
ATOM   726  C CA     . SER A 1 96 ? -9.645  9.210   -1.499  1.00 15.78 ? 96  SER A CA     1 
ATOM   727  C C      . SER A 1 96 ? -9.803  7.901   -2.257  1.00 13.66 ? 96  SER A C      1 
ATOM   728  O O      . SER A 1 96 ? -9.620  7.853   -3.460  1.00 12.31 ? 96  SER A O      1 
ATOM   729  C CB     . SER A 1 96 ? -10.992 9.784   -1.126  1.00 15.95 ? 96  SER A CB     1 
ATOM   730  O OG     . SER A 1 96 ? -11.703 10.118  -2.305  1.00 18.51 ? 96  SER A OG     1 
ATOM   731  N N      . LEU A 1 97 ? -10.141 6.812   -1.545  1.00 14.66 ? 97  LEU A N      1 
ATOM   732  C CA     . LEU A 1 97 ? -10.470 5.526   -2.158  1.00 15.03 ? 97  LEU A CA     1 
ATOM   733  C C      . LEU A 1 97 ? -11.970 5.521   -2.335  1.00 16.14 ? 97  LEU A C      1 
ATOM   734  O O      . LEU A 1 97 ? -12.748 5.896   -1.422  1.00 15.14 ? 97  LEU A O      1 
ATOM   735  C CB     . LEU A 1 97 ? -10.179 4.352   -1.239  1.00 15.95 ? 97  LEU A CB     1 
ATOM   736  C CG     . LEU A 1 97 ? -8.949  3.476   -1.514  1.00 17.23 ? 97  LEU A CG     1 
ATOM   737  C CD1    . LEU A 1 97 ? -9.081  2.256   -0.619  1.00 13.02 ? 97  LEU A CD1    1 
ATOM   738  C CD2    . LEU A 1 97 ? -8.754  3.090   -2.989  1.00 13.72 ? 97  LEU A CD2    1 
ATOM   739  N N      . ASN A 1 98 ? -12.430 5.090   -3.497  1.00 16.47 ? 98  ASN A N      1 
ATOM   740  C CA     . ASN A 1 98 ? -13.854 5.151   -3.677  1.00 16.75 ? 98  ASN A CA     1 
ATOM   741  C C      . ASN A 1 98 ? -14.408 3.874   -4.240  1.00 20.44 ? 98  ASN A C      1 
ATOM   742  O O      . ASN A 1 98 ? -13.779 3.178   -5.030  1.00 19.80 ? 98  ASN A O      1 
ATOM   743  C CB     . ASN A 1 98 ? -14.213 6.379   -4.580  1.00 20.10 ? 98  ASN A CB     1 
ATOM   744  C CG     . ASN A 1 98 ? -13.952 7.731   -3.921  1.00 21.40 ? 98  ASN A CG     1 
ATOM   745  O OD1    . ASN A 1 98 ? -12.838 8.224   -3.940  1.00 26.46 ? 98  ASN A OD1    1 
ATOM   746  N ND2    . ASN A 1 98 ? -14.952 8.309   -3.278  1.00 22.89 ? 98  ASN A ND2    1 
ATOM   747  N N      . LEU A 1 99 ? -15.625 3.588   -3.885  1.00 21.35 ? 99  LEU A N      1 
ATOM   748  C CA     . LEU A 1 99 ? -16.229 2.416   -4.401  1.00 22.18 ? 99  LEU A CA     1 
ATOM   749  C C      . LEU A 1 99 ? -17.583 2.787   -4.940  1.00 27.46 ? 99  LEU A C      1 
ATOM   750  O O      . LEU A 1 99 ? -17.754 2.623   -6.170  1.00 33.91 ? 99  LEU A O      1 
ATOM   751  C CB     . LEU A 1 99 ? -16.269 1.334   -3.333  1.00 20.15 ? 99  LEU A CB     1 
ATOM   752  C CG     . LEU A 1 99 ? -16.293 -0.058  -3.904  1.00 24.19 ? 99  LEU A CG     1 
ATOM   753  C CD1    . LEU A 1 99 ? -17.357 -0.826  -3.139  1.00 24.69 ? 99  LEU A CD1    1 
ATOM   754  C CD2    . LEU A 1 99 ? -16.670 -0.025  -5.398  1.00 26.41 ? 99  LEU A CD2    1 
ATOM   755  O OXT    . LEU A 1 99 ? -18.442 3.285   -4.162  1.00 29.08 ? 99  LEU A OXT    1 
ATOM   756  N N      . PRO B 1 1  ? -19.352 3.940   -1.241  1.00 23.74 ? 1   PRO B N      1 
ATOM   757  C CA     . PRO B 1 1  ? -18.446 4.152   -0.139  1.00 21.56 ? 1   PRO B CA     1 
ATOM   758  C C      . PRO B 1 1  ? -17.244 4.921   -0.547  1.00 21.45 ? 1   PRO B C      1 
ATOM   759  O O      . PRO B 1 1  ? -16.779 4.730   -1.661  1.00 21.07 ? 1   PRO B O      1 
ATOM   760  C CB     . PRO B 1 1  ? -18.072 2.778   0.461   1.00 22.41 ? 1   PRO B CB     1 
ATOM   761  C CG     . PRO B 1 1  ? -19.150 1.828   -0.001  1.00 22.31 ? 1   PRO B CG     1 
ATOM   762  C CD     . PRO B 1 1  ? -19.927 2.551   -1.117  1.00 24.69 ? 1   PRO B CD     1 
ATOM   763  N N      . GLN B 1 2  ? -16.811 5.817   0.363   1.00 22.20 ? 2   GLN B N      1 
ATOM   764  C CA     . GLN B 1 2  ? -15.627 6.633   0.185   1.00 21.02 ? 2   GLN B CA     1 
ATOM   765  C C      . GLN B 1 2  ? -14.810 6.596   1.440   1.00 18.86 ? 2   GLN B C      1 
ATOM   766  O O      . GLN B 1 2  ? -15.405 6.537   2.501   1.00 19.29 ? 2   GLN B O      1 
ATOM   767  C CB     . GLN B 1 2  ? -15.980 8.065   -0.192  1.00 24.76 ? 2   GLN B CB     1 
ATOM   768  C CG     . GLN B 1 2  ? -14.731 8.843   -0.503  1.00 26.70 ? 2   GLN B CG     1 
ATOM   769  C CD     . GLN B 1 2  ? -15.073 10.291  -0.776  1.00 30.67 ? 2   GLN B CD     1 
ATOM   770  O OE1    . GLN B 1 2  ? -15.658 10.590  -1.816  1.00 32.80 ? 2   GLN B OE1    1 
ATOM   771  N NE2    . GLN B 1 2  ? -14.690 11.199  0.143   1.00 31.56 ? 2   GLN B NE2    1 
ATOM   772  N N      . PHE B 1 3  ? -13.476 6.547   1.293   1.00 15.75 ? 3   PHE B N      1 
ATOM   773  C CA     . PHE B 1 3  ? -12.540 6.411   2.393   1.00 17.70 ? 3   PHE B CA     1 
ATOM   774  C C      . PHE B 1 3  ? -11.570 7.572   2.459   1.00 17.55 ? 3   PHE B C      1 
ATOM   775  O O      . PHE B 1 3  ? -10.760 7.684   1.547   1.00 16.21 ? 3   PHE B O      1 
ATOM   776  C CB     . PHE B 1 3  ? -11.658 5.123   2.242   1.00 19.40 ? 3   PHE B CB     1 
ATOM   777  C CG     . PHE B 1 3  ? -12.435 3.844   2.485   1.00 21.37 ? 3   PHE B CG     1 
ATOM   778  C CD1    . PHE B 1 3  ? -13.151 3.272   1.433   1.00 21.57 ? 3   PHE B CD1    1 
ATOM   779  C CD2    . PHE B 1 3  ? -12.464 3.219   3.737   1.00 21.03 ? 3   PHE B CD2    1 
ATOM   780  C CE1    . PHE B 1 3  ? -13.966 2.160   1.641   1.00 21.25 ? 3   PHE B CE1    1 
ATOM   781  C CE2    . PHE B 1 3  ? -13.216 2.064   3.952   1.00 18.76 ? 3   PHE B CE2    1 
ATOM   782  C CZ     . PHE B 1 3  ? -13.983 1.556   2.902   1.00 19.10 ? 3   PHE B CZ     1 
ATOM   783  N N      . SER B 1 4  ? -11.630 8.410   3.508   1.00 18.85 ? 4   SER B N      1 
ATOM   784  C CA     . SER B 1 4  ? -10.653 9.478   3.613   1.00 18.01 ? 4   SER B CA     1 
ATOM   785  C C      . SER B 1 4  ? -9.424  8.755   4.060   1.00 17.37 ? 4   SER B C      1 
ATOM   786  O O      . SER B 1 4  ? -9.524  7.614   4.473   1.00 23.27 ? 4   SER B O      1 
ATOM   787  C CB     . SER B 1 4  ? -11.066 10.592  4.555   1.00 20.86 ? 4   SER B CB     1 
ATOM   788  O OG     . SER B 1 4  ? -10.558 10.386  5.855   1.00 24.90 ? 4   SER B OG     1 
ATOM   789  N N      . LEU B 1 5  ? -8.277  9.307   3.923   1.00 15.41 ? 5   LEU B N      1 
ATOM   790  C CA     . LEU B 1 5  ? -7.136  8.485   4.261   1.00 14.98 ? 5   LEU B CA     1 
ATOM   791  C C      . LEU B 1 5  ? -6.450  8.820   5.609   1.00 16.58 ? 5   LEU B C      1 
ATOM   792  O O      . LEU B 1 5  ? -5.286  8.503   5.848   1.00 16.81 ? 5   LEU B O      1 
ATOM   793  C CB     . LEU B 1 5  ? -6.182  8.468   3.045   1.00 13.68 ? 5   LEU B CB     1 
ATOM   794  C CG     . LEU B 1 5  ? -6.789  7.755   1.847   1.00 10.69 ? 5   LEU B CG     1 
ATOM   795  C CD1    . LEU B 1 5  ? -5.975  8.071   0.612   1.00 13.01 ? 5   LEU B CD1    1 
ATOM   796  C CD2    . LEU B 1 5  ? -6.848  6.262   2.099   1.00 7.74  ? 5   LEU B CD2    1 
ATOM   797  N N      . TRP B 1 6  ? -7.244  9.441   6.497   1.00 17.89 ? 6   TRP B N      1 
ATOM   798  C CA     . TRP B 1 6  ? -6.837  9.912   7.802   1.00 16.00 ? 6   TRP B CA     1 
ATOM   799  C C      . TRP B 1 6  ? -6.501  8.764   8.694   1.00 14.48 ? 6   TRP B C      1 
ATOM   800  O O      . TRP B 1 6  ? -5.598  8.830   9.467   1.00 17.90 ? 6   TRP B O      1 
ATOM   801  C CB     . TRP B 1 6  ? -7.852  10.927  8.397   1.00 13.89 ? 6   TRP B CB     1 
ATOM   802  C CG     . TRP B 1 6  ? -7.488  11.416  9.761   1.00 13.81 ? 6   TRP B CG     1 
ATOM   803  C CD1    . TRP B 1 6  ? -8.123  11.063  10.901  1.00 14.58 ? 6   TRP B CD1    1 
ATOM   804  C CD2    . TRP B 1 6  ? -6.421  12.327  10.150  1.00 17.10 ? 6   TRP B CD2    1 
ATOM   805  N NE1    . TRP B 1 6  ? -7.543  11.681  11.977  1.00 14.12 ? 6   TRP B NE1    1 
ATOM   806  C CE2    . TRP B 1 6  ? -6.492  12.432  11.580  1.00 15.29 ? 6   TRP B CE2    1 
ATOM   807  C CE3    . TRP B 1 6  ? -5.380  13.021  9.457   1.00 17.92 ? 6   TRP B CE3    1 
ATOM   808  C CZ2    . TRP B 1 6  ? -5.573  13.191  12.315  1.00 13.74 ? 6   TRP B CZ2    1 
ATOM   809  C CZ3    . TRP B 1 6  ? -4.472  13.800  10.195  1.00 14.83 ? 6   TRP B CZ3    1 
ATOM   810  C CH2    . TRP B 1 6  ? -4.600  13.903  11.598  1.00 12.03 ? 6   TRP B CH2    1 
ATOM   811  N N      . LYS B 1 7  ? -7.241  7.701   8.523   1.00 15.93 ? 7   LYS B N      1 
ATOM   812  C CA     . LYS B 1 7  ? -6.995  6.436   9.180   1.00 14.03 ? 7   LYS B CA     1 
ATOM   813  C C      . LYS B 1 7  ? -6.835  5.408   8.078   1.00 11.99 ? 7   LYS B C      1 
ATOM   814  O O      . LYS B 1 7  ? -7.140  5.687   6.915   1.00 14.55 ? 7   LYS B O      1 
ATOM   815  C CB     . LYS B 1 7  ? -8.101  6.093   10.150  1.00 16.34 ? 7   LYS B CB     1 
ATOM   816  C CG     . LYS B 1 7  ? -8.421  7.327   10.983  1.00 23.11 ? 7   LYS B CG     1 
ATOM   817  C CD     . LYS B 1 7  ? -9.540  7.110   11.983  1.00 24.67 ? 7   LYS B CD     1 
ATOM   818  C CE     . LYS B 1 7  ? -9.474  8.104   13.136  1.00 26.72 ? 7   LYS B CE     1 
ATOM   819  N NZ     . LYS B 1 7  ? -8.244  7.967   13.929  1.00 31.15 ? 7   LYS B NZ     1 
ATOM   820  N N      . ARG B 1 8  ? -6.253  4.267   8.419   1.00 14.66 ? 8   ARG B N      1 
ATOM   821  C CA     . ARG B 1 8  ? -6.032  3.174   7.471   1.00 13.72 ? 8   ARG B CA     1 
ATOM   822  C C      . ARG B 1 8  ? -7.369  2.719   6.982   1.00 13.15 ? 8   ARG B C      1 
ATOM   823  O O      . ARG B 1 8  ? -8.279  2.563   7.769   1.00 13.74 ? 8   ARG B O      1 
ATOM   824  C CB     . ARG B 1 8  ? -5.385  1.992   8.167   1.00 12.52 ? 8   ARG B CB     1 
ATOM   825  C CG     . ARG B 1 8  ? -4.058  2.308   8.818   1.00 11.97 ? 8   ARG B CG     1 
ATOM   826  C CD     . ARG B 1 8  ? -3.444  1.053   9.377   1.00 13.17 ? 8   ARG B CD     1 
ATOM   827  N NE     . ARG B 1 8  ? -2.067  1.212   9.714   1.00 14.64 ? 8   ARG B NE     1 
ATOM   828  C CZ     . ARG B 1 8  ? -1.381  0.319   10.422  1.00 21.32 ? 8   ARG B CZ     1 
ATOM   829  N NH1    . ARG B 1 8  ? -1.978  -0.775  10.887  1.00 21.94 ? 8   ARG B NH1    1 
ATOM   830  N NH2    . ARG B 1 8  ? -0.062  0.519   10.685  1.00 19.08 ? 8   ARG B NH2    1 
ATOM   831  N N      . PRO B 1 9  ? -7.517  2.570   5.679   1.00 15.43 ? 9   PRO B N      1 
ATOM   832  C CA     . PRO B 1 9  ? -8.785  2.106   5.137   1.00 12.99 ? 9   PRO B CA     1 
ATOM   833  C C      . PRO B 1 9  ? -8.921  0.600   5.356   1.00 13.58 ? 9   PRO B C      1 
ATOM   834  O O      . PRO B 1 9  ? -8.587  -0.176  4.515   1.00 14.27 ? 9   PRO B O      1 
ATOM   835  C CB     . PRO B 1 9  ? -8.711  2.459   3.657   1.00 8.53  ? 9   PRO B CB     1 
ATOM   836  C CG     . PRO B 1 9  ? -7.253  2.608   3.322   1.00 9.35  ? 9   PRO B CG     1 
ATOM   837  C CD     . PRO B 1 9  ? -6.483  2.752   4.626   1.00 13.95 ? 9   PRO B CD     1 
ATOM   838  N N      . VAL B 1 10 ? -9.324  0.185   6.544   1.00 18.41 ? 10  VAL B N      1 
ATOM   839  C CA     . VAL B 1 10 ? -9.508  -1.201  6.928   1.00 15.90 ? 10  VAL B CA     1 
ATOM   840  C C      . VAL B 1 10 ? -10.972 -1.539  7.063   1.00 18.32 ? 10  VAL B C      1 
ATOM   841  O O      . VAL B 1 10 ? -11.695 -0.793  7.710   1.00 17.47 ? 10  VAL B O      1 
ATOM   842  C CB     . VAL B 1 10 ? -8.932  -1.324  8.287   1.00 15.85 ? 10  VAL B CB     1 
ATOM   843  C CG1    . VAL B 1 10 ? -9.311  -2.652  8.918   1.00 15.19 ? 10  VAL B CG1    1 
ATOM   844  C CG2    . VAL B 1 10 ? -7.434  -1.156  8.152   1.00 17.94 ? 10  VAL B CG2    1 
ATOM   845  N N      . VAL B 1 11 ? -11.373 -2.700  6.505   1.00 20.76 ? 11  VAL B N      1 
ATOM   846  C CA     . VAL B 1 11 ? -12.747 -3.217  6.527   1.00 18.28 ? 11  VAL B CA     1 
ATOM   847  C C      . VAL B 1 11 ? -12.782 -4.686  6.953   1.00 16.38 ? 11  VAL B C      1 
ATOM   848  O O      . VAL B 1 11 ? -11.733 -5.325  7.116   1.00 17.27 ? 11  VAL B O      1 
ATOM   849  C CB     . VAL B 1 11 ? -13.494 -3.019  5.184   1.00 16.36 ? 11  VAL B CB     1 
ATOM   850  C CG1    . VAL B 1 11 ? -13.555 -1.543  4.855   1.00 17.74 ? 11  VAL B CG1    1 
ATOM   851  C CG2    . VAL B 1 11 ? -12.766 -3.707  4.031   1.00 14.46 ? 11  VAL B CG2    1 
ATOM   852  N N      . THR B 1 12 ? -14.000 -5.223  7.105   1.00 16.35 ? 12  THR B N      1 
ATOM   853  C CA     . THR B 1 12 ? -14.174 -6.649  7.408   1.00 17.90 ? 12  THR B CA     1 
ATOM   854  C C      . THR B 1 12 ? -14.518 -7.358  6.126   1.00 16.28 ? 12  THR B C      1 
ATOM   855  O O      . THR B 1 12 ? -15.468 -6.966  5.420   1.00 13.89 ? 12  THR B O      1 
ATOM   856  C CB     . THR B 1 12 ? -15.323 -6.955  8.407   1.00 15.45 ? 12  THR B CB     1 
ATOM   857  O OG1    . THR B 1 12 ? -15.086 -6.204  9.564   1.00 15.79 ? 12  THR B OG1    1 
ATOM   858  C CG2    . THR B 1 12 ? -15.386 -8.436  8.766   1.00 16.41 ? 12  THR B CG2    1 
ATOM   859  N N      . ALA B 1 13 ? -13.742 -8.386  5.857   1.00 13.92 ? 13  ALA B N      1 
ATOM   860  C CA     . ALA B 1 13 ? -13.979 -9.216  4.723   1.00 12.59 ? 13  ALA B CA     1 
ATOM   861  C C      . ALA B 1 13 ? -14.191 -10.597 5.321   1.00 15.94 ? 13  ALA B C      1 
ATOM   862  O O      . ALA B 1 13 ? -13.832 -10.848 6.490   1.00 15.77 ? 13  ALA B O      1 
ATOM   863  C CB     . ALA B 1 13 ? -12.803 -9.190  3.776   1.00 11.86 ? 13  ALA B CB     1 
ATOM   864  N N      . TYR B 1 14 ? -14.901 -11.431 4.541   1.00 18.92 ? 14  TYR B N      1 
ATOM   865  C CA     . TYR B 1 14 ? -15.164 -12.829 4.866   1.00 17.62 ? 14  TYR B CA     1 
ATOM   866  C C      . TYR B 1 14 ? -14.497 -13.671 3.822   1.00 17.57 ? 14  TYR B C      1 
ATOM   867  O O      . TYR B 1 14 ? -14.798 -13.503 2.662   1.00 16.90 ? 14  TYR B O      1 
ATOM   868  C CB     . TYR B 1 14 ? -16.647 -13.166 4.898   1.00 16.87 ? 14  TYR B CB     1 
ATOM   869  C CG     . TYR B 1 14 ? -17.353 -12.356 5.936   1.00 16.39 ? 14  TYR B CG     1 
ATOM   870  C CD1    . TYR B 1 14 ? -17.772 -11.066 5.621   1.00 18.71 ? 14  TYR B CD1    1 
ATOM   871  C CD2    . TYR B 1 14 ? -17.608 -12.865 7.205   1.00 15.04 ? 14  TYR B CD2    1 
ATOM   872  C CE1    . TYR B 1 14 ? -18.462 -10.311 6.562   1.00 19.91 ? 14  TYR B CE1    1 
ATOM   873  C CE2    . TYR B 1 14 ? -18.244 -12.095 8.177   1.00 17.98 ? 14  TYR B CE2    1 
ATOM   874  C CZ     . TYR B 1 14 ? -18.653 -10.799 7.857   1.00 19.56 ? 14  TYR B CZ     1 
ATOM   875  O OH     . TYR B 1 14 ? -19.347 -10.019 8.785   1.00 22.00 ? 14  TYR B OH     1 
ATOM   876  N N      . ILE B 1 15 ? -13.505 -14.471 4.220   1.00 18.96 ? 15  ILE B N      1 
ATOM   877  C CA     . ILE B 1 15 ? -12.781 -15.301 3.264   1.00 19.60 ? 15  ILE B CA     1 
ATOM   878  C C      . ILE B 1 15 ? -13.161 -16.711 3.525   1.00 17.45 ? 15  ILE B C      1 
ATOM   879  O O      . ILE B 1 15 ? -12.998 -17.180 4.630   1.00 15.69 ? 15  ILE B O      1 
ATOM   880  C CB     . ILE B 1 15 ? -11.291 -15.114 3.322   1.00 19.00 ? 15  ILE B CB     1 
ATOM   881  C CG1    . ILE B 1 15 ? -11.078 -13.609 3.138   1.00 17.08 ? 15  ILE B CG1    1 
ATOM   882  C CG2    . ILE B 1 15 ? -10.732 -15.931 2.165   1.00 18.43 ? 15  ILE B CG2    1 
ATOM   883  C CD1    . ILE B 1 15 ? -9.698  -13.088 3.447   1.00 17.46 ? 15  ILE B CD1    1 
ATOM   884  N N      . GLU B 1 16 ? -13.806 -17.301 2.546   1.00 20.22 ? 16  GLU B N      1 
ATOM   885  C CA     . GLU B 1 16 ? -14.374 -18.598 2.752   1.00 20.64 ? 16  GLU B CA     1 
ATOM   886  C C      . GLU B 1 16 ? -15.188 -18.541 4.050   1.00 19.98 ? 16  GLU B C      1 
ATOM   887  O O      . GLU B 1 16 ? -15.013 -19.365 4.905   1.00 18.08 ? 16  GLU B O      1 
ATOM   888  C CB     . GLU B 1 16 ? -13.285 -19.656 2.737   1.00 20.78 ? 16  GLU B CB     1 
ATOM   889  C CG     . GLU B 1 16 ? -12.608 -19.710 1.353   1.00 21.28 ? 16  GLU B CG     1 
ATOM   890  C CD     . GLU B 1 16 ? -13.477 -20.318 0.301   1.00 23.37 ? 16  GLU B CD     1 
ATOM   891  O OE1    . GLU B 1 16 ? -14.574 -20.757 0.552   1.00 27.13 ? 16  GLU B OE1    1 
ATOM   892  O OE2    . GLU B 1 16 ? -12.952 -20.342 -0.916  1.00 24.70 ? 16  GLU B OE2    1 
ATOM   893  N N      . GLY B 1 17 ? -16.037 -17.507 4.190   1.00 17.91 ? 17  GLY B N      1 
ATOM   894  C CA     . GLY B 1 17 ? -16.887 -17.334 5.352   1.00 19.45 ? 17  GLY B CA     1 
ATOM   895  C C      . GLY B 1 17 ? -16.230 -16.924 6.692   1.00 20.77 ? 17  GLY B C      1 
ATOM   896  O O      . GLY B 1 17 ? -16.955 -16.777 7.665   1.00 21.50 ? 17  GLY B O      1 
ATOM   897  N N      . GLN B 1 18 ? -14.903 -16.775 6.784   1.00 16.52 ? 18  GLN B N      1 
ATOM   898  C CA     . GLN B 1 18 ? -14.258 -16.314 8.036   1.00 19.03 ? 18  GLN B CA     1 
ATOM   899  C C      . GLN B 1 18 ? -13.842 -14.835 7.965   1.00 18.26 ? 18  GLN B C      1 
ATOM   900  O O      . GLN B 1 18 ? -13.216 -14.397 7.012   1.00 15.65 ? 18  GLN B O      1 
ATOM   901  C CB     . GLN B 1 18 ? -13.115 -17.194 8.535   1.00 17.30 ? 18  GLN B CB     1 
ATOM   902  C CG     . GLN B 1 18 ? -13.127 -18.539 7.798   1.00 23.16 ? 18  GLN B CG     1 
ATOM   903  C CD     . GLN B 1 18 ? -11.739 -19.120 7.725   1.00 26.79 ? 18  GLN B CD     1 
ATOM   904  O OE1    . GLN B 1 18 ? -11.105 -19.323 8.788   1.00 32.20 ? 18  GLN B OE1    1 
ATOM   905  N NE2    . GLN B 1 18 ? -11.205 -19.218 6.509   1.00 24.82 ? 18  GLN B NE2    1 
ATOM   906  N N      . PRO B 1 19 ? -14.245 -14.078 8.965   1.00 17.34 ? 19  PRO B N      1 
ATOM   907  C CA     . PRO B 1 19 ? -14.036 -12.671 8.932   1.00 16.49 ? 19  PRO B CA     1 
ATOM   908  C C      . PRO B 1 19 ? -12.646 -12.330 9.244   1.00 15.91 ? 19  PRO B C      1 
ATOM   909  O O      . PRO B 1 19 ? -12.045 -12.889 10.121  1.00 19.99 ? 19  PRO B O      1 
ATOM   910  C CB     . PRO B 1 19 ? -14.943 -12.062 9.986   1.00 17.66 ? 19  PRO B CB     1 
ATOM   911  C CG     . PRO B 1 19 ? -15.605 -13.198 10.729  1.00 18.31 ? 19  PRO B CG     1 
ATOM   912  C CD     . PRO B 1 19 ? -15.225 -14.486 9.994   1.00 17.58 ? 19  PRO B CD     1 
ATOM   913  N N      . VAL B 1 20 ? -12.127 -11.397 8.493   1.00 18.19 ? 20  VAL B N      1 
ATOM   914  C CA     . VAL B 1 20 ? -10.777 -10.919 8.694   1.00 16.69 ? 20  VAL B CA     1 
ATOM   915  C C      . VAL B 1 20 ? -10.778 -9.417  8.455   1.00 19.10 ? 20  VAL B C      1 
ATOM   916  O O      . VAL B 1 20 ? -11.582 -8.926  7.672   1.00 22.41 ? 20  VAL B O      1 
ATOM   917  C CB     . VAL B 1 20 ? -9.741  -11.607 7.813   1.00 13.70 ? 20  VAL B CB     1 
ATOM   918  C CG1    . VAL B 1 20 ? -9.502  -13.029 8.235   1.00 17.49 ? 20  VAL B CG1    1 
ATOM   919  C CG2    . VAL B 1 20 ? -10.132 -11.567 6.373   1.00 11.54 ? 20  VAL B CG2    1 
ATOM   920  N N      . GLU B 1 21 ? -10.001 -8.669  9.238   1.00 20.55 ? 21  GLU B N      1 
ATOM   921  C CA     . GLU B 1 21 ? -9.926  -7.248  9.036   1.00 18.80 ? 21  GLU B CA     1 
ATOM   922  C C      . GLU B 1 21 ? -8.810  -7.097  8.092   1.00 14.21 ? 21  GLU B C      1 
ATOM   923  O O      . GLU B 1 21 ? -7.801  -7.759  8.257   1.00 12.91 ? 21  GLU B O      1 
ATOM   924  C CB     . GLU B 1 21 ? -9.621  -6.499  10.337  1.00 23.87 ? 21  GLU B CB     1 
ATOM   925  C CG     . GLU B 1 21 ? -10.896 -6.236  11.158  1.00 30.18 ? 21  GLU B CG     1 
ATOM   926  C CD     . GLU B 1 21 ? -10.992 -4.813  11.630  1.00 33.18 ? 21  GLU B CD     1 
ATOM   927  O OE1    . GLU B 1 21 ? -10.013 -4.235  12.160  1.00 30.28 ? 21  GLU B OE1    1 
ATOM   928  O OE2    . GLU B 1 21 ? -12.200 -4.245  11.327  1.00 33.95 ? 21  GLU B OE2    1 
ATOM   929  N N      . VAL B 1 22 ? -9.062  -6.357  7.046   1.00 14.28 ? 22  VAL B N      1 
ATOM   930  C CA     . VAL B 1 22 ? -8.110  -6.182  5.976   1.00 12.54 ? 22  VAL B CA     1 
ATOM   931  C C      . VAL B 1 22 ? -7.920  -4.703  5.648   1.00 14.80 ? 22  VAL B C      1 
ATOM   932  O O      . VAL B 1 22 ? -8.865  -3.922  5.669   1.00 16.96 ? 22  VAL B O      1 
ATOM   933  C CB     . VAL B 1 22 ? -8.588  -6.875  4.659   1.00 11.93 ? 22  VAL B CB     1 
ATOM   934  C CG1    . VAL B 1 22 ? -8.638  -8.408  4.704   1.00 7.82  ? 22  VAL B CG1    1 
ATOM   935  C CG2    . VAL B 1 22 ? -9.903  -6.275  4.181   1.00 6.04  ? 22  VAL B CG2    1 
ATOM   936  N N      . LEU B 1 23 ? -6.716  -4.390  5.219   1.00 12.46 ? 23  LEU B N      1 
ATOM   937  C CA     . LEU B 1 23 ? -6.289  -3.097  4.740   1.00 12.55 ? 23  LEU B CA     1 
ATOM   938  C C      . LEU B 1 23 ? -6.471  -2.941  3.223   1.00 8.77  ? 23  LEU B C      1 
ATOM   939  O O      . LEU B 1 23 ? -6.043  -3.761  2.462   1.00 9.21  ? 23  LEU B O      1 
ATOM   940  C CB     . LEU B 1 23 ? -4.781  -2.992  5.127   1.00 13.00 ? 23  LEU B CB     1 
ATOM   941  C CG     . LEU B 1 23 ? -4.079  -1.753  4.648   1.00 15.00 ? 23  LEU B CG     1 
ATOM   942  C CD1    . LEU B 1 23 ? -4.710  -0.532  5.309   1.00 16.76 ? 23  LEU B CD1    1 
ATOM   943  C CD2    . LEU B 1 23 ? -2.649  -1.862  5.097   1.00 16.13 ? 23  LEU B CD2    1 
ATOM   944  N N      . LEU B 1 24 ? -7.144  -1.907  2.740   1.00 11.22 ? 24  LEU B N      1 
ATOM   945  C CA     . LEU B 1 24 ? -7.297  -1.704  1.303   1.00 12.94 ? 24  LEU B CA     1 
ATOM   946  C C      . LEU B 1 24 ? -6.035  -0.998  0.759   1.00 15.46 ? 24  LEU B C      1 
ATOM   947  O O      . LEU B 1 24 ? -5.671  0.127   1.144   1.00 14.80 ? 24  LEU B O      1 
ATOM   948  C CB     . LEU B 1 24 ? -8.605  -0.960  0.986   1.00 10.81 ? 24  LEU B CB     1 
ATOM   949  C CG     . LEU B 1 24 ? -9.813  -1.530  1.716   1.00 12.10 ? 24  LEU B CG     1 
ATOM   950  C CD1    . LEU B 1 24 ? -11.044 -0.665  1.427   1.00 11.41 ? 24  LEU B CD1    1 
ATOM   951  C CD2    . LEU B 1 24 ? -10.049 -2.934  1.187   1.00 12.43 ? 24  LEU B CD2    1 
ATOM   952  N N      . ASP B 1 25 ? -5.262  -1.700  -0.046  1.00 15.18 ? 25  ASP B N      1 
ATOM   953  C CA     . ASP B 1 25 ? -3.930  -1.219  -0.371  1.00 14.51 ? 25  ASP B CA     1 
ATOM   954  C C      . ASP B 1 25 ? -3.606  -1.065  -1.829  1.00 14.85 ? 25  ASP B C      1 
ATOM   955  O O      . ASP B 1 25 ? -3.147  -1.975  -2.438  1.00 16.40 ? 25  ASP B O      1 
ATOM   956  C CB     . ASP B 1 25 ? -2.962  -2.228  0.297   1.00 12.27 ? 25  ASP B CB     1 
ATOM   957  C CG     . ASP B 1 25 ? -1.526  -1.874  0.441   1.00 11.14 ? 25  ASP B CG     1 
ATOM   958  O OD1    . ASP B 1 25 ? -0.961  -1.050  -0.189  1.00 12.63 ? 25  ASP B OD1    1 
ATOM   959  O OD2    . ASP B 1 25 ? -0.876  -2.706  1.173   1.00 12.04 ? 25  ASP B OD2    1 
ATOM   960  N N      . THR B 1 26 ? -3.651  0.137   -2.343  1.00 15.05 ? 26  THR B N      1 
ATOM   961  C CA     . THR B 1 26 ? -3.284  0.371   -3.715  1.00 13.40 ? 26  THR B CA     1 
ATOM   962  C C      . THR B 1 26 ? -1.817  0.129   -4.002  1.00 13.18 ? 26  THR B C      1 
ATOM   963  O O      . THR B 1 26 ? -1.419  0.240   -5.113  1.00 14.75 ? 26  THR B O      1 
ATOM   964  C CB     . THR B 1 26 ? -3.664  1.815   -4.081  1.00 15.55 ? 26  THR B CB     1 
ATOM   965  O OG1    . THR B 1 26 ? -2.852  2.721   -3.367  1.00 10.99 ? 26  THR B OG1    1 
ATOM   966  C CG2    . THR B 1 26 ? -5.111  2.102   -3.716  1.00 9.93  ? 26  THR B CG2    1 
ATOM   967  N N      . GLY B 1 27 ? -0.999  -0.173  -2.997  1.00 11.02 ? 27  GLY B N      1 
ATOM   968  C CA     . GLY B 1 27 ? 0.424   -0.334  -3.174  1.00 10.01 ? 27  GLY B CA     1 
ATOM   969  C C      . GLY B 1 27 ? 0.837   -1.783  -3.233  1.00 13.72 ? 27  GLY B C      1 
ATOM   970  O O      . GLY B 1 27 ? 1.979   -2.106  -3.530  1.00 17.12 ? 27  GLY B O      1 
ATOM   971  N N      . ALA B 1 28 ? -0.105  -2.659  -2.921  1.00 14.28 ? 28  ALA B N      1 
ATOM   972  C CA     . ALA B 1 28 ? 0.047   -4.099  -3.034  1.00 10.95 ? 28  ALA B CA     1 
ATOM   973  C C      . ALA B 1 28 ? -0.628  -4.569  -4.356  1.00 11.50 ? 28  ALA B C      1 
ATOM   974  O O      . ALA B 1 28 ? -1.799  -4.244  -4.657  1.00 9.66  ? 28  ALA B O      1 
ATOM   975  C CB     . ALA B 1 28 ? -0.655  -4.742  -1.874  1.00 6.57  ? 28  ALA B CB     1 
ATOM   976  N N      . ASP B 1 29 ? 0.152   -5.281  -5.184  1.00 13.70 ? 29  ASP B N      1 
ATOM   977  C CA     . ASP B 1 29 ? -0.299  -5.863  -6.439  1.00 12.59 ? 29  ASP B CA     1 
ATOM   978  C C      . ASP B 1 29 ? -1.268  -7.009  -6.202  1.00 12.08 ? 29  ASP B C      1 
ATOM   979  O O      . ASP B 1 29 ? -2.230  -7.143  -6.872  1.00 12.73 ? 29  ASP B O      1 
ATOM   980  C CB     . ASP B 1 29 ? 0.899   -6.380  -7.222  1.00 15.51 ? 29  ASP B CB     1 
ATOM   981  C CG     . ASP B 1 29 ? 1.905   -5.358  -7.687  1.00 18.66 ? 29  ASP B CG     1 
ATOM   982  O OD1    . ASP B 1 29 ? 1.443   -4.194  -8.053  1.00 18.54 ? 29  ASP B OD1    1 
ATOM   983  O OD2    . ASP B 1 29 ? 3.018   -5.666  -7.983  1.00 24.83 ? 29  ASP B OD2    1 
ATOM   984  N N      . ASP B 1 30 ? -0.989  -7.837  -5.198  1.00 10.99 ? 30  ASP B N      1 
ATOM   985  C CA     . ASP B 1 30 ? -1.774  -8.989  -4.803  1.00 13.12 ? 30  ASP B CA     1 
ATOM   986  C C      . ASP B 1 30 ? -2.172  -8.927  -3.339  1.00 13.77 ? 30  ASP B C      1 
ATOM   987  O O      . ASP B 1 30 ? -2.028  -7.874  -2.727  1.00 15.03 ? 30  ASP B O      1 
ATOM   988  C CB     . ASP B 1 30 ? -1.209  -10.386 -5.227  1.00 15.92 ? 30  ASP B CB     1 
ATOM   989  C CG     . ASP B 1 30 ? -0.810  -10.522 -6.691  1.00 17.58 ? 30  ASP B CG     1 
ATOM   990  O OD1    . ASP B 1 30 ? -1.730  -10.356 -7.599  1.00 17.88 ? 30  ASP B OD1    1 
ATOM   991  O OD2    . ASP B 1 30 ? 0.333   -10.693 -7.001  1.00 25.83 ? 30  ASP B OD2    1 
ATOM   992  N N      . SER B 1 31 ? -2.801  -9.995  -2.838  1.00 12.08 ? 31  SER B N      1 
ATOM   993  C CA     . SER B 1 31 ? -3.427  -9.966  -1.551  1.00 14.11 ? 31  SER B CA     1 
ATOM   994  C C      . SER B 1 31 ? -2.906  -11.029 -0.631  1.00 16.91 ? 31  SER B C      1 
ATOM   995  O O      . SER B 1 31 ? -2.603  -12.128 -1.048  1.00 19.19 ? 31  SER B O      1 
ATOM   996  C CB     . SER B 1 31 ? -4.931  -10.119 -1.705  1.00 12.16 ? 31  SER B CB     1 
ATOM   997  O OG     . SER B 1 31 ? -5.426  -9.083  -2.507  1.00 9.23  ? 31  SER B OG     1 
ATOM   998  N N      . ILE B 1 32 ? -2.770  -10.698 0.625   1.00 15.74 ? 32  ILE B N      1 
ATOM   999  C CA     . ILE B 1 32 ? -2.239  -11.678 1.522   1.00 16.80 ? 32  ILE B CA     1 
ATOM   1000 C C      . ILE B 1 32 ? -2.830  -11.524 2.883   1.00 15.65 ? 32  ILE B C      1 
ATOM   1001 O O      . ILE B 1 32 ? -2.828  -10.433 3.418   1.00 15.83 ? 32  ILE B O      1 
ATOM   1002 C CB     . ILE B 1 32 ? -0.712  -11.714 1.539   1.00 16.64 ? 32  ILE B CB     1 
ATOM   1003 C CG1    . ILE B 1 32 ? -0.226  -12.614 2.656   1.00 14.65 ? 32  ILE B CG1    1 
ATOM   1004 C CG2    . ILE B 1 32 ? -0.171  -10.314 1.781   1.00 16.14 ? 32  ILE B CG2    1 
ATOM   1005 C CD1    . ILE B 1 32 ? 1.286   -12.660 2.674   1.00 16.34 ? 32  ILE B CD1    1 
ATOM   1006 N N      . VAL B 1 33 ? -3.389  -12.621 3.379   1.00 17.10 ? 33  VAL B N      1 
ATOM   1007 C CA     . VAL B 1 33 ? -4.054  -12.689 4.690   1.00 18.58 ? 33  VAL B CA     1 
ATOM   1008 C C      . VAL B 1 33 ? -3.372  -13.672 5.614   1.00 19.07 ? 33  VAL B C      1 
ATOM   1009 O O      . VAL B 1 33 ? -2.806  -14.648 5.164   1.00 20.47 ? 33  VAL B O      1 
ATOM   1010 C CB     . VAL B 1 33 ? -5.589  -12.911 4.646   1.00 16.32 ? 33  VAL B CB     1 
ATOM   1011 C CG1    . VAL B 1 33 ? -6.211  -11.936 3.649   1.00 14.60 ? 33  VAL B CG1    1 
ATOM   1012 C CG2    . VAL B 1 33 ? -5.886  -14.321 4.186   1.00 19.00 ? 33  VAL B CG2    1 
ATOM   1013 N N      . ALA B 1 34 ? -3.389  -13.371 6.903   1.00 19.22 ? 34  ALA B N      1 
ATOM   1014 C CA     . ALA B 1 34 ? -2.794  -14.253 7.891   1.00 17.72 ? 34  ALA B CA     1 
ATOM   1015 C C      . ALA B 1 34 ? -3.905  -14.848 8.724   1.00 18.11 ? 34  ALA B C      1 
ATOM   1016 O O      . ALA B 1 34 ? -5.038  -14.376 8.709   1.00 13.36 ? 34  ALA B O      1 
ATOM   1017 C CB     . ALA B 1 34 ? -1.842  -13.482 8.808   1.00 16.45 ? 34  ALA B CB     1 
ATOM   1018 N N      . GLY B 1 35 ? -3.578  -15.882 9.470   1.00 21.08 ? 35  GLY B N      1 
ATOM   1019 C CA     . GLY B 1 35 ? -4.540  -16.448 10.411  1.00 25.81 ? 35  GLY B CA     1 
ATOM   1020 C C      . GLY B 1 35 ? -5.756  -17.218 9.869   1.00 29.11 ? 35  GLY B C      1 
ATOM   1021 O O      . GLY B 1 35 ? -6.723  -17.453 10.613  1.00 32.18 ? 35  GLY B O      1 
ATOM   1022 N N      . ILE B 1 36 ? -5.744  -17.589 8.590   1.00 28.05 ? 36  ILE B N      1 
ATOM   1023 C CA     . ILE B 1 36 ? -6.836  -18.352 8.043   1.00 27.13 ? 36  ILE B CA     1 
ATOM   1024 C C      . ILE B 1 36 ? -6.260  -19.567 7.430   1.00 27.20 ? 36  ILE B C      1 
ATOM   1025 O O      . ILE B 1 36 ? -5.122  -19.506 6.983   1.00 30.88 ? 36  ILE B O      1 
ATOM   1026 C CB     . ILE B 1 36 ? -7.664  -17.606 7.035   1.00 26.33 ? 36  ILE B CB     1 
ATOM   1027 C CG1    . ILE B 1 36 ? -6.753  -16.971 6.031   1.00 24.73 ? 36  ILE B CG1    1 
ATOM   1028 C CG2    . ILE B 1 36 ? -8.472  -16.534 7.759   1.00 27.38 ? 36  ILE B CG2    1 
ATOM   1029 C CD1    . ILE B 1 36 ? -7.255  -17.247 4.621   1.00 25.65 ? 36  ILE B CD1    1 
ATOM   1030 N N      . GLU B 1 37 ? -7.001  -20.659 7.494   1.00 28.14 ? 37  GLU B N      1 
ATOM   1031 C CA     . GLU B 1 37 ? -6.555  -21.928 6.953   1.00 27.71 ? 37  GLU B CA     1 
ATOM   1032 C C      . GLU B 1 37 ? -7.325  -22.181 5.671   1.00 26.75 ? 37  GLU B C      1 
ATOM   1033 O O      . GLU B 1 37 ? -8.559  -22.163 5.717   1.00 26.12 ? 37  GLU B O      1 
ATOM   1034 C CB     . GLU B 1 37 ? -6.798  -23.060 7.999   1.00 29.25 ? 37  GLU B CB     1 
ATOM   1035 C CG     . GLU B 1 37 ? -5.772  -24.226 8.007   1.00 32.14 ? 37  GLU B CG     1 
ATOM   1036 C CD     . GLU B 1 37 ? -5.604  -24.960 6.700   1.00 33.29 ? 37  GLU B CD     1 
ATOM   1037 O OE1    . GLU B 1 37 ? -4.775  -24.594 5.872   1.00 35.24 ? 37  GLU B OE1    1 
ATOM   1038 O OE2    . GLU B 1 37 ? -6.384  -26.037 6.566   1.00 34.41 ? 37  GLU B OE2    1 
ATOM   1039 N N      . LEU B 1 38 ? -6.642  -22.347 4.530   1.00 24.14 ? 38  LEU B N      1 
ATOM   1040 C CA     . LEU B 1 38 ? -7.418  -22.479 3.325   1.00 21.72 ? 38  LEU B CA     1 
ATOM   1041 C C      . LEU B 1 38 ? -7.290  -23.843 2.712   1.00 24.09 ? 38  LEU B C      1 
ATOM   1042 O O      . LEU B 1 38 ? -7.919  -24.154 1.682   1.00 20.55 ? 38  LEU B O      1 
ATOM   1043 C CB     . LEU B 1 38 ? -7.214  -21.355 2.272   1.00 22.82 ? 38  LEU B CB     1 
ATOM   1044 C CG     . LEU B 1 38 ? -7.743  -19.965 2.669   1.00 20.00 ? 38  LEU B CG     1 
ATOM   1045 C CD1    . LEU B 1 38 ? -7.414  -18.914 1.622   1.00 19.61 ? 38  LEU B CD1    1 
ATOM   1046 C CD2    . LEU B 1 38 ? -9.239  -20.020 2.810   1.00 21.18 ? 38  LEU B CD2    1 
ATOM   1047 N N      . GLY B 1 39 ? -6.470  -24.680 3.328   1.00 23.76 ? 39  GLY B N      1 
ATOM   1048 C CA     . GLY B 1 39 ? -6.348  -26.014 2.775   1.00 24.03 ? 39  GLY B CA     1 
ATOM   1049 C C      . GLY B 1 39 ? -5.033  -26.297 2.046   1.00 24.66 ? 39  GLY B C      1 
ATOM   1050 O O      . GLY B 1 39 ? -4.089  -25.497 2.024   1.00 24.28 ? 39  GLY B O      1 
ATOM   1051 N N      . ASN B 1 40 ? -4.991  -27.466 1.416   1.00 24.99 ? 40  ASN B N      1 
ATOM   1052 C CA     . ASN B 1 40 ? -3.780  -27.971 0.827   1.00 25.88 ? 40  ASN B CA     1 
ATOM   1053 C C      . ASN B 1 40 ? -3.566  -27.687 -0.657  1.00 24.22 ? 40  ASN B C      1 
ATOM   1054 O O      . ASN B 1 40 ? -2.488  -27.902 -1.225  1.00 23.65 ? 40  ASN B O      1 
ATOM   1055 C CB     . ASN B 1 40 ? -3.669  -29.483 1.192   1.00 30.36 ? 40  ASN B CB     1 
ATOM   1056 C CG     . ASN B 1 40 ? -4.389  -30.329 0.150   1.00 35.75 ? 40  ASN B CG     1 
ATOM   1057 O OD1    . ASN B 1 40 ? -5.473  -29.917 -0.366  1.00 35.70 ? 40  ASN B OD1    1 
ATOM   1058 N ND2    . ASN B 1 40 ? -3.688  -31.389 -0.319  1.00 38.44 ? 40  ASN B ND2    1 
ATOM   1059 N N      . ASN B 1 41 ? -4.565  -27.171 -1.326  1.00 22.96 ? 41  ASN B N      1 
ATOM   1060 C CA     . ASN B 1 41 ? -4.336  -26.958 -2.730  1.00 23.16 ? 41  ASN B CA     1 
ATOM   1061 C C      . ASN B 1 41 ? -3.891  -25.551 -3.111  1.00 23.70 ? 41  ASN B C      1 
ATOM   1062 O O      . ASN B 1 41 ? -4.675  -24.687 -3.603  1.00 24.03 ? 41  ASN B O      1 
ATOM   1063 C CB     . ASN B 1 41 ? -5.535  -27.477 -3.542  1.00 25.27 ? 41  ASN B CB     1 
ATOM   1064 C CG     . ASN B 1 41 ? -5.436  -27.136 -5.000  1.00 29.43 ? 41  ASN B CG     1 
ATOM   1065 O OD1    . ASN B 1 41 ? -6.495  -26.899 -5.606  1.00 36.38 ? 41  ASN B OD1    1 
ATOM   1066 N ND2    . ASN B 1 41 ? -4.201  -27.079 -5.564  1.00 27.93 ? 41  ASN B ND2    1 
ATOM   1067 N N      . TYR B 1 42 ? -2.585  -25.361 -2.919  1.00 22.89 ? 42  TYR B N      1 
ATOM   1068 C CA     . TYR B 1 42 ? -1.945  -24.071 -3.179  1.00 20.84 ? 42  TYR B CA     1 
ATOM   1069 C C      . TYR B 1 42 ? -0.625  -24.236 -3.896  1.00 21.41 ? 42  TYR B C      1 
ATOM   1070 O O      . TYR B 1 42 ? -0.152  -25.347 -4.025  1.00 24.31 ? 42  TYR B O      1 
ATOM   1071 C CB     . TYR B 1 42 ? -1.639  -23.402 -1.844  1.00 20.25 ? 42  TYR B CB     1 
ATOM   1072 C CG     . TYR B 1 42 ? -0.767  -24.288 -0.977  1.00 19.74 ? 42  TYR B CG     1 
ATOM   1073 C CD1    . TYR B 1 42 ? 0.620   -24.250 -1.090  1.00 20.76 ? 42  TYR B CD1    1 
ATOM   1074 C CD2    . TYR B 1 42 ? -1.326  -25.166 -0.052  1.00 18.48 ? 42  TYR B CD2    1 
ATOM   1075 C CE1    . TYR B 1 42 ? 1.432   -25.090 -0.325  1.00 21.43 ? 42  TYR B CE1    1 
ATOM   1076 C CE2    . TYR B 1 42 ? -0.528  -26.022 0.711   1.00 19.90 ? 42  TYR B CE2    1 
ATOM   1077 C CZ     . TYR B 1 42 ? 0.862   -25.978 0.582   1.00 22.26 ? 42  TYR B CZ     1 
ATOM   1078 O OH     . TYR B 1 42 ? 1.722   -26.776 1.349   1.00 27.92 ? 42  TYR B OH     1 
ATOM   1079 N N      . SER B 1 43 ? -0.043  -23.131 -4.376  1.00 21.17 ? 43  SER B N      1 
ATOM   1080 C CA     . SER B 1 43 ? 1.260   -23.165 -4.997  1.00 22.24 ? 43  SER B CA     1 
ATOM   1081 C C      . SER B 1 43 ? 2.109   -22.295 -4.154  1.00 23.78 ? 43  SER B C      1 
ATOM   1082 O O      . SER B 1 43 ? 1.668   -21.221 -3.730  1.00 20.79 ? 43  SER B O      1 
ATOM   1083 C CB     . SER B 1 43 ? 1.362   -22.615 -6.407  1.00 25.38 ? 43  SER B CB     1 
ATOM   1084 O OG     . SER B 1 43 ? 0.099   -22.638 -7.009  1.00 28.21 ? 43  SER B OG     1 
ATOM   1085 N N      . PRO B 1 44 ? 3.331   -22.749 -3.970  1.00 21.67 ? 44  PRO B N      1 
ATOM   1086 C CA     . PRO B 1 44 ? 4.233   -22.002 -3.165  1.00 21.47 ? 44  PRO B CA     1 
ATOM   1087 C C      . PRO B 1 44 ? 4.702   -20.764 -3.870  1.00 21.41 ? 44  PRO B C      1 
ATOM   1088 O O      . PRO B 1 44 ? 5.031   -20.802 -5.039  1.00 23.68 ? 44  PRO B O      1 
ATOM   1089 C CB     . PRO B 1 44 ? 5.368   -22.946 -2.799  1.00 21.72 ? 44  PRO B CB     1 
ATOM   1090 C CG     . PRO B 1 44 ? 4.871   -24.338 -3.103  1.00 20.53 ? 44  PRO B CG     1 
ATOM   1091 C CD     . PRO B 1 44 ? 3.731   -24.163 -4.076  1.00 22.84 ? 44  PRO B CD     1 
ATOM   1092 N N      . LYS B 1 45 ? 4.720   -19.655 -3.156  1.00 18.44 ? 45  LYS B N      1 
ATOM   1093 C CA     . LYS B 1 45 ? 5.193   -18.398 -3.703  1.00 19.05 ? 45  LYS B CA     1 
ATOM   1094 C C      . LYS B 1 45 ? 6.012   -17.597 -2.672  1.00 19.25 ? 45  LYS B C      1 
ATOM   1095 O O      . LYS B 1 45 ? 6.066   -17.909 -1.486  1.00 21.67 ? 45  LYS B O      1 
ATOM   1096 C CB     . LYS B 1 45 ? 3.993   -17.573 -4.145  1.00 18.41 ? 45  LYS B CB     1 
ATOM   1097 C CG     . LYS B 1 45 ? 3.706   -17.650 -5.609  1.00 19.97 ? 45  LYS B CG     1 
ATOM   1098 C CD     . LYS B 1 45 ? 3.018   -18.951 -5.993  1.00 25.33 ? 45  LYS B CD     1 
ATOM   1099 C CE     . LYS B 1 45 ? 2.787   -19.123 -7.519  1.00 27.44 ? 45  LYS B CE     1 
ATOM   1100 N NZ     . LYS B 1 45 ? 3.715   -20.087 -8.156  1.00 30.37 ? 45  LYS B NZ     1 
ATOM   1101 N N      . ILE B 1 46 ? 6.638   -16.532 -3.127  1.00 17.66 ? 46  ILE B N      1 
ATOM   1102 C CA     . ILE B 1 46 ? 7.338   -15.612 -2.286  1.00 17.51 ? 46  ILE B CA     1 
ATOM   1103 C C      . ILE B 1 46 ? 6.787   -14.248 -2.569  1.00 18.47 ? 46  ILE B C      1 
ATOM   1104 O O      . ILE B 1 46 ? 6.326   -13.982 -3.689  1.00 21.00 ? 46  ILE B O      1 
ATOM   1105 C CB     . ILE B 1 46 ? 8.843   -15.730 -2.510  1.00 19.85 ? 46  ILE B CB     1 
ATOM   1106 C CG1    . ILE B 1 46 ? 9.477   -16.179 -1.235  1.00 23.27 ? 46  ILE B CG1    1 
ATOM   1107 C CG2    . ILE B 1 46 ? 9.616   -14.555 -3.047  1.00 15.91 ? 46  ILE B CG2    1 
ATOM   1108 C CD1    . ILE B 1 46 ? 9.420   -17.717 -1.148  1.00 22.60 ? 46  ILE B CD1    1 
ATOM   1109 N N      . VAL B 1 47 ? 6.759   -13.387 -1.564  1.00 18.64 ? 47  VAL B N      1 
ATOM   1110 C CA     . VAL B 1 47 ? 6.337   -11.993 -1.773  1.00 19.74 ? 47  VAL B CA     1 
ATOM   1111 C C      . VAL B 1 47 ? 7.308   -11.034 -1.157  1.00 16.48 ? 47  VAL B C      1 
ATOM   1112 O O      . VAL B 1 47 ? 7.769   -11.236 -0.077  1.00 15.12 ? 47  VAL B O      1 
ATOM   1113 C CB     . VAL B 1 47 ? 4.843   -11.644 -1.536  1.00 20.07 ? 47  VAL B CB     1 
ATOM   1114 C CG1    . VAL B 1 47 ? 4.309   -12.276 -0.245  1.00 21.60 ? 47  VAL B CG1    1 
ATOM   1115 C CG2    . VAL B 1 47 ? 4.628   -10.145 -1.494  1.00 21.38 ? 47  VAL B CG2    1 
ATOM   1116 N N      . GLY B 1 48 ? 7.611   -9.969  -1.822  1.00 16.17 ? 48  GLY B N      1 
ATOM   1117 C CA     . GLY B 1 48 ? 8.525   -9.027  -1.231  1.00 15.96 ? 48  GLY B CA     1 
ATOM   1118 C C      . GLY B 1 48 ? 7.924   -7.683  -0.922  1.00 15.54 ? 48  GLY B C      1 
ATOM   1119 O O      . GLY B 1 48 ? 6.924   -7.295  -1.453  1.00 15.80 ? 48  GLY B O      1 
ATOM   1120 N N      . GLY B 1 49 ? 8.569   -6.981  -0.012  1.00 20.05 ? 49  GLY B N      1 
ATOM   1121 C CA     . GLY B 1 49 ? 8.177   -5.670  0.415   1.00 20.18 ? 49  GLY B CA     1 
ATOM   1122 C C      . GLY B 1 49 ? 9.363   -4.985  1.041   1.00 21.95 ? 49  GLY B C      1 
ATOM   1123 O O      . GLY B 1 49 ? 10.514  -5.246  0.684   1.00 22.17 ? 49  GLY B O      1 
ATOM   1124 N N      . ILE B 1 50 ? 9.061   -4.053  1.926   1.00 21.46 ? 50  ILE B N      1 
ATOM   1125 C CA     . ILE B 1 50 ? 10.091  -3.294  2.606   1.00 19.56 ? 50  ILE B CA     1 
ATOM   1126 C C      . ILE B 1 50 ? 10.800  -4.280  3.563   1.00 18.13 ? 50  ILE B C      1 
ATOM   1127 O O      . ILE B 1 50 ? 10.149  -5.095  4.225   1.00 19.04 ? 50  ILE B O      1 
ATOM   1128 C CB     . ILE B 1 50 ? 9.395   -2.085  3.298   1.00 18.86 ? 50  ILE B CB     1 
ATOM   1129 C CG1    . ILE B 1 50 ? 9.065   -0.933  2.332   1.00 20.09 ? 50  ILE B CG1    1 
ATOM   1130 C CG2    . ILE B 1 50 ? 10.064  -1.602  4.571   1.00 15.45 ? 50  ILE B CG2    1 
ATOM   1131 C CD1    . ILE B 1 50 ? 10.233  -0.008  1.954   1.00 21.17 ? 50  ILE B CD1    1 
ATOM   1132 N N      . GLY B 1 51 ? 12.106  -4.336  3.587   1.00 15.50 ? 51  GLY B N      1 
ATOM   1133 C CA     . GLY B 1 51 ? 12.686  -5.289  4.520   1.00 15.48 ? 51  GLY B CA     1 
ATOM   1134 C C      . GLY B 1 51 ? 12.848  -6.763  4.069   1.00 17.13 ? 51  GLY B C      1 
ATOM   1135 O O      . GLY B 1 51 ? 13.254  -7.603  4.839   1.00 19.88 ? 51  GLY B O      1 
ATOM   1136 N N      . GLY B 1 52 ? 12.524  -7.166  2.849   1.00 17.14 ? 52  GLY B N      1 
ATOM   1137 C CA     . GLY B 1 52 ? 12.733  -8.583  2.499   1.00 15.85 ? 52  GLY B CA     1 
ATOM   1138 C C      . GLY B 1 52 ? 11.488  -9.302  1.986   1.00 15.15 ? 52  GLY B C      1 
ATOM   1139 O O      . GLY B 1 52 ? 10.438  -8.727  1.786   1.00 16.93 ? 52  GLY B O      1 
ATOM   1140 N N      . PHE B 1 53 ? 11.592  -10.622 1.935   1.00 15.47 ? 53  PHE B N      1 
ATOM   1141 C CA     . PHE B 1 53 ? 10.570  -11.459 1.416   1.00 15.84 ? 53  PHE B CA     1 
ATOM   1142 C C      . PHE B 1 53 ? 10.041  -12.424 2.421   1.00 16.43 ? 53  PHE B C      1 
ATOM   1143 O O      . PHE B 1 53 ? 10.676  -12.694 3.413   1.00 18.13 ? 53  PHE B O      1 
ATOM   1144 C CB     . PHE B 1 53 ? 11.144  -12.220 0.195   1.00 13.55 ? 53  PHE B CB     1 
ATOM   1145 C CG     . PHE B 1 53 ? 11.827  -11.293 -0.767  1.00 13.55 ? 53  PHE B CG     1 
ATOM   1146 C CD1    . PHE B 1 53 ? 13.132  -10.856 -0.552  1.00 14.33 ? 53  PHE B CD1    1 
ATOM   1147 C CD2    . PHE B 1 53 ? 11.137  -10.797 -1.874  1.00 17.64 ? 53  PHE B CD2    1 
ATOM   1148 C CE1    . PHE B 1 53 ? 13.737  -9.943  -1.418  1.00 12.78 ? 53  PHE B CE1    1 
ATOM   1149 C CE2    . PHE B 1 53 ? 11.724  -9.893  -2.760  1.00 13.55 ? 53  PHE B CE2    1 
ATOM   1150 C CZ     . PHE B 1 53 ? 13.035  -9.482  -2.533  1.00 15.10 ? 53  PHE B CZ     1 
ATOM   1151 N N      . ILE B 1 54 ? 8.838   -12.935 2.131   1.00 16.76 ? 54  ILE B N      1 
ATOM   1152 C CA     . ILE B 1 54 ? 8.214   -13.943 2.928   1.00 15.32 ? 54  ILE B CA     1 
ATOM   1153 C C      . ILE B 1 54 ? 7.711   -15.097 2.049   1.00 14.78 ? 54  ILE B C      1 
ATOM   1154 O O      . ILE B 1 54 ? 7.393   -14.926 0.892   1.00 11.59 ? 54  ILE B O      1 
ATOM   1155 C CB     . ILE B 1 54 ? 7.117   -13.376 3.839   1.00 15.70 ? 54  ILE B CB     1 
ATOM   1156 C CG1    . ILE B 1 54 ? 6.004   -12.683 3.032   1.00 14.46 ? 54  ILE B CG1    1 
ATOM   1157 C CG2    . ILE B 1 54 ? 7.714   -12.470 4.930   1.00 11.56 ? 54  ILE B CG2    1 
ATOM   1158 C CD1    . ILE B 1 54 ? 4.694   -12.425 3.786   1.00 11.65 ? 54  ILE B CD1    1 
ATOM   1159 N N      . ASN B 1 55 ? 7.646   -16.298 2.617   1.00 13.77 ? 55  ASN B N      1 
ATOM   1160 C CA     . ASN B 1 55 ? 7.031   -17.430 1.921   1.00 16.47 ? 55  ASN B CA     1 
ATOM   1161 C C      . ASN B 1 55 ? 5.496   -17.307 1.964   1.00 15.59 ? 55  ASN B C      1 
ATOM   1162 O O      . ASN B 1 55 ? 4.932   -17.012 3.002   1.00 16.91 ? 55  ASN B O      1 
ATOM   1163 C CB     . ASN B 1 55 ? 7.329   -18.771 2.596   1.00 13.34 ? 55  ASN B CB     1 
ATOM   1164 C CG     . ASN B 1 55 ? 8.691   -19.255 2.330   1.00 13.87 ? 55  ASN B CG     1 
ATOM   1165 O OD1    . ASN B 1 55 ? 9.498   -19.240 3.250   1.00 15.27 ? 55  ASN B OD1    1 
ATOM   1166 N ND2    . ASN B 1 55 ? 8.951   -19.602 1.087   1.00 13.75 ? 55  ASN B ND2    1 
ATOM   1167 N N      . THR B 1 56 ? 4.801   -17.605 0.886   1.00 14.69 ? 56  THR B N      1 
ATOM   1168 C CA     . THR B 1 56 ? 3.341   -17.521 0.932   1.00 15.42 ? 56  THR B CA     1 
ATOM   1169 C C      . THR B 1 56 ? 2.737   -18.765 0.309   1.00 13.70 ? 56  THR B C      1 
ATOM   1170 O O      . THR B 1 56 ? 3.411   -19.495 -0.412  1.00 15.65 ? 56  THR B O      1 
ATOM   1171 C CB     . THR B 1 56 ? 2.877   -16.313 0.101   1.00 15.75 ? 56  THR B CB     1 
ATOM   1172 O OG1    . THR B 1 56 ? 3.445   -16.399 -1.182  1.00 19.42 ? 56  THR B OG1    1 
ATOM   1173 C CG2    . THR B 1 56 ? 3.297   -14.970 0.692   1.00 16.13 ? 56  THR B CG2    1 
ATOM   1174 N N      . LYS B 1 57 ? 1.472   -19.048 0.571   1.00 14.04 ? 57  LYS B N      1 
ATOM   1175 C CA     . LYS B 1 57 ? 0.800   -20.107 -0.125  1.00 13.04 ? 57  LYS B CA     1 
ATOM   1176 C C      . LYS B 1 57 ? -0.239  -19.412 -0.914  1.00 13.56 ? 57  LYS B C      1 
ATOM   1177 O O      . LYS B 1 57 ? -1.017  -18.675 -0.302  1.00 13.86 ? 57  LYS B O      1 
ATOM   1178 C CB     . LYS B 1 57 ? 0.054   -21.071 0.730   1.00 12.09 ? 57  LYS B CB     1 
ATOM   1179 C CG     . LYS B 1 57 ? 0.972   -21.800 1.639   1.00 15.12 ? 57  LYS B CG     1 
ATOM   1180 C CD     . LYS B 1 57 ? 0.163   -22.514 2.665   1.00 17.35 ? 57  LYS B CD     1 
ATOM   1181 C CE     . LYS B 1 57 ? 1.001   -23.457 3.498   1.00 23.66 ? 57  LYS B CE     1 
ATOM   1182 N NZ     . LYS B 1 57 ? 0.195   -24.110 4.543   1.00 27.38 ? 57  LYS B NZ     1 
ATOM   1183 N N      . GLU B 1 58 ? -0.236  -19.644 -2.228  1.00 13.91 ? 58  GLU B N      1 
ATOM   1184 C CA     . GLU B 1 58 ? -1.199  -19.028 -3.114  1.00 14.25 ? 58  GLU B CA     1 
ATOM   1185 C C      . GLU B 1 58 ? -2.415  -19.900 -3.409  1.00 15.15 ? 58  GLU B C      1 
ATOM   1186 O O      . GLU B 1 58 ? -2.285  -21.028 -3.874  1.00 16.52 ? 58  GLU B O      1 
ATOM   1187 C CB     . GLU B 1 58 ? -0.523  -18.766 -4.431  1.00 15.44 ? 58  GLU B CB     1 
ATOM   1188 C CG     . GLU B 1 58 ? -1.349  -17.803 -5.278  1.00 19.46 ? 58  GLU B CG     1 
ATOM   1189 C CD     . GLU B 1 58 ? -0.840  -17.781 -6.667  1.00 20.25 ? 58  GLU B CD     1 
ATOM   1190 O OE1    . GLU B 1 58 ? -0.629  -18.780 -7.267  1.00 19.02 ? 58  GLU B OE1    1 
ATOM   1191 O OE2    . GLU B 1 58 ? -0.639  -16.587 -7.154  1.00 24.89 ? 58  GLU B OE2    1 
ATOM   1192 N N      . TYR B 1 59 ? -3.601  -19.337 -3.244  1.00 16.04 ? 59  TYR B N      1 
ATOM   1193 C CA     . TYR B 1 59 ? -4.862  -20.021 -3.465  1.00 14.21 ? 59  TYR B CA     1 
ATOM   1194 C C      . TYR B 1 59 ? -5.708  -19.311 -4.507  1.00 14.41 ? 59  TYR B C      1 
ATOM   1195 O O      . TYR B 1 59 ? -5.878  -18.108 -4.496  1.00 13.36 ? 59  TYR B O      1 
ATOM   1196 C CB     . TYR B 1 59 ? -5.621  -19.981 -2.167  1.00 14.10 ? 59  TYR B CB     1 
ATOM   1197 C CG     . TYR B 1 59 ? -4.987  -20.806 -1.113  1.00 14.82 ? 59  TYR B CG     1 
ATOM   1198 C CD1    . TYR B 1 59 ? -4.100  -20.249 -0.189  1.00 15.19 ? 59  TYR B CD1    1 
ATOM   1199 C CD2    . TYR B 1 59 ? -5.450  -22.102 -0.902  1.00 14.66 ? 59  TYR B CD2    1 
ATOM   1200 C CE1    . TYR B 1 59 ? -3.599  -21.001 0.873   1.00 14.08 ? 59  TYR B CE1    1 
ATOM   1201 C CE2    . TYR B 1 59 ? -4.921  -22.878 0.124   1.00 17.02 ? 59  TYR B CE2    1 
ATOM   1202 C CZ     . TYR B 1 59 ? -3.990  -22.334 1.002   1.00 16.27 ? 59  TYR B CZ     1 
ATOM   1203 O OH     . TYR B 1 59 ? -3.504  -23.117 2.013   1.00 15.56 ? 59  TYR B OH     1 
ATOM   1204 N N      . LYS B 1 60 ? -6.302  -20.068 -5.399  1.00 16.03 ? 60  LYS B N      1 
ATOM   1205 C CA     . LYS B 1 60 ? -7.093  -19.471 -6.452  1.00 14.22 ? 60  LYS B CA     1 
ATOM   1206 C C      . LYS B 1 60 ? -8.573  -19.604 -6.252  1.00 13.63 ? 60  LYS B C      1 
ATOM   1207 O O      . LYS B 1 60 ? -9.045  -20.527 -5.600  1.00 14.24 ? 60  LYS B O      1 
ATOM   1208 C CB     . LYS B 1 60 ? -6.714  -20.143 -7.729  1.00 11.88 ? 60  LYS B CB     1 
ATOM   1209 C CG     . LYS B 1 60 ? -5.575  -19.415 -8.364  1.00 15.00 ? 60  LYS B CG     1 
ATOM   1210 C CD     . LYS B 1 60 ? -4.323  -20.250 -8.328  1.00 21.34 ? 60  LYS B CD     1 
ATOM   1211 C CE     . LYS B 1 60 ? -3.275  -19.792 -9.328  1.00 24.14 ? 60  LYS B CE     1 
ATOM   1212 N NZ     . LYS B 1 60 ? -3.478  -18.370 -9.689  1.00 27.75 ? 60  LYS B NZ     1 
ATOM   1213 N N      . ASN B 1 61 ? -9.287  -18.698 -6.882  1.00 14.22 ? 61  ASN B N      1 
ATOM   1214 C CA     . ASN B 1 61 ? -10.720 -18.701 -6.862  1.00 17.07 ? 61  ASN B CA     1 
ATOM   1215 C C      . ASN B 1 61 ? -11.282 -18.896 -5.507  1.00 15.71 ? 61  ASN B C      1 
ATOM   1216 O O      . ASN B 1 61 ? -12.196 -19.705 -5.344  1.00 18.49 ? 61  ASN B O      1 
ATOM   1217 C CB     . ASN B 1 61 ? -11.406 -19.639 -7.894  1.00 22.37 ? 61  ASN B CB     1 
ATOM   1218 C CG     . ASN B 1 61 ? -10.599 -19.787 -9.148  1.00 23.37 ? 61  ASN B CG     1 
ATOM   1219 O OD1    . ASN B 1 61 ? -10.508 -18.830 -9.927  1.00 29.24 ? 61  ASN B OD1    1 
ATOM   1220 N ND2    . ASN B 1 61 ? -9.840  -20.876 -9.233  1.00 25.62 ? 61  ASN B ND2    1 
ATOM   1221 N N      . VAL B 1 62 ? -10.767 -18.093 -4.570  1.00 16.93 ? 62  VAL B N      1 
ATOM   1222 C CA     . VAL B 1 62 ? -11.230 -18.017 -3.191  1.00 13.88 ? 62  VAL B CA     1 
ATOM   1223 C C      . VAL B 1 62 ? -12.515 -17.171 -3.130  1.00 11.60 ? 62  VAL B C      1 
ATOM   1224 O O      . VAL B 1 62 ? -12.646 -16.146 -3.790  1.00 13.60 ? 62  VAL B O      1 
ATOM   1225 C CB     . VAL B 1 62 ? -10.097 -17.494 -2.278  1.00 12.94 ? 62  VAL B CB     1 
ATOM   1226 C CG1    . VAL B 1 62 ? -10.499 -17.354 -0.783  1.00 10.67 ? 62  VAL B CG1    1 
ATOM   1227 C CG2    . VAL B 1 62 ? -8.900  -18.430 -2.400  1.00 12.41 ? 62  VAL B CG2    1 
ATOM   1228 N N      . GLU B 1 63 ? -13.500 -17.620 -2.382  1.00 13.12 ? 63  GLU B N      1 
ATOM   1229 C CA     . GLU B 1 63 ? -14.714 -16.843 -2.231  1.00 13.68 ? 63  GLU B CA     1 
ATOM   1230 C C      . GLU B 1 63 ? -14.572 -15.737 -1.171  1.00 15.41 ? 63  GLU B C      1 
ATOM   1231 O O      . GLU B 1 63 ? -14.320 -15.976 0.016   1.00 15.64 ? 63  GLU B O      1 
ATOM   1232 C CB     . GLU B 1 63 ? -15.892 -17.728 -1.915  1.00 11.87 ? 63  GLU B CB     1 
ATOM   1233 C CG     . GLU B 1 63 ? -17.202 -16.911 -1.817  1.00 14.55 ? 63  GLU B CG     1 
ATOM   1234 C CD     . GLU B 1 63 ? -18.347 -17.752 -1.295  1.00 15.21 ? 63  GLU B CD     1 
ATOM   1235 O OE1    . GLU B 1 63 ? -18.317 -18.961 -1.247  1.00 19.78 ? 63  GLU B OE1    1 
ATOM   1236 O OE2    . GLU B 1 63 ? -19.363 -17.044 -0.866  1.00 16.44 ? 63  GLU B OE2    1 
ATOM   1237 N N      . ILE B 1 64 ? -14.746 -14.483 -1.606  1.00 17.64 ? 64  ILE B N      1 
ATOM   1238 C CA     . ILE B 1 64 ? -14.622 -13.314 -0.728  1.00 13.79 ? 64  ILE B CA     1 
ATOM   1239 C C      . ILE B 1 64 ? -15.893 -12.493 -0.717  1.00 13.59 ? 64  ILE B C      1 
ATOM   1240 O O      . ILE B 1 64 ? -16.443 -12.206 -1.749  1.00 16.05 ? 64  ILE B O      1 
ATOM   1241 C CB     . ILE B 1 64 ? -13.443 -12.397 -1.168  1.00 14.74 ? 64  ILE B CB     1 
ATOM   1242 C CG1    . ILE B 1 64 ? -12.085 -13.079 -1.017  1.00 14.72 ? 64  ILE B CG1    1 
ATOM   1243 C CG2    . ILE B 1 64 ? -13.403 -11.084 -0.396  1.00 12.44 ? 64  ILE B CG2    1 
ATOM   1244 C CD1    . ILE B 1 64 ? -11.192 -12.709 -2.185  1.00 15.89 ? 64  ILE B CD1    1 
ATOM   1245 N N      . GLU B 1 65 ? -16.349 -12.075 0.440   1.00 12.83 ? 65  GLU B N      1 
ATOM   1246 C CA     . GLU B 1 65 ? -17.432 -11.092 0.540   1.00 9.98  ? 65  GLU B CA     1 
ATOM   1247 C C      . GLU B 1 65 ? -16.828 -9.897  1.278   1.00 15.22 ? 65  GLU B C      1 
ATOM   1248 O O      . GLU B 1 65 ? -16.216 -10.095 2.332   1.00 14.38 ? 65  GLU B O      1 
ATOM   1249 C CB     . GLU B 1 65 ? -18.679 -11.578 1.282   1.00 11.54 ? 65  GLU B CB     1 
ATOM   1250 C CG     . GLU B 1 65 ? -19.623 -12.424 0.389   1.00 15.08 ? 65  GLU B CG     1 
ATOM   1251 C CD     . GLU B 1 65 ? -19.219 -13.878 0.470   1.00 18.69 ? 65  GLU B CD     1 
ATOM   1252 O OE1    . GLU B 1 65 ? -18.621 -14.354 1.443   1.00 16.58 ? 65  GLU B OE1    1 
ATOM   1253 O OE2    . GLU B 1 65 ? -19.514 -14.544 -0.622  1.00 12.80 ? 65  GLU B OE2    1 
ATOM   1254 N N      . VAL B 1 66 ? -16.842 -8.699  0.635   1.00 18.22 ? 66  VAL B N      1 
ATOM   1255 C CA     . VAL B 1 66 ? -16.301 -7.462  1.181   1.00 16.94 ? 66  VAL B CA     1 
ATOM   1256 C C      . VAL B 1 66 ? -17.133 -6.350  0.646   1.00 18.87 ? 66  VAL B C      1 
ATOM   1257 O O      . VAL B 1 66 ? -17.483 -6.410  -0.531  1.00 19.86 ? 66  VAL B O      1 
ATOM   1258 C CB     . VAL B 1 66 ? -14.878 -7.024  0.755   1.00 18.27 ? 66  VAL B CB     1 
ATOM   1259 C CG1    . VAL B 1 66 ? -14.076 -6.435  1.917   1.00 16.21 ? 66  VAL B CG1    1 
ATOM   1260 C CG2    . VAL B 1 66 ? -14.056 -7.989  -0.065  1.00 20.16 ? 66  VAL B CG2    1 
ATOM   1261 N N      . LEU B 1 67 ? -17.301 -5.276  1.438   1.00 18.94 ? 67  LEU B N      1 
ATOM   1262 C CA     . LEU B 1 67 ? -17.987 -4.077  0.954   1.00 17.51 ? 67  LEU B CA     1 
ATOM   1263 C C      . LEU B 1 67 ? -19.322 -4.401  0.257   1.00 17.08 ? 67  LEU B C      1 
ATOM   1264 O O      . LEU B 1 67 ? -19.713 -3.774  -0.713  1.00 21.77 ? 67  LEU B O      1 
ATOM   1265 C CB     . LEU B 1 67 ? -17.035 -3.212  0.075   1.00 13.14 ? 67  LEU B CB     1 
ATOM   1266 C CG     . LEU B 1 67 ? -15.836 -2.694  0.863   1.00 13.38 ? 67  LEU B CG     1 
ATOM   1267 C CD1    . LEU B 1 67 ? -14.874 -2.006  -0.072  1.00 14.24 ? 67  LEU B CD1    1 
ATOM   1268 C CD2    . LEU B 1 67 ? -16.272 -1.685  1.891   1.00 10.75 ? 67  LEU B CD2    1 
ATOM   1269 N N      . ASN B 1 68 ? -20.009 -5.401  0.754   1.00 17.00 ? 68  ASN B N      1 
ATOM   1270 C CA     . ASN B 1 68 ? -21.270 -5.807  0.191   1.00 20.40 ? 68  ASN B CA     1 
ATOM   1271 C C      . ASN B 1 68 ? -21.121 -6.249  -1.244  1.00 17.87 ? 68  ASN B C      1 
ATOM   1272 O O      . ASN B 1 68 ? -21.974 -6.057  -2.046  1.00 21.64 ? 68  ASN B O      1 
ATOM   1273 C CB     . ASN B 1 68 ? -22.484 -4.888  0.493   1.00 24.32 ? 68  ASN B CB     1 
ATOM   1274 C CG     . ASN B 1 68 ? -23.851 -5.511  0.107   1.00 30.20 ? 68  ASN B CG     1 
ATOM   1275 O OD1    . ASN B 1 68 ? -24.635 -6.068  0.945   1.00 34.40 ? 68  ASN B OD1    1 
ATOM   1276 N ND2    . ASN B 1 68 ? -24.222 -5.323  -1.154  1.00 30.00 ? 68  ASN B ND2    1 
ATOM   1277 N N      . LYS B 1 69 ? -20.018 -6.920  -1.527  1.00 18.33 ? 69  LYS B N      1 
ATOM   1278 C CA     . LYS B 1 69 ? -19.717 -7.488  -2.818  1.00 17.39 ? 69  LYS B CA     1 
ATOM   1279 C C      . LYS B 1 69 ? -19.183 -8.891  -2.661  1.00 17.77 ? 69  LYS B C      1 
ATOM   1280 O O      . LYS B 1 69 ? -18.581 -9.228  -1.630  1.00 19.13 ? 69  LYS B O      1 
ATOM   1281 C CB     . LYS B 1 69 ? -18.752 -6.634  -3.566  1.00 17.22 ? 69  LYS B CB     1 
ATOM   1282 C CG     . LYS B 1 69 ? -19.439 -5.365  -3.963  1.00 16.91 ? 69  LYS B CG     1 
ATOM   1283 C CD     . LYS B 1 69 ? -18.671 -4.723  -5.052  1.00 20.61 ? 69  LYS B CD     1 
ATOM   1284 C CE     . LYS B 1 69 ? -19.518 -3.849  -5.905  1.00 22.57 ? 69  LYS B CE     1 
ATOM   1285 N NZ     . LYS B 1 69 ? -18.776 -3.529  -7.136  1.00 27.48 ? 69  LYS B NZ     1 
ATOM   1286 N N      . LYS B 1 70 ? -19.382 -9.697  -3.706  1.00 16.84 ? 70  LYS B N      1 
ATOM   1287 C CA     . LYS B 1 70 ? -18.966 -11.091 -3.696  1.00 15.04 ? 70  LYS B CA     1 
ATOM   1288 C C      . LYS B 1 70 ? -18.131 -11.366 -4.917  1.00 15.99 ? 70  LYS B C      1 
ATOM   1289 O O      . LYS B 1 70 ? -18.596 -11.116 -6.009  1.00 13.50 ? 70  LYS B O      1 
ATOM   1290 C CB     . LYS B 1 70 ? -20.175 -12.013 -3.636  1.00 14.48 ? 70  LYS B CB     1 
ATOM   1291 C CG     . LYS B 1 70 ? -19.839 -13.469 -3.398  1.00 16.45 ? 70  LYS B CG     1 
ATOM   1292 C CD     . LYS B 1 70 ? -21.064 -14.364 -3.536  1.00 18.95 ? 70  LYS B CD     1 
ATOM   1293 C CE     . LYS B 1 70 ? -20.726 -15.822 -3.722  1.00 20.30 ? 70  LYS B CE     1 
ATOM   1294 N NZ     . LYS B 1 70 ? -21.764 -16.672 -3.163  1.00 22.69 ? 70  LYS B NZ     1 
ATOM   1295 N N      . VAL B 1 71 ? -16.864 -11.754 -4.689  1.00 15.62 ? 71  VAL B N      1 
ATOM   1296 C CA     . VAL B 1 71 ? -15.904 -11.999 -5.743  1.00 15.07 ? 71  VAL B CA     1 
ATOM   1297 C C      . VAL B 1 71 ? -15.202 -13.291 -5.491  1.00 13.93 ? 71  VAL B C      1 
ATOM   1298 O O      . VAL B 1 71 ? -15.348 -13.894 -4.468  1.00 10.97 ? 71  VAL B O      1 
ATOM   1299 C CB     . VAL B 1 71 ? -14.871 -10.822 -5.971  1.00 17.03 ? 71  VAL B CB     1 
ATOM   1300 C CG1    . VAL B 1 71 ? -15.600 -9.515  -6.218  1.00 13.11 ? 71  VAL B CG1    1 
ATOM   1301 C CG2    . VAL B 1 71 ? -13.910 -10.600 -4.810  1.00 18.46 ? 71  VAL B CG2    1 
ATOM   1302 N N      . ARG B 1 72 ? -14.483 -13.734 -6.462  1.00 13.36 ? 72  ARG B N      1 
ATOM   1303 C CA     . ARG B 1 72 ? -13.615 -14.880 -6.316  1.00 14.52 ? 72  ARG B CA     1 
ATOM   1304 C C      . ARG B 1 72 ? -12.276 -14.361 -6.720  1.00 13.58 ? 72  ARG B C      1 
ATOM   1305 O O      . ARG B 1 72 ? -12.173 -13.597 -7.661  1.00 18.86 ? 72  ARG B O      1 
ATOM   1306 C CB     . ARG B 1 72 ? -13.989 -16.037 -7.210  1.00 15.01 ? 72  ARG B CB     1 
ATOM   1307 C CG     . ARG B 1 72 ? -15.119 -16.818 -6.586  1.00 18.49 ? 72  ARG B CG     1 
ATOM   1308 C CD     . ARG B 1 72 ? -14.850 -18.315 -6.422  1.00 20.86 ? 72  ARG B CD     1 
ATOM   1309 N NE     . ARG B 1 72 ? -16.087 -18.928 -5.953  1.00 26.88 ? 72  ARG B NE     1 
ATOM   1310 C CZ     . ARG B 1 72 ? -16.110 -19.786 -4.953  1.00 26.87 ? 72  ARG B CZ     1 
ATOM   1311 N NH1    . ARG B 1 72 ? -14.972 -20.129 -4.347  1.00 28.93 ? 72  ARG B NH1    1 
ATOM   1312 N NH2    . ARG B 1 72 ? -17.275 -20.285 -4.528  1.00 27.67 ? 72  ARG B NH2    1 
ATOM   1313 N N      . ALA B 1 73 ? -11.265 -14.666 -5.992  1.00 10.06 ? 73  ALA B N      1 
ATOM   1314 C CA     . ALA B 1 73 ? -10.028 -14.106 -6.425  1.00 11.15 ? 73  ALA B CA     1 
ATOM   1315 C C      . ALA B 1 73 ? -8.876  -14.868 -5.832  1.00 8.56  ? 73  ALA B C      1 
ATOM   1316 O O      . ALA B 1 73 ? -9.078  -15.695 -4.956  1.00 10.24 ? 73  ALA B O      1 
ATOM   1317 C CB     . ALA B 1 73 ? -9.991  -12.608 -6.077  1.00 7.49  ? 73  ALA B CB     1 
ATOM   1318 N N      . THR B 1 74 ? -7.661  -14.590 -6.306  1.00 11.32 ? 74  THR B N      1 
ATOM   1319 C CA     . THR B 1 74 ? -6.502  -15.245 -5.704  1.00 13.43 ? 74  THR B CA     1 
ATOM   1320 C C      . THR B 1 74 ? -6.040  -14.573 -4.420  1.00 15.00 ? 74  THR B C      1 
ATOM   1321 O O      . THR B 1 74 ? -5.844  -13.354 -4.396  1.00 13.38 ? 74  THR B O      1 
ATOM   1322 C CB     . THR B 1 74 ? -5.308  -15.364 -6.650  1.00 12.27 ? 74  THR B CB     1 
ATOM   1323 O OG1    . THR B 1 74 ? -5.790  -15.759 -7.918  1.00 14.49 ? 74  THR B OG1    1 
ATOM   1324 C CG2    . THR B 1 74 ? -4.352  -16.400 -6.112  1.00 14.75 ? 74  THR B CG2    1 
ATOM   1325 N N      . ILE B 1 75 ? -5.813  -15.384 -3.376  1.00 13.58 ? 75  ILE B N      1 
ATOM   1326 C CA     . ILE B 1 75 ? -5.326  -14.893 -2.098  1.00 13.01 ? 75  ILE B CA     1 
ATOM   1327 C C      . ILE B 1 75 ? -4.127  -15.725 -1.697  1.00 15.82 ? 75  ILE B C      1 
ATOM   1328 O O      . ILE B 1 75 ? -4.098  -16.951 -1.948  1.00 18.10 ? 75  ILE B O      1 
ATOM   1329 C CB     . ILE B 1 75 ? -6.439  -14.972 -1.033  1.00 13.98 ? 75  ILE B CB     1 
ATOM   1330 C CG1    . ILE B 1 75 ? -7.253  -13.684 -1.066  1.00 19.58 ? 75  ILE B CG1    1 
ATOM   1331 C CG2    . ILE B 1 75 ? -5.925  -15.128 0.399   1.00 14.78 ? 75  ILE B CG2    1 
ATOM   1332 C CD1    . ILE B 1 75 ? -8.752  -13.895 -0.818  1.00 26.01 ? 75  ILE B CD1    1 
ATOM   1333 N N      . MET B 1 76 ? -3.137  -15.073 -1.101  1.00 9.83  ? 76  MET B N      1 
ATOM   1334 C CA     . MET B 1 76 ? -1.980  -15.739 -0.573  1.00 12.49 ? 76  MET B CA     1 
ATOM   1335 C C      . MET B 1 76 ? -2.137  -15.734 0.922   1.00 11.94 ? 76  MET B C      1 
ATOM   1336 O O      . MET B 1 76 ? -2.832  -14.857 1.417   1.00 10.80 ? 76  MET B O      1 
ATOM   1337 C CB     . MET B 1 76 ? -0.673  -15.027 -0.984  1.00 11.78 ? 76  MET B CB     1 
ATOM   1338 C CG     . MET B 1 76 ? -0.293  -15.295 -2.417  1.00 11.94 ? 76  MET B CG     1 
ATOM   1339 S SD     . MET B 1 76 ? 1.172   -14.373 -2.884  1.00 28.48 ? 76  MET B SD     1 
ATOM   1340 C CE     . MET B 1 76 ? 0.352   -12.794 -2.950  1.00 22.96 ? 76  MET B CE     1 
ATOM   1341 N N      . THR B 1 77 ? -1.652  -16.779 1.612   1.00 11.61 ? 77  THR B N      1 
ATOM   1342 C CA     . THR B 1 77 ? -1.688  -16.781 3.050   1.00 12.75 ? 77  THR B CA     1 
ATOM   1343 C C      . THR B 1 77 ? -0.257  -16.697 3.504   1.00 12.44 ? 77  THR B C      1 
ATOM   1344 O O      . THR B 1 77 ? 0.600   -17.117 2.782   1.00 12.22 ? 77  THR B O      1 
ATOM   1345 C CB     . THR B 1 77 ? -2.355  -17.966 3.718   1.00 13.53 ? 77  THR B CB     1 
ATOM   1346 O OG1    . THR B 1 77 ? -1.742  -19.114 3.273   1.00 16.68 ? 77  THR B OG1    1 
ATOM   1347 C CG2    . THR B 1 77 ? -3.895  -17.989 3.651   1.00 14.60 ? 77  THR B CG2    1 
ATOM   1348 N N      . GLY B 1 78 ? 0.042   -16.041 4.625   1.00 15.46 ? 78  GLY B N      1 
ATOM   1349 C CA     . GLY B 1 78 ? 1.442   -15.884 5.054   1.00 16.08 ? 78  GLY B CA     1 
ATOM   1350 C C      . GLY B 1 78 ? 1.548   -14.994 6.263   1.00 17.01 ? 78  GLY B C      1 
ATOM   1351 O O      . GLY B 1 78 ? 0.548   -14.407 6.669   1.00 16.30 ? 78  GLY B O      1 
ATOM   1352 N N      . ASP B 1 79 ? 2.755   -14.950 6.841   1.00 19.06 ? 79  ASP B N      1 
ATOM   1353 C CA     . ASP B 1 79 ? 3.056   -14.185 8.056   1.00 22.94 ? 79  ASP B CA     1 
ATOM   1354 C C      . ASP B 1 79 ? 3.175   -12.752 7.693   1.00 21.49 ? 79  ASP B C      1 
ATOM   1355 O O      . ASP B 1 79 ? 4.252   -12.273 7.362   1.00 24.89 ? 79  ASP B O      1 
ATOM   1356 C CB     . ASP B 1 79 ? 4.335   -14.653 8.797   1.00 26.88 ? 79  ASP B CB     1 
ATOM   1357 C CG     . ASP B 1 79 ? 4.784   -13.801 10.000  1.00 33.13 ? 79  ASP B CG     1 
ATOM   1358 O OD1    . ASP B 1 79 ? 4.274   -12.706 10.340  1.00 35.18 ? 79  ASP B OD1    1 
ATOM   1359 O OD2    . ASP B 1 79 ? 5.800   -14.346 10.648  1.00 35.67 ? 79  ASP B OD2    1 
ATOM   1360 N N      . THR B 1 80 ? 2.043   -12.106 7.620   1.00 22.02 ? 80  THR B N      1 
ATOM   1361 C CA     . THR B 1 80 ? 2.001   -10.704 7.237   1.00 17.80 ? 80  THR B CA     1 
ATOM   1362 C C      . THR B 1 80 ? 1.529   -9.962  8.458   1.00 18.07 ? 80  THR B C      1 
ATOM   1363 O O      . THR B 1 80 ? 0.734   -10.486 9.251   1.00 17.50 ? 80  THR B O      1 
ATOM   1364 C CB     . THR B 1 80 ? 1.167   -10.423 5.961   1.00 18.19 ? 80  THR B CB     1 
ATOM   1365 O OG1    . THR B 1 80 ? 0.975   -9.049  5.834   1.00 18.58 ? 80  THR B OG1    1 
ATOM   1366 C CG2    . THR B 1 80 ? -0.184  -11.103 6.008   1.00 17.48 ? 80  THR B CG2    1 
ATOM   1367 N N      . PRO B 1 81 ? 2.130   -8.817  8.710   1.00 20.03 ? 81  PRO B N      1 
ATOM   1368 C CA     . PRO B 1 81 ? 1.785   -8.110  9.931   1.00 19.40 ? 81  PRO B CA     1 
ATOM   1369 C C      . PRO B 1 81 ? 0.340   -7.648  9.992   1.00 19.22 ? 81  PRO B C      1 
ATOM   1370 O O      . PRO B 1 81 ? -0.273  -7.723  11.018  1.00 20.15 ? 81  PRO B O      1 
ATOM   1371 C CB     . PRO B 1 81 ? 2.817   -6.990  10.082  1.00 21.53 ? 81  PRO B CB     1 
ATOM   1372 C CG     . PRO B 1 81 ? 3.946   -7.292  9.096   1.00 18.66 ? 81  PRO B CG     1 
ATOM   1373 C CD     . PRO B 1 81 ? 3.490   -8.434  8.220   1.00 19.04 ? 81  PRO B CD     1 
ATOM   1374 N N      . ILE B 1 82 ? -0.205  -7.236  8.844   1.00 18.65 ? 82  ILE B N      1 
ATOM   1375 C CA     . ILE B 1 82 ? -1.557  -6.779  8.646   1.00 15.62 ? 82  ILE B CA     1 
ATOM   1376 C C      . ILE B 1 82 ? -2.086  -7.568  7.427   1.00 14.90 ? 82  ILE B C      1 
ATOM   1377 O O      . ILE B 1 82 ? -1.317  -7.975  6.591   1.00 12.55 ? 82  ILE B O      1 
ATOM   1378 C CB     . ILE B 1 82 ? -1.477  -5.246  8.364   1.00 16.49 ? 82  ILE B CB     1 
ATOM   1379 C CG1    . ILE B 1 82 ? -0.838  -4.519  9.555   1.00 19.83 ? 82  ILE B CG1    1 
ATOM   1380 C CG2    . ILE B 1 82 ? -2.834  -4.576  8.104   1.00 14.85 ? 82  ILE B CG2    1 
ATOM   1381 C CD1    . ILE B 1 82 ? -0.547  -3.021  9.288   1.00 22.17 ? 82  ILE B CD1    1 
ATOM   1382 N N      . ASN B 1 83 ? -3.393  -7.787  7.266   1.00 13.45 ? 83  ASN B N      1 
ATOM   1383 C CA     . ASN B 1 83 ? -3.865  -8.480  6.093   1.00 10.05 ? 83  ASN B CA     1 
ATOM   1384 C C      . ASN B 1 83 ? -4.061  -7.451  5.056   1.00 13.03 ? 83  ASN B C      1 
ATOM   1385 O O      . ASN B 1 83 ? -4.552  -6.367  5.339   1.00 10.46 ? 83  ASN B O      1 
ATOM   1386 C CB     . ASN B 1 83 ? -5.152  -9.210  6.316   1.00 9.39  ? 83  ASN B CB     1 
ATOM   1387 C CG     . ASN B 1 83 ? -5.091  -10.133 7.511   1.00 10.99 ? 83  ASN B CG     1 
ATOM   1388 O OD1    . ASN B 1 83 ? -5.965  -10.081 8.408   1.00 12.99 ? 83  ASN B OD1    1 
ATOM   1389 N ND2    . ASN B 1 83 ? -4.052  -10.939 7.537   1.00 9.62  ? 83  ASN B ND2    1 
ATOM   1390 N N      . ILE B 1 84 ? -3.548  -7.737  3.886   1.00 12.72 ? 84  ILE B N      1 
ATOM   1391 C CA     . ILE B 1 84 ? -3.566  -6.806  2.784   1.00 15.84 ? 84  ILE B CA     1 
ATOM   1392 C C      . ILE B 1 84 ? -4.475  -7.291  1.655   1.00 15.83 ? 84  ILE B C      1 
ATOM   1393 O O      . ILE B 1 84 ? -4.357  -8.445  1.276   1.00 13.91 ? 84  ILE B O      1 
ATOM   1394 C CB     . ILE B 1 84 ? -2.134  -6.793  2.246   1.00 18.40 ? 84  ILE B CB     1 
ATOM   1395 C CG1    . ILE B 1 84 ? -1.148  -6.341  3.319   1.00 17.35 ? 84  ILE B CG1    1 
ATOM   1396 C CG2    . ILE B 1 84 ? -1.979  -5.914  1.027   1.00 17.53 ? 84  ILE B CG2    1 
ATOM   1397 C CD1    . ILE B 1 84 ? 0.321   -6.671  2.997   1.00 17.79 ? 84  ILE B CD1    1 
ATOM   1398 N N      . PHE B 1 85 ? -5.378  -6.416  1.139   1.00 14.57 ? 85  PHE B N      1 
ATOM   1399 C CA     . PHE B 1 85 ? -6.147  -6.633  -0.075  1.00 11.72 ? 85  PHE B CA     1 
ATOM   1400 C C      . PHE B 1 85 ? -5.535  -5.658  -1.103  1.00 13.29 ? 85  PHE B C      1 
ATOM   1401 O O      . PHE B 1 85 ? -5.790  -4.435  -1.067  1.00 13.29 ? 85  PHE B O      1 
ATOM   1402 C CB     . PHE B 1 85 ? -7.660  -6.311  -0.006  1.00 9.44  ? 85  PHE B CB     1 
ATOM   1403 C CG     . PHE B 1 85 ? -8.561  -7.456  0.380   1.00 10.06 ? 85  PHE B CG     1 
ATOM   1404 C CD1    . PHE B 1 85 ? -8.060  -8.648  0.901   1.00 7.29  ? 85  PHE B CD1    1 
ATOM   1405 C CD2    . PHE B 1 85 ? -9.944  -7.349  0.247   1.00 10.29 ? 85  PHE B CD2    1 
ATOM   1406 C CE1    . PHE B 1 85 ? -8.881  -9.707  1.289   1.00 5.79  ? 85  PHE B CE1    1 
ATOM   1407 C CE2    . PHE B 1 85 ? -10.779 -8.401  0.645   1.00 11.44 ? 85  PHE B CE2    1 
ATOM   1408 C CZ     . PHE B 1 85 ? -10.256 -9.578  1.181   1.00 7.68  ? 85  PHE B CZ     1 
ATOM   1409 N N      . GLY B 1 86 ? -4.764  -6.206  -2.045  1.00 13.00 ? 86  GLY B N      1 
ATOM   1410 C CA     . GLY B 1 86 ? -4.099  -5.428  -3.063  1.00 12.55 ? 86  GLY B CA     1 
ATOM   1411 C C      . GLY B 1 86 ? -4.966  -5.161  -4.290  1.00 10.29 ? 86  GLY B C      1 
ATOM   1412 O O      . GLY B 1 86 ? -6.164  -5.419  -4.299  1.00 11.21 ? 86  GLY B O      1 
ATOM   1413 N N      . ARG B 1 87 ? -4.355  -4.647  -5.335  1.00 8.90  ? 87  ARG B N      1 
ATOM   1414 C CA     . ARG B 1 87 ? -5.081  -4.249  -6.488  1.00 9.63  ? 87  ARG B CA     1 
ATOM   1415 C C      . ARG B 1 87 ? -5.757  -5.337  -7.244  1.00 11.77 ? 87  ARG B C      1 
ATOM   1416 O O      . ARG B 1 87 ? -6.608  -5.042  -8.080  1.00 11.67 ? 87  ARG B O      1 
ATOM   1417 C CB     . ARG B 1 87 ? -4.251  -3.397  -7.387  1.00 11.57 ? 87  ARG B CB     1 
ATOM   1418 C CG     . ARG B 1 87 ? -3.500  -2.220  -6.746  1.00 11.43 ? 87  ARG B CG     1 
ATOM   1419 C CD     . ARG B 1 87 ? -2.647  -1.509  -7.817  1.00 6.79  ? 87  ARG B CD     1 
ATOM   1420 N NE     . ARG B 1 87 ? -1.581  -2.366  -8.339  1.00 7.29  ? 87  ARG B NE     1 
ATOM   1421 C CZ     . ARG B 1 87 ? -1.534  -3.052  -9.499  1.00 9.87  ? 87  ARG B CZ     1 
ATOM   1422 N NH1    . ARG B 1 87 ? -2.533  -3.037  -10.391 1.00 13.68 ? 87  ARG B NH1    1 
ATOM   1423 N NH2    . ARG B 1 87 ? -0.457  -3.800  -9.786  1.00 8.68  ? 87  ARG B NH2    1 
ATOM   1424 N N      . ASN B 1 88 ? -5.468  -6.583  -6.912  1.00 12.94 ? 88  ASN B N      1 
ATOM   1425 C CA     . ASN B 1 88 ? -6.171  -7.689  -7.558  1.00 13.85 ? 88  ASN B CA     1 
ATOM   1426 C C      . ASN B 1 88 ? -7.648  -7.723  -7.138  1.00 14.52 ? 88  ASN B C      1 
ATOM   1427 O O      . ASN B 1 88 ? -8.555  -7.964  -7.932  1.00 15.57 ? 88  ASN B O      1 
ATOM   1428 C CB     . ASN B 1 88 ? -5.427  -9.046  -7.484  1.00 11.42 ? 88  ASN B CB     1 
ATOM   1429 C CG     . ASN B 1 88 ? -5.546  -9.782  -6.181  1.00 13.56 ? 88  ASN B CG     1 
ATOM   1430 O OD1    . ASN B 1 88 ? -6.040  -10.929 -6.072  1.00 14.16 ? 88  ASN B OD1    1 
ATOM   1431 N ND2    . ASN B 1 88 ? -5.173  -9.110  -5.144  1.00 9.73  ? 88  ASN B ND2    1 
ATOM   1432 N N      . ILE B 1 89 ? -7.936  -7.493  -5.858  1.00 13.33 ? 89  ILE B N      1 
ATOM   1433 C CA     . ILE B 1 89 ? -9.298  -7.486  -5.401  1.00 12.55 ? 89  ILE B CA     1 
ATOM   1434 C C      . ILE B 1 89 ? -9.937  -6.144  -5.621  1.00 12.47 ? 89  ILE B C      1 
ATOM   1435 O O      . ILE B 1 89 ? -11.108 -6.058  -5.941  1.00 14.38 ? 89  ILE B O      1 
ATOM   1436 C CB     . ILE B 1 89 ? -9.318  -7.857  -3.944  1.00 15.99 ? 89  ILE B CB     1 
ATOM   1437 C CG1    . ILE B 1 89 ? -8.800  -9.300  -3.856  1.00 15.83 ? 89  ILE B CG1    1 
ATOM   1438 C CG2    . ILE B 1 89 ? -10.735 -7.693  -3.370  1.00 13.49 ? 89  ILE B CG2    1 
ATOM   1439 C CD1    . ILE B 1 89 ? -8.718  -9.896  -2.459  1.00 16.83 ? 89  ILE B CD1    1 
ATOM   1440 N N      . LEU B 1 90 ? -9.168  -5.086  -5.409  1.00 12.82 ? 90  LEU B N      1 
ATOM   1441 C CA     . LEU B 1 90 ? -9.692  -3.749  -5.546  1.00 15.40 ? 90  LEU B CA     1 
ATOM   1442 C C      . LEU B 1 90 ? -10.224 -3.533  -6.957  1.00 15.77 ? 90  LEU B C      1 
ATOM   1443 O O      . LEU B 1 90 ? -11.249 -2.914  -7.164  1.00 14.07 ? 90  LEU B O      1 
ATOM   1444 C CB     . LEU B 1 90 ? -8.745  -2.601  -5.058  1.00 15.86 ? 90  LEU B CB     1 
ATOM   1445 C CG     . LEU B 1 90 ? -7.998  -2.762  -3.725  1.00 16.08 ? 90  LEU B CG     1 
ATOM   1446 C CD1    . LEU B 1 90 ? -7.016  -1.607  -3.558  1.00 15.31 ? 90  LEU B CD1    1 
ATOM   1447 C CD2    . LEU B 1 90 ? -8.970  -2.721  -2.581  1.00 12.97 ? 90  LEU B CD2    1 
ATOM   1448 N N      . THR B 1 91 ? -9.528  -4.068  -7.943  1.00 18.46 ? 91  THR B N      1 
ATOM   1449 C CA     . THR B 1 91 ? -9.980  -3.957  -9.322  1.00 15.47 ? 91  THR B CA     1 
ATOM   1450 C C      . THR B 1 91 ? -11.210 -4.795  -9.510  1.00 12.63 ? 91  THR B C      1 
ATOM   1451 O O      . THR B 1 91 ? -12.134 -4.438  -10.202 1.00 12.43 ? 91  THR B O      1 
ATOM   1452 C CB     . THR B 1 91 ? -8.914  -4.381  -10.348 1.00 17.33 ? 91  THR B CB     1 
ATOM   1453 O OG1    . THR B 1 91 ? -7.674  -3.810  -10.050 1.00 17.23 ? 91  THR B OG1    1 
ATOM   1454 C CG2    . THR B 1 91 ? -9.328  -3.828  -11.697 1.00 22.58 ? 91  THR B CG2    1 
ATOM   1455 N N      . ALA B 1 92 ? -11.298 -5.914  -8.836  1.00 12.28 ? 92  ALA B N      1 
ATOM   1456 C CA     . ALA B 1 92 ? -12.489 -6.673  -8.986  1.00 11.77 ? 92  ALA B CA     1 
ATOM   1457 C C      . ALA B 1 92 ? -13.661 -6.022  -8.313  1.00 15.35 ? 92  ALA B C      1 
ATOM   1458 O O      . ALA B 1 92 ? -14.764 -6.243  -8.721  1.00 16.56 ? 92  ALA B O      1 
ATOM   1459 C CB     . ALA B 1 92 ? -12.323 -8.075  -8.491  1.00 11.46 ? 92  ALA B CB     1 
ATOM   1460 N N      . LEU B 1 93 ? -13.449 -5.213  -7.271  1.00 16.35 ? 93  LEU B N      1 
ATOM   1461 C CA     . LEU B 1 93 ? -14.559 -4.602  -6.573  1.00 13.98 ? 93  LEU B CA     1 
ATOM   1462 C C      . LEU B 1 93 ? -15.015 -3.385  -7.283  1.00 13.63 ? 93  LEU B C      1 
ATOM   1463 O O      . LEU B 1 93 ? -16.085 -2.855  -7.054  1.00 15.03 ? 93  LEU B O      1 
ATOM   1464 C CB     . LEU B 1 93 ? -14.227 -4.160  -5.142  1.00 11.59 ? 93  LEU B CB     1 
ATOM   1465 C CG     . LEU B 1 93 ? -13.782 -5.279  -4.248  1.00 15.71 ? 93  LEU B CG     1 
ATOM   1466 C CD1    . LEU B 1 93 ? -13.398 -4.653  -2.910  1.00 19.01 ? 93  LEU B CD1    1 
ATOM   1467 C CD2    . LEU B 1 93 ? -14.938 -6.250  -4.045  1.00 16.38 ? 93  LEU B CD2    1 
ATOM   1468 N N      . GLY B 1 94 ? -14.141 -2.855  -8.054  1.00 14.41 ? 94  GLY B N      1 
ATOM   1469 C CA     . GLY B 1 94 ? -14.480 -1.620  -8.735  1.00 17.61 ? 94  GLY B CA     1 
ATOM   1470 C C      . GLY B 1 94 ? -14.048 -0.365  -7.954  1.00 17.92 ? 94  GLY B C      1 
ATOM   1471 O O      . GLY B 1 94 ? -14.614 0.717   -8.113  1.00 17.63 ? 94  GLY B O      1 
ATOM   1472 N N      . MET B 1 95 ? -12.997 -0.475  -7.167  1.00 16.76 ? 95  MET B N      1 
ATOM   1473 C CA     . MET B 1 95 ? -12.533 0.668   -6.463  1.00 15.85 ? 95  MET B CA     1 
ATOM   1474 C C      . MET B 1 95 ? -11.530 1.455   -7.279  1.00 15.65 ? 95  MET B C      1 
ATOM   1475 O O      . MET B 1 95 ? -10.756 0.828   -7.990  1.00 17.76 ? 95  MET B O      1 
ATOM   1476 C CB     . MET B 1 95 ? -11.766 0.168   -5.268  1.00 18.76 ? 95  MET B CB     1 
ATOM   1477 C CG     . MET B 1 95 ? -12.617 -0.490  -4.224  1.00 18.35 ? 95  MET B CG     1 
ATOM   1478 S SD     . MET B 1 95 ? -11.720 -0.247  -2.715  1.00 23.78 ? 95  MET B SD     1 
ATOM   1479 C CE     . MET B 1 95 ? -12.782 0.893   -1.858  1.00 18.97 ? 95  MET B CE     1 
ATOM   1480 N N      . SER B 1 96 ? -11.526 2.794   -7.096  1.00 11.37 ? 96  SER B N      1 
ATOM   1481 C CA     . SER B 1 96 ? -10.569 3.721   -7.658  1.00 13.75 ? 96  SER B CA     1 
ATOM   1482 C C      . SER B 1 96 ? -10.033 4.656   -6.567  1.00 13.37 ? 96  SER B C      1 
ATOM   1483 O O      . SER B 1 96 ? -10.641 4.798   -5.496  1.00 14.83 ? 96  SER B O      1 
ATOM   1484 C CB     . SER B 1 96 ? -11.125 4.542   -8.804  1.00 11.73 ? 96  SER B CB     1 
ATOM   1485 O OG     . SER B 1 96 ? -12.357 5.071   -8.387  1.00 14.86 ? 96  SER B OG     1 
ATOM   1486 N N      . LEU B 1 97 ? -8.857  5.226   -6.859  1.00 11.17 ? 97  LEU B N      1 
ATOM   1487 C CA     . LEU B 1 97 ? -8.150  6.236   -6.130  1.00 10.27 ? 97  LEU B CA     1 
ATOM   1488 C C      . LEU B 1 97 ? -8.483  7.511   -6.865  1.00 15.34 ? 97  LEU B C      1 
ATOM   1489 O O      . LEU B 1 97 ? -8.188  7.623   -8.045  1.00 15.47 ? 97  LEU B O      1 
ATOM   1490 C CB     . LEU B 1 97 ? -6.628  6.059   -6.298  1.00 13.28 ? 97  LEU B CB     1 
ATOM   1491 C CG     . LEU B 1 97 ? -5.795  5.909   -5.045  1.00 13.14 ? 97  LEU B CG     1 
ATOM   1492 C CD1    . LEU B 1 97 ? -4.347  6.161   -5.371  1.00 12.49 ? 97  LEU B CD1    1 
ATOM   1493 C CD2    . LEU B 1 97 ? -6.304  6.767   -3.890  1.00 14.91 ? 97  LEU B CD2    1 
ATOM   1494 N N      . ASN B 1 98 ? -9.078  8.473   -6.174  1.00 19.62 ? 98  ASN B N      1 
ATOM   1495 C CA     . ASN B 1 98 ? -9.461  9.689   -6.804  1.00 18.16 ? 98  ASN B CA     1 
ATOM   1496 C C      . ASN B 1 98 ? -8.896  10.875  -6.131  1.00 17.50 ? 98  ASN B C      1 
ATOM   1497 O O      . ASN B 1 98 ? -8.758  10.919  -4.929  1.00 19.65 ? 98  ASN B O      1 
ATOM   1498 C CB     . ASN B 1 98 ? -10.963 9.879   -6.656  1.00 22.11 ? 98  ASN B CB     1 
ATOM   1499 C CG     . ASN B 1 98 ? -11.730 8.732   -7.211  1.00 23.51 ? 98  ASN B CG     1 
ATOM   1500 O OD1    . ASN B 1 98 ? -12.518 8.891   -8.141  1.00 24.30 ? 98  ASN B OD1    1 
ATOM   1501 N ND2    . ASN B 1 98 ? -11.493 7.577   -6.616  1.00 27.15 ? 98  ASN B ND2    1 
ATOM   1502 N N      . LEU B 1 99 ? -8.727  11.903  -6.926  1.00 19.65 ? 99  LEU B N      1 
ATOM   1503 C CA     . LEU B 1 99 ? -8.287  13.216  -6.487  1.00 20.72 ? 99  LEU B CA     1 
ATOM   1504 C C      . LEU B 1 99 ? -9.298  14.225  -7.023  1.00 20.91 ? 99  LEU B C      1 
ATOM   1505 O O      . LEU B 1 99 ? -9.543  14.187  -8.254  1.00 19.35 ? 99  LEU B O      1 
ATOM   1506 C CB     . LEU B 1 99 ? -6.865  13.549  -6.977  1.00 18.58 ? 99  LEU B CB     1 
ATOM   1507 C CG     . LEU B 1 99 ? -6.301  14.892  -6.519  1.00 20.36 ? 99  LEU B CG     1 
ATOM   1508 C CD1    . LEU B 1 99 ? -6.543  15.198  -5.038  1.00 18.66 ? 99  LEU B CD1    1 
ATOM   1509 C CD2    . LEU B 1 99 ? -4.794  14.854  -6.724  1.00 20.98 ? 99  LEU B CD2    1 
ATOM   1510 O OXT    . LEU B 1 99 ? -9.875  14.947  -6.197  1.00 21.41 ? 99  LEU B OXT    1 
HETATM 1511 C C1     . 0DO C 2 .  ? 4.120   -4.667  0.161   1.00 16.20 ? 100 0DO B C1     1 
HETATM 1512 C C2     . 0DO C 2 .  ? 3.878   -5.999  -0.534  1.00 17.68 ? 100 0DO B C2     1 
HETATM 1513 C "C1'"  . 0DO C 2 .  ? 2.794   -6.659  -2.514  1.00 20.30 ? 100 0DO B "C1'"  1 
HETATM 1514 C "C2'"  . 0DO C 2 .  ? 3.380   -6.361  -3.756  1.00 19.92 ? 100 0DO B "C2'"  1 
HETATM 1515 C "C3'"  . 0DO C 2 .  ? 3.279   -7.238  -4.837  1.00 18.53 ? 100 0DO B "C3'"  1 
HETATM 1516 C "C4'"  . 0DO C 2 .  ? 2.540   -8.416  -4.707  1.00 18.16 ? 100 0DO B "C4'"  1 
HETATM 1517 C "C5'"  . 0DO C 2 .  ? 1.904   -8.676  -3.489  1.00 18.68 ? 100 0DO B "C5'"  1 
HETATM 1518 C "C6'"  . 0DO C 2 .  ? 2.022   -7.820  -2.387  1.00 20.08 ? 100 0DO B "C6'"  1 
HETATM 1519 C CM2    . 0DO C 2 .  ? 4.158   -5.119  -3.992  1.00 19.25 ? 100 0DO B CM2    1 
HETATM 1520 C CM6    . 0DO C 2 .  ? 1.317   -8.135  -1.069  1.00 22.04 ? 100 0DO B CM6    1 
HETATM 1521 O O1     . 0DO C 2 .  ? 4.863   -4.636  1.145   1.00 13.95 ? 100 0DO B O1     1 
HETATM 1522 O "O1'"  . 0DO C 2 .  ? 2.826   -5.810  -1.489  1.00 19.54 ? 100 0DO B "O1'"  1 
HETATM 1523 N N      . 0DO C 2 .  ? 3.475   -3.573  -0.336  1.00 17.60 ? 100 0DO B N      1 
HETATM 1524 C CA     . 0DO C 2 .  ? 3.710   -2.307  0.352   1.00 15.77 ? 100 0DO B CA     1 
HETATM 1525 C C      . 0DO C 2 .  ? 2.399   -1.849  0.990   1.00 16.61 ? 100 0DO B C      1 
HETATM 1526 O OXT    . 0DO C 2 .  ? 1.567   -1.206  0.059   1.00 21.32 ? 100 0DO B OXT    1 
HETATM 1527 C CB     . 0DO C 2 .  ? 4.428   -1.314  -0.583  1.00 14.80 ? 100 0DO B CB     1 
HETATM 1528 C CG     . 0DO C 2 .  ? 5.726   -1.842  -1.195  1.00 17.50 ? 100 0DO B CG     1 
HETATM 1529 C CD1    . 0DO C 2 .  ? 6.960   -1.752  -0.535  1.00 19.61 ? 100 0DO B CD1    1 
HETATM 1530 C CD2    . 0DO C 2 .  ? 5.743   -2.428  -2.465  1.00 19.47 ? 100 0DO B CD2    1 
HETATM 1531 C CE1    . 0DO C 2 .  ? 8.141   -2.229  -1.118  1.00 19.55 ? 100 0DO B CE1    1 
HETATM 1532 C CE2    . 0DO C 2 .  ? 6.918   -2.887  -3.074  1.00 18.98 ? 100 0DO B CE2    1 
HETATM 1533 C CZ     . 0DO C 2 .  ? 8.126   -2.814  -2.384  1.00 15.36 ? 100 0DO B CZ     1 
HETATM 1534 C CM     . 0DO C 2 .  ? 2.452   -0.917  2.183   1.00 15.57 ? 100 0DO B CM     1 
HETATM 1535 N N1     . 0DO C 2 .  ? 2.730   -1.761  3.292   1.00 17.75 ? 100 0DO B N1     1 
HETATM 1536 C C21    . 0DO C 2 .  ? 3.504   -1.141  4.406   1.00 20.05 ? 100 0DO B C21    1 
HETATM 1537 C C3     . 0DO C 2 .  ? 3.630   -2.147  5.508   1.00 19.96 ? 100 0DO B C3     1 
HETATM 1538 C C4     . 0DO C 2 .  ? 2.410   -2.930  5.828   1.00 20.13 ? 100 0DO B C4     1 
HETATM 1539 C C5     . 0DO C 2 .  ? 1.973   -3.615  4.615   1.00 19.66 ? 100 0DO B C5     1 
HETATM 1540 C C6     . 0DO C 2 .  ? 1.523   -2.470  3.731   1.00 19.96 ? 100 0DO B C6     1 
HETATM 1541 C C7     . 0DO C 2 .  ? 4.856   -0.562  4.081   1.00 20.05 ? 100 0DO B C7     1 
HETATM 1542 O O      . 0DO C 2 .  ? 5.727   -1.318  3.556   1.00 20.46 ? 100 0DO B O      1 
HETATM 1543 N N11    . 0DO C 2 .  ? 4.674   -2.252  10.859  1.00 32.50 ? 100 0DO B N11    1 
HETATM 1544 C C22    . 0DO C 2 .  ? 3.560   -1.697  10.339  1.00 28.39 ? 100 0DO B C22    1 
HETATM 1545 C C31    . 0DO C 2 .  ? 2.993   -2.239  9.167   1.00 29.66 ? 100 0DO B C31    1 
HETATM 1546 C C41    . 0DO C 2 .  ? 3.576   -3.336  8.568   1.00 28.89 ? 100 0DO B C41    1 
HETATM 1547 C C51    . 0DO C 2 .  ? 4.720   -3.880  9.143   1.00 30.01 ? 100 0DO B C51    1 
HETATM 1548 C C61    . 0DO C 2 .  ? 5.246   -3.309  10.302  1.00 29.27 ? 100 0DO B C61    1 
HETATM 1549 S S      . 0DO C 2 .  ? 2.916   -3.999  7.154   1.00 21.20 ? 100 0DO B S      1 
HETATM 1550 O O1S    . 0DO C 2 .  ? 3.960   -4.874  6.790   1.00 25.16 ? 100 0DO B O1S    1 
HETATM 1551 O O2S    . 0DO C 2 .  ? 1.984   -5.046  7.241   1.00 25.85 ? 100 0DO B O2S    1 
HETATM 1552 N N2     . 0DO C 2 .  ? 4.916   0.742   4.547   1.00 18.51 ? 100 0DO B N2     1 
HETATM 1553 C "C1'1" . 0DO C 2 .  ? 6.043   1.562   4.346   1.00 21.93 ? 100 0DO B "C1'1" 1 
HETATM 1554 C "C2'1" . 0DO C 2 .  ? 5.819   2.974   4.938   1.00 20.46 ? 100 0DO B "C2'1" 1 
HETATM 1555 C "C3'1" . 0DO C 2 .  ? 6.291   1.743   2.847   1.00 21.11 ? 100 0DO B "C3'1" 1 
HETATM 1556 C "C4'1" . 0DO C 2 .  ? 7.276   0.935   5.009   1.00 19.04 ? 100 0DO B "C4'1" 1 
HETATM 1557 O O      . HOH D 3 .  ? 6.320   -3.848  3.144   1.00 14.68 ? 301 HOH A O      1 
HETATM 1558 O O      . HOH D 3 .  ? 6.852   17.540  8.122   1.00 13.95 ? 302 HOH A O      1 
HETATM 1559 O O      . HOH D 3 .  ? 6.638   10.056  5.876   1.00 20.19 ? 305 HOH A O      1 
HETATM 1560 O O      . HOH D 3 .  ? -6.997  5.213   -14.634 1.00 22.80 ? 307 HOH A O      1 
HETATM 1561 O O      . HOH D 3 .  ? 3.452   14.728  7.051   1.00 17.16 ? 309 HOH A O      1 
HETATM 1562 O O      . HOH D 3 .  ? -2.563  2.751   5.653   1.00 20.99 ? 311 HOH A O      1 
HETATM 1563 O O      . HOH D 3 .  ? 12.270  7.885   -9.931  1.00 21.41 ? 312 HOH A O      1 
HETATM 1564 O O      . HOH D 3 .  ? 1.417   -1.976  -13.270 1.00 28.03 ? 317 HOH A O      1 
HETATM 1565 O O      . HOH D 3 .  ? -5.032  1.459   -14.173 1.00 22.93 ? 319 HOH A O      1 
HETATM 1566 O O      . HOH D 3 .  ? 14.256  -2.873  1.710   1.00 30.18 ? 323 HOH A O      1 
HETATM 1567 O O      . HOH D 3 .  ? 1.785   2.235   -13.745 1.00 18.21 ? 325 HOH A O      1 
HETATM 1568 O O      . HOH D 3 .  ? 9.466   4.150   -7.802  1.00 23.21 ? 326 HOH A O      1 
HETATM 1569 O O      . HOH D 3 .  ? 13.124  3.111   -4.927  1.00 22.52 ? 328 HOH A O      1 
HETATM 1570 O O      . HOH D 3 .  ? 2.668   11.862  -13.551 1.00 15.85 ? 332 HOH A O      1 
HETATM 1571 O O      . HOH D 3 .  ? -3.758  2.798   -11.520 1.00 20.72 ? 335 HOH A O      1 
HETATM 1572 O O      . HOH E 3 .  ? 0.287   -1.677  -6.618  1.00 15.58 ? 303 HOH B O      1 
HETATM 1573 O O      . HOH E 3 .  ? -3.337  -12.698 -4.597  1.00 16.75 ? 304 HOH B O      1 
HETATM 1574 O O      . HOH E 3 .  ? -16.446 -15.990 2.042   1.00 17.13 ? 306 HOH B O      1 
HETATM 1575 O O      . HOH E 3 .  ? -4.677  -14.085 -10.040 1.00 19.93 ? 308 HOH B O      1 
HETATM 1576 O O      . HOH E 3 .  ? -10.060 -0.049  -10.372 1.00 23.18 ? 310 HOH B O      1 
HETATM 1577 O O      . HOH E 3 .  ? -8.487  -9.830  11.553  1.00 21.66 ? 313 HOH B O      1 
HETATM 1578 O O      . HOH E 3 .  ? -2.128  -10.287 10.001  1.00 22.63 ? 314 HOH B O      1 
HETATM 1579 O O      . HOH E 3 .  ? -7.959  -23.606 -3.435  1.00 27.11 ? 315 HOH B O      1 
HETATM 1580 O O      . HOH E 3 .  ? -8.044  11.421  2.442   1.00 22.99 ? 316 HOH B O      1 
HETATM 1581 O O      . HOH E 3 .  ? -16.815 -4.729  4.231   1.00 23.70 ? 318 HOH B O      1 
HETATM 1582 O O      . HOH E 3 .  ? -3.409  7.680   11.580  1.00 24.94 ? 320 HOH B O      1 
HETATM 1583 O O      . HOH E 3 .  ? 3.040   1.404   6.711   1.00 27.61 ? 321 HOH B O      1 
HETATM 1584 O O      . HOH E 3 .  ? -20.231 -19.189 -3.490  1.00 21.63 ? 322 HOH B O      1 
HETATM 1585 O O      . HOH E 3 .  ? -13.691 8.045   5.163   1.00 23.55 ? 324 HOH B O      1 
HETATM 1586 O O      . HOH E 3 .  ? -8.064  -16.992 -8.824  1.00 18.01 ? 327 HOH B O      1 
HETATM 1587 O O      . HOH E 3 .  ? -7.460  -12.634 -8.336  1.00 14.38 ? 329 HOH B O      1 
HETATM 1588 O O      . HOH E 3 .  ? -14.967 -12.276 -9.151  1.00 26.21 ? 330 HOH B O      1 
HETATM 1589 O O      . HOH E 3 .  ? -23.311 -7.135  3.263   1.00 24.65 ? 331 HOH B O      1 
HETATM 1590 O O      . HOH E 3 .  ? 8.685   -16.430 5.585   1.00 16.73 ? 333 HOH B O      1 
HETATM 1591 O O      . HOH E 3 .  ? -5.418  -6.903  9.298   1.00 14.87 ? 334 HOH B O      1 
HETATM 1592 O O      . HOH E 3 .  ? -9.096  -10.626 -9.406  1.00 24.50 ? 336 HOH B O      1 
HETATM 1593 O O      . HOH E 3 .  ? -6.010  -12.392 10.752  1.00 26.68 ? 337 HOH B O      1 
HETATM 1594 O O      . HOH E 3 .  ? -16.097 -3.044  7.311   1.00 26.23 ? 338 HOH B O      1 
HETATM 1595 O O      . HOH E 3 .  ? -5.387  -14.722 -12.520 1.00 28.69 ? 340 HOH B O      1 
HETATM 1596 O O      . HOH E 3 .  ? 0.775   -19.785 4.929   1.00 25.41 ? 341 HOH B O      1 
HETATM 1597 O O      . HOH E 3 .  ? -7.275  -25.590 -1.274  1.00 23.15 ? 343 HOH B O      1 
HETATM 1598 O O      . HOH E 3 .  ? 6.692   -9.555  -4.506  1.00 25.99 ? 344 HOH B O      1 
# 
